data_7DSE
#
_entry.id   7DSE
#
_cell.length_a   1.00
_cell.length_b   1.00
_cell.length_c   1.00
_cell.angle_alpha   90.00
_cell.angle_beta   90.00
_cell.angle_gamma   90.00
#
_symmetry.space_group_name_H-M   'P 1'
#
loop_
_entity.id
_entity.type
_entity.pdbx_description
1 polymer 'Calcium homeostasis modulator 1'
2 non-polymer 2-acetamido-2-deoxy-beta-D-glucopyranose
#
_entity_poly.entity_id   1
_entity_poly.type   'polypeptide(L)'
_entity_poly.pdbx_seq_one_letter_code
;LEQKLISEEDLRSDKFRIMVQFLQANQESFMNGICGIMALASAQMYSSFEFTCPCLPDYNYAYGIGILIVPPIWFFLLGY
VMNNNISVLTEEWKRPVGKRSKDPAVLRYMFSSMTQRALIAPAVWIAVTLMDGKSFLCAFSPTADLSEFVNESYQSLSQK
ELLKIQAKIPCKDIFEEHEIISREAATRYIRCLSQACGWTFLMVITLVAFLVRAIRPCFTQAAFLKTKYWSHYIDTERKL
FDETCKEHAKSFAKVCIQQYFESISGEIVSQLPQSPAKKGKGNKDEDGEKQKSDEERLLGIRKEGDMNKVLWNWHTCKPP
LLLSKRTEEMNGHAHLDTHSLTDERHTKKKAVVYYSKV
;
_entity_poly.pdbx_strand_id   A,B,C,D,E,F,G
#
loop_
_chem_comp.id
_chem_comp.type
_chem_comp.name
_chem_comp.formula
NAG D-saccharide, beta linking 2-acetamido-2-deoxy-beta-D-glucopyranose 'C8 H15 N O6'
#
# COMPACT_ATOMS: atom_id res chain seq x y z
N MET A 19 -2.76 -12.09 1.76
CA MET A 19 -2.91 -10.87 0.96
C MET A 19 -1.57 -10.33 0.52
N VAL A 20 -0.76 -9.90 1.50
CA VAL A 20 0.57 -9.36 1.20
C VAL A 20 1.39 -10.35 0.40
N GLN A 21 1.21 -11.64 0.71
CA GLN A 21 1.92 -12.72 0.04
C GLN A 21 1.50 -12.89 -1.42
N PHE A 22 0.19 -12.81 -1.68
CA PHE A 22 -0.28 -12.95 -3.05
C PHE A 22 0.24 -11.80 -3.92
N LEU A 23 0.25 -10.60 -3.36
CA LEU A 23 0.75 -9.43 -4.08
C LEU A 23 2.24 -9.61 -4.39
N GLN A 24 2.98 -10.14 -3.42
CA GLN A 24 4.41 -10.39 -3.61
C GLN A 24 4.63 -11.40 -4.73
N ALA A 25 3.79 -12.44 -4.74
CA ALA A 25 3.88 -13.47 -5.77
C ALA A 25 3.60 -12.86 -7.14
N ASN A 26 2.61 -11.97 -7.20
CA ASN A 26 2.26 -11.30 -8.45
C ASN A 26 3.44 -10.46 -8.94
N GLN A 27 4.09 -9.77 -8.00
CA GLN A 27 5.24 -8.94 -8.33
C GLN A 27 6.37 -9.82 -8.89
N GLU A 28 6.57 -10.99 -8.27
CA GLU A 28 7.60 -11.91 -8.72
C GLU A 28 7.29 -12.38 -10.13
N SER A 29 6.01 -12.67 -10.40
CA SER A 29 5.58 -13.11 -11.72
C SER A 29 5.85 -12.03 -12.75
N PHE A 30 5.56 -10.78 -12.37
CA PHE A 30 5.79 -9.64 -13.25
C PHE A 30 7.27 -9.50 -13.57
N GLY A 36 0.48 -18.85 -15.74
CA GLY A 36 0.93 -18.93 -14.37
C GLY A 36 0.40 -17.80 -13.50
N ILE A 37 -0.74 -17.24 -13.89
CA ILE A 37 -1.35 -16.16 -13.14
C ILE A 37 -2.60 -16.59 -12.37
N MET A 38 -3.29 -17.65 -12.81
CA MET A 38 -4.48 -18.11 -12.11
C MET A 38 -4.17 -18.63 -10.72
N ALA A 39 -2.90 -18.92 -10.42
CA ALA A 39 -2.54 -19.41 -9.10
C ALA A 39 -2.90 -18.38 -8.03
N LEU A 40 -2.45 -17.14 -8.21
CA LEU A 40 -2.81 -16.10 -7.26
C LEU A 40 -4.31 -15.84 -7.24
N ALA A 41 -4.97 -15.99 -8.38
CA ALA A 41 -6.42 -15.86 -8.42
C ALA A 41 -7.08 -16.87 -7.48
N SER A 42 -6.68 -18.13 -7.59
CA SER A 42 -7.26 -19.17 -6.74
C SER A 42 -6.94 -18.93 -5.27
N ALA A 43 -5.68 -18.59 -4.98
CA ALA A 43 -5.30 -18.35 -3.59
C ALA A 43 -6.12 -17.22 -2.99
N GLN A 44 -6.19 -16.09 -3.69
CA GLN A 44 -6.94 -14.95 -3.17
C GLN A 44 -8.42 -15.27 -3.04
N MET A 45 -8.97 -15.99 -4.02
CA MET A 45 -10.38 -16.35 -3.94
C MET A 45 -10.66 -17.24 -2.74
N TYR A 46 -9.72 -18.12 -2.40
CA TYR A 46 -9.90 -18.92 -1.19
C TYR A 46 -9.85 -18.04 0.05
N SER A 47 -8.85 -17.16 0.12
CA SER A 47 -8.73 -16.31 1.30
C SER A 47 -9.95 -15.41 1.47
N SER A 48 -10.56 -14.99 0.35
CA SER A 48 -11.72 -14.12 0.37
C SER A 48 -13.03 -14.90 0.31
N PHE A 49 -13.07 -16.11 0.85
CA PHE A 49 -14.24 -16.96 0.78
C PHE A 49 -14.73 -17.24 2.20
N GLU A 50 -16.03 -17.02 2.42
CA GLU A 50 -16.62 -17.23 3.73
C GLU A 50 -16.90 -18.71 3.91
N PHE A 51 -15.93 -19.43 4.44
CA PHE A 51 -16.11 -20.85 4.70
C PHE A 51 -17.03 -21.02 5.90
N THR A 52 -18.11 -21.78 5.72
CA THR A 52 -19.10 -21.95 6.77
C THR A 52 -19.54 -23.40 6.84
N CYS A 53 -19.03 -24.12 7.82
CA CYS A 53 -19.40 -25.52 8.02
C CYS A 53 -20.82 -25.59 8.55
N PRO A 54 -21.74 -26.27 7.85
CA PRO A 54 -23.13 -26.30 8.33
C PRO A 54 -23.29 -26.92 9.70
N CYS A 55 -22.31 -27.68 10.16
CA CYS A 55 -22.34 -28.28 11.49
C CYS A 55 -23.62 -29.07 11.71
N LEU A 56 -23.90 -29.96 10.76
CA LEU A 56 -25.05 -30.85 10.79
C LEU A 56 -24.52 -32.24 10.47
N PRO A 57 -24.97 -33.25 11.23
CA PRO A 57 -24.43 -34.60 10.97
C PRO A 57 -24.76 -35.13 9.59
N ASP A 58 -25.83 -34.66 8.96
CA ASP A 58 -26.21 -35.17 7.65
C ASP A 58 -25.47 -34.51 6.51
N TYR A 59 -24.90 -33.33 6.72
CA TYR A 59 -24.37 -32.56 5.61
C TYR A 59 -22.91 -32.16 5.75
N ASN A 60 -22.31 -32.32 6.93
CA ASN A 60 -20.91 -31.92 7.12
C ASN A 60 -20.01 -32.56 6.07
N TYR A 61 -20.08 -33.88 5.95
CA TYR A 61 -19.25 -34.59 4.96
C TYR A 61 -19.47 -34.02 3.57
N ALA A 62 -20.73 -33.82 3.20
CA ALA A 62 -21.05 -33.29 1.88
C ALA A 62 -20.40 -31.94 1.67
N TYR A 63 -20.55 -31.03 2.64
CA TYR A 63 -20.01 -29.68 2.46
C TYR A 63 -18.49 -29.70 2.37
N GLY A 64 -17.85 -30.46 3.25
CA GLY A 64 -16.40 -30.54 3.23
C GLY A 64 -15.88 -31.03 1.90
N ILE A 65 -16.33 -32.22 1.50
CA ILE A 65 -15.83 -32.78 0.25
C ILE A 65 -16.21 -31.90 -0.93
N GLY A 66 -17.33 -31.18 -0.84
CA GLY A 66 -17.70 -30.29 -1.91
C GLY A 66 -16.74 -29.13 -2.06
N ILE A 67 -16.48 -28.43 -0.96
CA ILE A 67 -15.49 -27.35 -0.98
C ILE A 67 -14.15 -27.88 -1.46
N LEU A 68 -13.87 -29.16 -1.21
CA LEU A 68 -12.60 -29.72 -1.63
C LEU A 68 -12.57 -30.02 -3.12
N ILE A 69 -13.68 -30.48 -3.70
CA ILE A 69 -13.66 -31.11 -5.02
C ILE A 69 -14.23 -30.18 -6.10
N VAL A 70 -15.33 -29.48 -5.82
CA VAL A 70 -15.98 -28.70 -6.88
C VAL A 70 -15.12 -27.55 -7.36
N PRO A 71 -14.57 -26.68 -6.50
CA PRO A 71 -13.83 -25.53 -6.98
C PRO A 71 -12.66 -25.92 -7.88
N PRO A 72 -11.90 -26.98 -7.58
CA PRO A 72 -10.85 -27.34 -8.53
C PRO A 72 -11.38 -27.77 -9.88
N ILE A 73 -12.53 -28.45 -9.93
CA ILE A 73 -13.12 -28.81 -11.20
C ILE A 73 -13.48 -27.56 -11.99
N TRP A 74 -14.13 -26.61 -11.32
CA TRP A 74 -14.49 -25.37 -12.00
C TRP A 74 -13.24 -24.64 -12.48
N PHE A 75 -12.18 -24.65 -11.68
CA PHE A 75 -10.94 -24.00 -12.09
C PHE A 75 -10.35 -24.69 -13.31
N PHE A 76 -10.44 -26.01 -13.37
CA PHE A 76 -9.96 -26.74 -14.53
C PHE A 76 -10.70 -26.31 -15.78
N LEU A 77 -12.04 -26.28 -15.70
CA LEU A 77 -12.83 -25.83 -16.84
C LEU A 77 -12.46 -24.40 -17.23
N LEU A 78 -12.34 -23.52 -16.23
CA LEU A 78 -12.00 -22.13 -16.50
C LEU A 78 -10.66 -22.02 -17.20
N GLY A 79 -9.67 -22.80 -16.78
CA GLY A 79 -8.41 -22.82 -17.48
C GLY A 79 -8.55 -23.30 -18.91
N TYR A 80 -9.44 -24.27 -19.13
CA TYR A 80 -9.66 -24.74 -20.49
C TYR A 80 -10.23 -23.64 -21.37
N VAL A 81 -11.24 -22.92 -20.90
CA VAL A 81 -11.95 -21.99 -21.78
C VAL A 81 -11.10 -20.75 -22.05
N MET A 82 -10.40 -20.25 -21.05
CA MET A 82 -9.62 -19.02 -21.22
C MET A 82 -8.49 -19.16 -22.22
N ASN A 83 -8.14 -20.37 -22.63
CA ASN A 83 -7.05 -20.56 -23.58
C ASN A 83 -7.57 -20.29 -25.00
N ASN A 84 -6.94 -19.32 -25.67
CA ASN A 84 -7.40 -18.81 -26.96
C ASN A 84 -7.21 -19.79 -28.11
N ASN A 85 -6.78 -21.02 -27.92
CA ASN A 85 -6.58 -21.94 -29.04
C ASN A 85 -7.40 -23.20 -28.90
N ILE A 86 -8.42 -23.20 -28.03
CA ILE A 86 -9.30 -24.35 -27.93
C ILE A 86 -10.13 -24.48 -29.21
N SER A 87 -10.43 -23.36 -29.85
CA SER A 87 -11.23 -23.38 -31.07
C SER A 87 -10.58 -24.24 -32.15
N VAL A 88 -9.28 -24.05 -32.36
CA VAL A 88 -8.60 -24.82 -33.41
C VAL A 88 -8.53 -26.29 -33.02
N LEU A 89 -8.44 -26.59 -31.73
CA LEU A 89 -8.46 -27.97 -31.28
C LEU A 89 -9.79 -28.63 -31.63
N THR A 90 -10.88 -27.94 -31.37
CA THR A 90 -12.20 -28.48 -31.74
C THR A 90 -12.32 -28.62 -33.25
N GLU A 91 -11.83 -27.62 -33.99
CA GLU A 91 -11.90 -27.69 -35.44
C GLU A 91 -11.20 -28.93 -35.98
N GLU A 92 -10.00 -29.21 -35.47
CA GLU A 92 -9.26 -30.36 -35.94
C GLU A 92 -9.91 -31.66 -35.49
N TRP A 93 -10.33 -31.74 -34.23
CA TRP A 93 -11.01 -32.94 -33.76
C TRP A 93 -12.33 -33.16 -34.49
N LYS A 94 -12.83 -32.15 -35.20
CA LYS A 94 -14.11 -32.27 -35.90
C LYS A 94 -13.92 -32.89 -37.29
N ARG A 95 -12.96 -32.41 -38.05
CA ARG A 95 -12.78 -32.85 -39.42
C ARG A 95 -12.42 -34.32 -39.49
N PRO A 96 -12.67 -34.97 -40.63
CA PRO A 96 -12.17 -36.35 -40.81
C PRO A 96 -10.66 -36.40 -40.88
N VAL A 97 -10.07 -35.54 -41.72
CA VAL A 97 -8.64 -35.33 -41.77
C VAL A 97 -8.41 -33.83 -42.04
N GLY A 98 -7.83 -33.14 -41.07
CA GLY A 98 -7.66 -31.70 -41.17
C GLY A 98 -6.34 -31.31 -41.79
N LYS A 99 -6.29 -30.06 -42.27
CA LYS A 99 -5.06 -29.52 -42.83
C LYS A 99 -3.93 -29.47 -41.81
N ASP A 103 -1.85 -31.26 -38.23
CA ASP A 103 -0.78 -32.05 -37.62
C ASP A 103 -1.30 -33.39 -37.12
N PRO A 104 -0.77 -34.49 -37.67
CA PRO A 104 -1.18 -35.85 -37.29
C PRO A 104 -1.01 -36.09 -35.79
N ALA A 105 -0.16 -35.30 -35.15
CA ALA A 105 0.08 -35.44 -33.69
C ALA A 105 0.42 -34.14 -32.94
N VAL A 106 0.53 -32.97 -33.58
CA VAL A 106 0.88 -31.83 -32.73
C VAL A 106 -0.33 -31.46 -31.89
N LEU A 107 -1.51 -31.82 -32.41
CA LEU A 107 -2.74 -31.68 -31.68
C LEU A 107 -2.63 -32.33 -30.30
N ARG A 108 -2.12 -33.55 -30.26
CA ARG A 108 -1.79 -34.17 -28.98
C ARG A 108 -0.90 -33.27 -28.16
N TYR A 109 0.14 -32.71 -28.79
CA TYR A 109 1.11 -31.93 -28.05
C TYR A 109 0.51 -30.64 -27.52
N MET A 110 -0.15 -29.86 -28.38
CA MET A 110 -0.72 -28.61 -27.90
C MET A 110 -1.85 -28.84 -26.91
N PHE A 111 -2.63 -29.89 -27.12
CA PHE A 111 -3.69 -30.22 -26.17
C PHE A 111 -3.10 -30.57 -24.81
N SER A 112 -2.03 -31.37 -24.80
CA SER A 112 -1.42 -31.74 -23.53
C SER A 112 -0.77 -30.54 -22.86
N SER A 113 -0.18 -29.63 -23.63
CA SER A 113 0.41 -28.44 -23.02
C SER A 113 -0.67 -27.57 -22.42
N MET A 114 -1.80 -27.41 -23.11
CA MET A 114 -2.92 -26.67 -22.55
C MET A 114 -3.40 -27.32 -21.27
N THR A 115 -3.55 -28.64 -21.27
CA THR A 115 -3.98 -29.35 -20.07
C THR A 115 -3.03 -29.12 -18.92
N GLN A 116 -1.72 -29.21 -19.19
CA GLN A 116 -0.73 -28.99 -18.14
C GLN A 116 -0.82 -27.58 -17.60
N ARG A 117 -0.95 -26.59 -18.49
CA ARG A 117 -1.17 -25.21 -18.04
C ARG A 117 -2.39 -25.11 -17.16
N ALA A 118 -3.42 -25.90 -17.46
CA ALA A 118 -4.69 -25.77 -16.75
C ALA A 118 -4.64 -26.38 -15.36
N LEU A 119 -3.81 -27.39 -15.15
CA LEU A 119 -3.83 -28.14 -13.90
C LEU A 119 -3.27 -27.36 -12.71
N ILE A 120 -2.69 -26.19 -12.94
CA ILE A 120 -2.03 -25.46 -11.86
C ILE A 120 -3.04 -25.03 -10.81
N ALA A 121 -4.04 -24.27 -11.22
CA ALA A 121 -5.01 -23.72 -10.28
C ALA A 121 -5.71 -24.76 -9.41
N PRO A 122 -6.18 -25.89 -9.93
CA PRO A 122 -6.80 -26.87 -9.02
C PRO A 122 -5.84 -27.39 -7.98
N ALA A 123 -4.60 -27.67 -8.38
CA ALA A 123 -3.60 -28.13 -7.42
C ALA A 123 -3.35 -27.09 -6.36
N VAL A 124 -3.23 -25.82 -6.77
CA VAL A 124 -3.02 -24.75 -5.79
C VAL A 124 -4.18 -24.68 -4.82
N TRP A 125 -5.41 -24.79 -5.34
CA TRP A 125 -6.57 -24.74 -4.46
C TRP A 125 -6.56 -25.86 -3.45
N ILE A 126 -6.26 -27.08 -3.91
CA ILE A 126 -6.27 -28.22 -3.00
C ILE A 126 -5.19 -28.06 -1.94
N ALA A 127 -3.99 -27.65 -2.35
CA ALA A 127 -2.91 -27.44 -1.40
C ALA A 127 -3.30 -26.43 -0.35
N VAL A 128 -3.82 -25.28 -0.78
CA VAL A 128 -4.19 -24.23 0.17
C VAL A 128 -5.26 -24.73 1.12
N THR A 129 -6.33 -25.31 0.58
CA THR A 129 -7.43 -25.74 1.45
C THR A 129 -7.06 -26.92 2.33
N LEU A 130 -5.96 -27.61 2.05
CA LEU A 130 -5.52 -28.66 2.96
C LEU A 130 -4.59 -28.12 4.03
N MET A 131 -3.67 -27.23 3.66
CA MET A 131 -2.78 -26.66 4.66
C MET A 131 -3.55 -25.92 5.75
N ASP A 132 -4.69 -25.34 5.40
CA ASP A 132 -5.60 -24.75 6.36
C ASP A 132 -6.71 -25.76 6.60
N GLY A 133 -6.59 -26.52 7.68
CA GLY A 133 -7.46 -27.65 7.88
C GLY A 133 -8.89 -27.29 8.23
N LYS A 134 -9.54 -26.53 7.35
CA LYS A 134 -10.95 -26.19 7.55
C LYS A 134 -11.87 -27.23 6.95
N SER A 135 -11.68 -27.55 5.67
CA SER A 135 -12.55 -28.52 5.01
C SER A 135 -12.40 -29.89 5.64
N PHE A 136 -11.16 -30.29 5.92
CA PHE A 136 -10.93 -31.57 6.58
C PHE A 136 -11.65 -31.64 7.91
N LEU A 137 -11.55 -30.55 8.69
CA LEU A 137 -12.22 -30.51 9.99
C LEU A 137 -13.73 -30.62 9.83
N CYS A 138 -14.30 -29.86 8.89
CA CYS A 138 -15.73 -29.91 8.68
C CYS A 138 -16.18 -31.31 8.26
N ALA A 139 -15.39 -31.97 7.41
CA ALA A 139 -15.80 -33.24 6.86
C ALA A 139 -15.68 -34.36 7.88
N PHE A 140 -14.48 -34.61 8.38
CA PHE A 140 -14.23 -35.80 9.17
C PHE A 140 -14.50 -35.59 10.65
N SER A 141 -15.22 -34.55 11.03
CA SER A 141 -15.51 -34.35 12.45
C SER A 141 -16.51 -35.34 13.00
N PRO A 142 -17.65 -35.61 12.33
CA PRO A 142 -18.65 -36.47 12.98
C PRO A 142 -18.25 -37.92 13.05
N THR A 143 -17.51 -38.43 12.07
CA THR A 143 -17.21 -39.86 12.02
C THR A 143 -15.97 -40.23 12.83
N ALA A 144 -14.92 -39.42 12.76
CA ALA A 144 -13.64 -39.78 13.36
C ALA A 144 -13.79 -40.09 14.83
N ASP A 145 -12.90 -40.94 15.34
CA ASP A 145 -12.93 -41.39 16.72
C ASP A 145 -12.05 -40.47 17.56
N LEU A 146 -12.67 -39.73 18.47
CA LEU A 146 -11.95 -38.90 19.43
C LEU A 146 -12.29 -39.45 20.81
N SER A 147 -11.55 -40.48 21.22
CA SER A 147 -11.83 -41.13 22.50
C SER A 147 -10.96 -40.61 23.63
N GLU A 148 -9.77 -40.09 23.31
CA GLU A 148 -8.94 -39.47 24.33
C GLU A 148 -9.40 -38.06 24.66
N PHE A 149 -10.19 -37.44 23.79
CA PHE A 149 -10.65 -36.08 24.02
C PHE A 149 -11.97 -36.04 24.76
N VAL A 150 -12.84 -37.03 24.57
CA VAL A 150 -14.11 -37.06 25.28
C VAL A 150 -13.85 -37.26 26.76
N ASN A 151 -14.53 -36.47 27.58
CA ASN A 151 -14.39 -36.56 29.03
C ASN A 151 -14.65 -37.99 29.50
N GLU A 152 -14.02 -38.35 30.62
CA GLU A 152 -14.14 -39.71 31.13
C GLU A 152 -15.53 -40.00 31.68
N SER A 153 -16.26 -38.98 32.14
CA SER A 153 -17.61 -39.21 32.64
C SER A 153 -18.49 -39.83 31.57
N TYR A 154 -18.58 -39.16 30.42
CA TYR A 154 -19.33 -39.70 29.29
C TYR A 154 -18.44 -40.54 28.38
N GLN A 155 -17.70 -41.47 28.97
CA GLN A 155 -16.91 -42.41 28.20
C GLN A 155 -17.75 -43.56 27.67
N SER A 156 -19.03 -43.60 28.00
CA SER A 156 -19.92 -44.69 27.59
C SER A 156 -21.28 -44.08 27.27
N LEU A 157 -21.55 -43.90 25.98
CA LEU A 157 -22.83 -43.38 25.50
C LEU A 157 -22.92 -43.66 24.02
N SER A 158 -24.15 -43.74 23.52
CA SER A 158 -24.39 -44.17 22.16
C SER A 158 -23.69 -43.26 21.16
N GLN A 159 -23.01 -43.86 20.20
CA GLN A 159 -22.28 -43.11 19.19
C GLN A 159 -23.19 -42.19 18.39
N LYS A 160 -24.50 -42.46 18.38
CA LYS A 160 -25.40 -41.58 17.63
C LYS A 160 -25.48 -40.20 18.28
N GLU A 161 -25.41 -40.13 19.60
CA GLU A 161 -25.37 -38.84 20.27
C GLU A 161 -24.04 -38.15 20.03
N LEU A 162 -22.95 -38.91 20.09
CA LEU A 162 -21.64 -38.34 19.78
C LEU A 162 -21.58 -37.82 18.36
N LEU A 163 -22.34 -38.43 17.44
CA LEU A 163 -22.43 -37.88 16.10
C LEU A 163 -22.90 -36.44 16.14
N LYS A 164 -24.07 -36.20 16.75
CA LYS A 164 -24.59 -34.85 16.85
C LYS A 164 -23.61 -33.93 17.56
N ILE A 165 -22.99 -34.41 18.63
CA ILE A 165 -22.12 -33.55 19.43
C ILE A 165 -20.89 -33.16 18.64
N GLN A 166 -20.08 -34.14 18.25
CA GLN A 166 -18.88 -33.87 17.47
C GLN A 166 -19.19 -33.12 16.18
N ALA A 167 -20.42 -33.23 15.68
CA ALA A 167 -20.78 -32.51 14.48
C ALA A 167 -20.62 -31.01 14.66
N LYS A 168 -20.85 -30.52 15.87
CA LYS A 168 -20.76 -29.09 16.14
C LYS A 168 -19.36 -28.61 16.43
N ILE A 169 -18.37 -29.49 16.36
CA ILE A 169 -17.01 -29.11 16.78
C ILE A 169 -16.46 -27.94 15.99
N PRO A 170 -16.52 -27.90 14.66
CA PRO A 170 -15.96 -26.76 13.93
C PRO A 170 -16.74 -25.46 14.10
N CYS A 171 -17.83 -25.46 14.84
CA CYS A 171 -18.66 -24.27 15.03
C CYS A 171 -18.41 -23.75 16.44
N LYS A 172 -17.60 -22.69 16.55
CA LYS A 172 -17.28 -22.13 17.86
C LYS A 172 -18.52 -21.68 18.60
N ASP A 173 -19.33 -20.83 17.97
CA ASP A 173 -20.49 -20.23 18.62
C ASP A 173 -21.57 -21.25 18.95
N ILE A 174 -21.51 -22.46 18.41
CA ILE A 174 -22.56 -23.43 18.61
C ILE A 174 -22.18 -24.53 19.58
N PHE A 175 -20.90 -24.91 19.66
CA PHE A 175 -20.50 -26.03 20.49
C PHE A 175 -20.69 -25.68 21.95
N GLU A 176 -21.68 -26.32 22.60
CA GLU A 176 -21.98 -26.03 23.99
C GLU A 176 -21.85 -27.27 24.86
N GLU A 177 -20.78 -28.04 24.67
CA GLU A 177 -20.57 -29.25 25.45
C GLU A 177 -19.13 -29.32 25.96
N HIS A 178 -18.63 -28.20 26.49
CA HIS A 178 -17.31 -28.19 27.08
C HIS A 178 -17.18 -29.20 28.21
N GLU A 179 -18.30 -29.58 28.83
CA GLU A 179 -18.28 -30.61 29.86
C GLU A 179 -18.04 -32.00 29.31
N ILE A 180 -17.99 -32.16 27.99
CA ILE A 180 -17.88 -33.47 27.36
C ILE A 180 -16.61 -33.58 26.52
N ILE A 181 -16.35 -32.62 25.65
CA ILE A 181 -15.24 -32.68 24.72
C ILE A 181 -14.53 -31.34 24.70
N SER A 182 -13.20 -31.37 24.72
CA SER A 182 -12.44 -30.15 24.48
C SER A 182 -12.43 -29.85 22.99
N ARG A 183 -13.07 -28.74 22.61
CA ARG A 183 -13.14 -28.38 21.20
C ARG A 183 -11.76 -28.07 20.64
N GLU A 184 -10.92 -27.41 21.43
CA GLU A 184 -9.65 -26.92 20.91
C GLU A 184 -8.68 -28.07 20.66
N ALA A 185 -8.63 -29.04 21.58
CA ALA A 185 -7.72 -30.17 21.40
C ALA A 185 -8.05 -30.93 20.11
N ALA A 186 -9.32 -31.29 19.94
CA ALA A 186 -9.73 -32.01 18.74
C ALA A 186 -9.50 -31.17 17.50
N THR A 187 -9.75 -29.87 17.58
CA THR A 187 -9.50 -29.00 16.45
C THR A 187 -8.04 -29.06 16.02
N ARG A 188 -7.13 -28.88 16.98
CA ARG A 188 -5.70 -28.96 16.66
C ARG A 188 -5.34 -30.32 16.10
N TYR A 189 -5.90 -31.38 16.67
CA TYR A 189 -5.60 -32.73 16.20
C TYR A 189 -5.93 -32.88 14.72
N ILE A 190 -7.19 -32.63 14.37
CA ILE A 190 -7.61 -32.82 12.98
C ILE A 190 -6.89 -31.84 12.06
N ARG A 191 -6.55 -30.66 12.56
CA ARG A 191 -5.85 -29.70 11.72
C ARG A 191 -4.44 -30.18 11.41
N CYS A 192 -3.76 -30.76 12.40
CA CYS A 192 -2.46 -31.35 12.14
C CYS A 192 -2.56 -32.47 11.13
N LEU A 193 -3.58 -33.31 11.25
CA LEU A 193 -3.79 -34.36 10.25
C LEU A 193 -3.90 -33.76 8.85
N SER A 194 -4.70 -32.70 8.73
CA SER A 194 -4.88 -32.07 7.43
C SER A 194 -3.58 -31.51 6.89
N GLN A 195 -2.79 -30.87 7.76
CA GLN A 195 -1.52 -30.30 7.31
C GLN A 195 -0.58 -31.39 6.84
N ALA A 196 -0.55 -32.52 7.55
CA ALA A 196 0.28 -33.65 7.12
C ALA A 196 -0.15 -34.12 5.73
N CYS A 197 -1.45 -34.30 5.53
CA CYS A 197 -1.93 -34.73 4.21
C CYS A 197 -1.55 -33.73 3.13
N GLY A 198 -1.66 -32.44 3.45
CA GLY A 198 -1.30 -31.43 2.46
C GLY A 198 0.17 -31.47 2.10
N TRP A 199 1.03 -31.70 3.09
CA TRP A 199 2.46 -31.78 2.81
C TRP A 199 2.78 -33.01 1.95
N THR A 200 2.17 -34.14 2.27
CA THR A 200 2.38 -35.32 1.42
C THR A 200 1.91 -35.06 0.00
N PHE A 201 0.76 -34.41 -0.15
CA PHE A 201 0.27 -34.09 -1.49
C PHE A 201 1.25 -33.21 -2.24
N LEU A 202 1.77 -32.18 -1.58
CA LEU A 202 2.74 -31.31 -2.22
C LEU A 202 3.97 -32.09 -2.65
N MET A 203 4.46 -32.98 -1.78
CA MET A 203 5.65 -33.74 -2.12
C MET A 203 5.40 -34.63 -3.33
N VAL A 204 4.25 -35.31 -3.37
CA VAL A 204 3.96 -36.19 -4.49
C VAL A 204 3.86 -35.40 -5.79
N ILE A 205 3.18 -34.26 -5.76
CA ILE A 205 3.06 -33.44 -6.96
C ILE A 205 4.43 -32.97 -7.43
N THR A 206 5.29 -32.55 -6.49
CA THR A 206 6.61 -32.07 -6.89
C THR A 206 7.43 -33.20 -7.50
N LEU A 207 7.38 -34.40 -6.92
CA LEU A 207 8.10 -35.52 -7.50
C LEU A 207 7.62 -35.84 -8.90
N VAL A 208 6.30 -35.84 -9.09
CA VAL A 208 5.74 -36.13 -10.41
C VAL A 208 6.21 -35.08 -11.42
N ALA A 209 6.18 -33.81 -11.03
CA ALA A 209 6.63 -32.76 -11.93
C ALA A 209 8.11 -32.93 -12.26
N PHE A 210 8.92 -33.29 -11.28
CA PHE A 210 10.34 -33.50 -11.52
C PHE A 210 10.55 -34.61 -12.53
N LEU A 211 9.86 -35.74 -12.36
CA LEU A 211 10.01 -36.84 -13.30
C LEU A 211 9.55 -36.44 -14.69
N VAL A 212 8.42 -35.73 -14.79
CA VAL A 212 7.91 -35.31 -16.09
C VAL A 212 8.93 -34.44 -16.80
N ARG A 213 9.46 -33.44 -16.11
CA ARG A 213 10.46 -32.58 -16.74
C ARG A 213 11.73 -33.35 -17.07
N ALA A 214 12.03 -34.39 -16.29
CA ALA A 214 13.22 -35.18 -16.54
C ALA A 214 13.04 -36.20 -17.67
N ILE A 215 11.81 -36.41 -18.14
CA ILE A 215 11.60 -37.38 -19.21
C ILE A 215 11.29 -36.67 -20.53
N ARG A 216 10.17 -35.96 -20.57
CA ARG A 216 9.75 -35.28 -21.80
C ARG A 216 10.46 -33.95 -21.96
N THR A 220 9.39 -36.47 -27.89
CA THR A 220 8.54 -35.38 -28.34
C THR A 220 9.35 -34.10 -28.50
N GLN A 221 9.98 -33.94 -29.67
CA GLN A 221 10.81 -32.77 -29.96
C GLN A 221 10.31 -31.98 -31.16
N ALA A 222 10.09 -32.63 -32.31
CA ALA A 222 9.77 -31.91 -33.53
C ALA A 222 8.41 -31.22 -33.44
N ALA A 223 7.48 -31.82 -32.70
CA ALA A 223 6.17 -31.21 -32.54
C ALA A 223 6.26 -29.81 -31.94
N PHE A 224 7.20 -29.61 -31.03
CA PHE A 224 7.39 -28.29 -30.44
C PHE A 224 7.78 -27.27 -31.50
N LEU A 225 8.72 -27.64 -32.38
CA LEU A 225 9.13 -26.73 -33.45
C LEU A 225 7.97 -26.47 -34.41
N LYS A 226 7.16 -27.49 -34.69
CA LYS A 226 6.04 -27.30 -35.60
C LYS A 226 4.99 -26.37 -35.01
N THR A 227 4.70 -26.49 -33.72
CA THR A 227 3.77 -25.57 -33.08
C THR A 227 4.34 -24.15 -33.02
N LYS A 228 5.68 -24.01 -33.02
CA LYS A 228 6.31 -22.71 -32.94
C LYS A 228 6.10 -22.09 -34.29
N TYR A 229 6.25 -22.91 -35.31
CA TYR A 229 6.04 -22.46 -36.68
C TYR A 229 4.61 -21.98 -36.88
N TRP A 230 3.63 -22.78 -36.45
CA TRP A 230 2.24 -22.39 -36.64
C TRP A 230 1.90 -21.14 -35.85
N SER A 231 2.50 -20.97 -34.67
CA SER A 231 2.27 -19.76 -33.89
C SER A 231 2.80 -18.53 -34.62
N HIS A 232 4.04 -18.59 -35.08
CA HIS A 232 4.59 -17.48 -35.85
C HIS A 232 3.76 -17.20 -37.09
N TYR A 233 3.23 -18.26 -37.71
CA TYR A 233 2.36 -18.09 -38.86
C TYR A 233 1.11 -17.30 -38.50
N ILE A 234 0.45 -17.67 -37.41
CA ILE A 234 -0.73 -16.93 -36.95
C ILE A 234 -0.37 -15.47 -36.71
N ASP A 235 0.76 -15.22 -36.04
CA ASP A 235 1.14 -13.85 -35.73
C ASP A 235 1.34 -13.03 -36.99
N THR A 236 2.14 -13.54 -37.94
CA THR A 236 2.39 -12.76 -39.14
C THR A 236 1.14 -12.60 -39.99
N GLU A 237 0.24 -13.59 -39.98
CA GLU A 237 -1.01 -13.45 -40.70
C GLU A 237 -1.84 -12.32 -40.12
N ARG A 238 -2.00 -12.29 -38.80
CA ARG A 238 -2.78 -11.23 -38.17
C ARG A 238 -2.16 -9.86 -38.43
N LYS A 239 -0.84 -9.74 -38.33
CA LYS A 239 -0.22 -8.45 -38.52
C LYS A 239 -0.33 -7.98 -39.97
N LEU A 240 -0.12 -8.89 -40.93
CA LEU A 240 -0.29 -8.52 -42.33
C LEU A 240 -1.72 -8.11 -42.62
N PHE A 241 -2.69 -8.80 -42.01
CA PHE A 241 -4.08 -8.46 -42.25
C PHE A 241 -4.42 -7.08 -41.72
N ASP A 242 -3.98 -6.77 -40.49
CA ASP A 242 -4.32 -5.46 -39.96
C ASP A 242 -3.62 -4.35 -40.75
N GLU A 243 -2.39 -4.62 -41.22
CA GLU A 243 -1.69 -3.61 -42.00
C GLU A 243 -2.36 -3.37 -43.35
N THR A 244 -2.80 -4.43 -44.03
CA THR A 244 -3.45 -4.24 -45.31
C THR A 244 -4.82 -3.58 -45.13
N CYS A 245 -5.51 -3.89 -44.03
CA CYS A 245 -6.74 -3.16 -43.72
C CYS A 245 -6.47 -1.68 -43.55
N LYS A 246 -5.44 -1.34 -42.77
CA LYS A 246 -5.04 0.06 -42.61
C LYS A 246 -4.83 0.73 -43.96
N GLU A 247 -3.96 0.15 -44.79
CA GLU A 247 -3.59 0.83 -46.03
C GLU A 247 -4.76 0.91 -46.99
N HIS A 248 -5.62 -0.11 -47.03
CA HIS A 248 -6.75 -0.08 -47.96
C HIS A 248 -7.86 0.84 -47.47
N ALA A 249 -7.97 1.07 -46.16
CA ALA A 249 -8.94 2.04 -45.68
C ALA A 249 -8.41 3.46 -45.77
N LYS A 250 -7.09 3.63 -45.82
CA LYS A 250 -6.52 4.97 -45.96
C LYS A 250 -6.99 5.65 -47.23
N SER A 251 -7.12 4.89 -48.32
CA SER A 251 -7.57 5.46 -49.60
C SER A 251 -8.97 6.05 -49.46
N PHE A 252 -9.90 5.26 -48.92
CA PHE A 252 -11.27 5.70 -48.69
C PHE A 252 -11.30 6.92 -47.78
N ALA A 253 -10.56 6.86 -46.67
CA ALA A 253 -10.46 7.98 -45.75
C ALA A 253 -10.04 9.26 -46.46
N LYS A 254 -8.98 9.18 -47.25
CA LYS A 254 -8.49 10.38 -47.95
C LYS A 254 -9.48 10.85 -49.01
N VAL A 255 -10.18 9.91 -49.65
CA VAL A 255 -11.18 10.30 -50.65
C VAL A 255 -12.33 11.04 -50.01
N CYS A 256 -12.80 10.57 -48.86
CA CYS A 256 -13.95 11.18 -48.21
C CYS A 256 -13.61 12.41 -47.39
N ILE A 257 -12.34 12.57 -46.99
CA ILE A 257 -11.96 13.75 -46.22
C ILE A 257 -11.87 14.99 -47.09
N GLN A 258 -11.92 14.85 -48.41
CA GLN A 258 -11.87 16.00 -49.29
C GLN A 258 -13.08 16.90 -49.07
N GLN A 259 -14.28 16.31 -49.00
CA GLN A 259 -15.46 17.09 -48.66
C GLN A 259 -15.42 17.58 -47.23
N TYR A 260 -14.73 16.85 -46.34
CA TYR A 260 -14.64 17.26 -44.94
C TYR A 260 -13.99 18.64 -44.82
N PHE A 261 -12.96 18.90 -45.62
CA PHE A 261 -12.41 20.24 -45.66
C PHE A 261 -13.37 21.22 -46.33
N GLU A 262 -14.09 20.75 -47.34
CA GLU A 262 -15.06 21.58 -48.04
C GLU A 262 -16.26 21.88 -47.15
N MET B 19 -10.65 -6.64 -0.99
CA MET B 19 -9.87 -5.44 -1.33
C MET B 19 -8.54 -5.82 -1.97
N VAL B 20 -7.68 -6.47 -1.18
CA VAL B 20 -6.38 -6.89 -1.68
C VAL B 20 -6.51 -7.73 -2.94
N GLN B 21 -7.57 -8.57 -2.96
CA GLN B 21 -7.84 -9.44 -4.09
C GLN B 21 -8.25 -8.68 -5.35
N PHE B 22 -9.10 -7.67 -5.19
CA PHE B 22 -9.52 -6.88 -6.35
C PHE B 22 -8.33 -6.16 -6.97
N LEU B 23 -7.45 -5.63 -6.11
CA LEU B 23 -6.26 -4.94 -6.58
C LEU B 23 -5.36 -5.90 -7.34
N GLN B 24 -5.24 -7.12 -6.83
CA GLN B 24 -4.41 -8.13 -7.48
C GLN B 24 -5.00 -8.47 -8.84
N ALA B 25 -6.32 -8.57 -8.92
CA ALA B 25 -6.99 -8.87 -10.17
C ALA B 25 -6.74 -7.75 -11.18
N ASN B 26 -6.78 -6.51 -10.70
CA ASN B 26 -6.53 -5.35 -11.55
C ASN B 26 -5.12 -5.39 -12.09
N GLN B 27 -4.17 -5.77 -11.23
CA GLN B 27 -2.77 -5.88 -11.62
C GLN B 27 -2.63 -6.95 -12.70
N GLU B 28 -3.32 -8.06 -12.53
CA GLU B 28 -3.28 -9.15 -13.50
C GLU B 28 -3.82 -8.68 -14.84
N SER B 29 -4.90 -7.90 -14.80
CA SER B 29 -5.52 -7.37 -16.01
C SER B 29 -4.55 -6.44 -16.71
N PHE B 30 -3.85 -5.62 -15.94
CA PHE B 30 -2.86 -4.70 -16.49
C PHE B 30 -1.73 -5.45 -17.16
N GLY B 36 -13.16 -6.01 -19.86
CA GLY B 36 -12.92 -6.90 -18.75
C GLY B 36 -12.48 -6.19 -17.49
N ILE B 37 -12.86 -4.93 -17.35
CA ILE B 37 -12.51 -4.14 -16.18
C ILE B 37 -13.70 -3.92 -15.25
N MET B 38 -14.93 -3.94 -15.76
CA MET B 38 -16.10 -3.72 -14.91
C MET B 38 -16.26 -4.82 -13.86
N ALA B 39 -15.59 -5.96 -14.04
CA ALA B 39 -15.70 -7.04 -13.06
C ALA B 39 -15.22 -6.58 -11.69
N LEU B 40 -14.01 -6.02 -11.64
CA LEU B 40 -13.51 -5.51 -10.36
C LEU B 40 -14.37 -4.37 -9.85
N ALA B 41 -14.93 -3.56 -10.75
CA ALA B 41 -15.84 -2.51 -10.32
C ALA B 41 -17.02 -3.09 -9.56
N SER B 42 -17.66 -4.11 -10.14
CA SER B 42 -18.81 -4.72 -9.49
C SER B 42 -18.43 -5.37 -8.17
N ALA B 43 -17.32 -6.12 -8.16
CA ALA B 43 -16.89 -6.78 -6.94
C ALA B 43 -16.65 -5.75 -5.83
N GLN B 44 -15.88 -4.71 -6.12
CA GLN B 44 -15.58 -3.71 -5.12
C GLN B 44 -16.83 -2.98 -4.67
N MET B 45 -17.74 -2.67 -5.60
CA MET B 45 -18.97 -2.00 -5.23
C MET B 45 -19.81 -2.87 -4.31
N TYR B 46 -19.80 -4.19 -4.51
CA TYR B 46 -20.50 -5.06 -3.59
C TYR B 46 -19.84 -5.04 -2.22
N SER B 47 -18.51 -5.17 -2.18
CA SER B 47 -17.83 -5.18 -0.90
C SER B 47 -18.02 -3.87 -0.15
N SER B 48 -18.14 -2.76 -0.86
CA SER B 48 -18.33 -1.45 -0.27
C SER B 48 -19.78 -1.04 -0.18
N PHE B 49 -20.69 -2.00 -0.01
CA PHE B 49 -22.12 -1.75 0.02
C PHE B 49 -22.67 -2.16 1.37
N GLU B 50 -23.40 -1.26 2.01
CA GLU B 50 -23.98 -1.53 3.33
C GLU B 50 -25.25 -2.35 3.15
N PHE B 51 -25.08 -3.67 3.14
CA PHE B 51 -26.24 -4.54 3.04
C PHE B 51 -27.00 -4.54 4.35
N THR B 52 -28.29 -4.24 4.28
CA THR B 52 -29.12 -4.09 5.48
C THR B 52 -30.46 -4.77 5.24
N CYS B 53 -30.63 -5.95 5.80
CA CYS B 53 -31.89 -6.67 5.69
C CYS B 53 -32.94 -6.00 6.57
N PRO B 54 -34.06 -5.53 6.01
CA PRO B 54 -35.05 -4.83 6.83
C PRO B 54 -35.62 -5.66 7.94
N CYS B 55 -35.50 -6.98 7.87
CA CYS B 55 -35.95 -7.88 8.93
C CYS B 55 -37.41 -7.62 9.28
N LEU B 56 -38.23 -7.61 8.23
CA LEU B 56 -39.67 -7.42 8.34
C LEU B 56 -40.31 -8.54 7.50
N PRO B 57 -41.35 -9.19 8.03
CA PRO B 57 -41.95 -10.28 7.26
C PRO B 57 -42.55 -9.84 5.94
N ASP B 58 -42.95 -8.58 5.81
CA ASP B 58 -43.58 -8.13 4.58
C ASP B 58 -42.58 -7.74 3.50
N TYR B 59 -41.33 -7.45 3.86
CA TYR B 59 -40.40 -6.87 2.91
C TYR B 59 -39.11 -7.64 2.74
N ASN B 60 -38.82 -8.61 3.60
CA ASN B 60 -37.56 -9.36 3.50
C ASN B 60 -37.38 -9.93 2.09
N TYR B 61 -38.39 -10.68 1.61
CA TYR B 61 -38.31 -11.27 0.28
C TYR B 61 -38.05 -10.21 -0.76
N ALA B 62 -38.78 -9.10 -0.68
CA ALA B 62 -38.61 -8.02 -1.65
C ALA B 62 -37.18 -7.52 -1.66
N TYR B 63 -36.63 -7.23 -0.48
CA TYR B 63 -35.29 -6.66 -0.40
C TYR B 63 -34.25 -7.64 -0.91
N GLY B 64 -34.35 -8.90 -0.52
CA GLY B 64 -33.41 -9.89 -0.97
C GLY B 64 -33.40 -10.02 -2.47
N ILE B 65 -34.56 -10.32 -3.06
CA ILE B 65 -34.61 -10.49 -4.50
C ILE B 65 -34.23 -9.21 -5.22
N GLY B 66 -34.49 -8.06 -4.61
CA GLY B 66 -34.10 -6.81 -5.23
C GLY B 66 -32.60 -6.65 -5.32
N ILE B 67 -31.91 -6.82 -4.18
CA ILE B 67 -30.45 -6.78 -4.18
C ILE B 67 -29.91 -7.81 -5.15
N LEU B 68 -30.65 -8.90 -5.37
CA LEU B 68 -30.15 -9.93 -6.27
C LEU B 68 -30.34 -9.54 -7.74
N ILE B 69 -31.44 -8.87 -8.08
CA ILE B 69 -31.86 -8.73 -9.46
C ILE B 69 -31.59 -7.35 -10.03
N VAL B 70 -31.85 -6.29 -9.26
CA VAL B 70 -31.73 -4.94 -9.82
C VAL B 70 -30.30 -4.58 -10.18
N PRO B 71 -29.31 -4.74 -9.30
CA PRO B 71 -27.95 -4.31 -9.63
C PRO B 71 -27.43 -4.96 -10.90
N PRO B 72 -27.65 -6.25 -11.14
CA PRO B 72 -27.18 -6.81 -12.42
C PRO B 72 -27.86 -6.18 -13.63
N ILE B 73 -29.14 -5.84 -13.53
CA ILE B 73 -29.81 -5.15 -14.63
C ILE B 73 -29.15 -3.81 -14.89
N TRP B 74 -28.91 -3.04 -13.83
CA TRP B 74 -28.27 -1.75 -13.99
C TRP B 74 -26.87 -1.92 -14.58
N PHE B 75 -26.14 -2.95 -14.16
CA PHE B 75 -24.83 -3.19 -14.70
C PHE B 75 -24.90 -3.53 -16.18
N PHE B 76 -25.91 -4.28 -16.57
CA PHE B 76 -26.11 -4.59 -17.98
C PHE B 76 -26.30 -3.33 -18.79
N LEU B 77 -27.20 -2.46 -18.34
CA LEU B 77 -27.41 -1.18 -19.02
C LEU B 77 -26.13 -0.37 -19.08
N LEU B 78 -25.41 -0.29 -17.96
CA LEU B 78 -24.18 0.47 -17.90
C LEU B 78 -23.16 -0.07 -18.90
N GLY B 79 -23.05 -1.38 -19.01
CA GLY B 79 -22.18 -1.95 -20.03
C GLY B 79 -22.62 -1.58 -21.43
N TYR B 80 -23.93 -1.51 -21.64
CA TYR B 80 -24.41 -1.12 -22.97
C TYR B 80 -24.01 0.31 -23.30
N VAL B 81 -24.19 1.25 -22.37
CA VAL B 81 -24.01 2.65 -22.71
C VAL B 81 -22.53 2.99 -22.85
N MET B 82 -21.68 2.43 -21.99
CA MET B 82 -20.26 2.77 -22.01
C MET B 82 -19.57 2.34 -23.30
N ASN B 83 -20.20 1.51 -24.12
CA ASN B 83 -19.57 1.05 -25.36
C ASN B 83 -19.72 2.13 -26.42
N ASN B 84 -18.59 2.60 -26.95
CA ASN B 84 -18.54 3.75 -27.85
C ASN B 84 -19.09 3.47 -29.23
N ASN B 85 -19.69 2.31 -29.54
CA ASN B 85 -20.19 2.07 -30.88
C ASN B 85 -21.68 1.76 -30.87
N ILE B 86 -22.39 2.07 -29.79
CA ILE B 86 -23.84 1.89 -29.77
C ILE B 86 -24.50 2.87 -30.74
N SER B 87 -23.90 4.04 -30.92
CA SER B 87 -24.45 5.05 -31.81
C SER B 87 -24.61 4.51 -33.23
N VAL B 88 -23.57 3.85 -33.75
CA VAL B 88 -23.65 3.33 -35.11
C VAL B 88 -24.67 2.21 -35.20
N LEU B 89 -24.82 1.44 -34.11
CA LEU B 89 -25.84 0.39 -34.10
C LEU B 89 -27.22 1.00 -34.24
N THR B 90 -27.51 2.05 -33.47
CA THR B 90 -28.79 2.72 -33.59
C THR B 90 -28.98 3.33 -34.98
N GLU B 91 -27.91 3.94 -35.52
CA GLU B 91 -27.99 4.53 -36.84
C GLU B 91 -28.40 3.49 -37.89
N GLU B 92 -27.77 2.32 -37.83
CA GLU B 92 -28.09 1.29 -38.81
C GLU B 92 -29.47 0.71 -38.58
N TRP B 93 -29.83 0.43 -37.33
CA TRP B 93 -31.17 -0.06 -37.04
C TRP B 93 -32.24 0.96 -37.39
N LYS B 94 -31.86 2.22 -37.62
CA LYS B 94 -32.83 3.26 -37.93
C LYS B 94 -33.14 3.31 -39.42
N ARG B 95 -32.11 3.29 -40.27
CA ARG B 95 -32.29 3.45 -41.70
C ARG B 95 -33.12 2.30 -42.27
N PRO B 96 -33.74 2.51 -43.44
CA PRO B 96 -34.40 1.38 -44.14
C PRO B 96 -33.37 0.38 -44.64
N VAL B 97 -32.35 0.88 -45.34
CA VAL B 97 -31.20 0.09 -45.73
C VAL B 97 -29.96 0.98 -45.62
N GLY B 98 -29.06 0.64 -44.70
CA GLY B 98 -27.91 1.49 -44.44
C GLY B 98 -26.71 1.12 -45.28
N LYS B 99 -25.77 2.07 -45.37
CA LYS B 99 -24.52 1.82 -46.08
C LYS B 99 -23.71 0.69 -45.45
N ASP B 103 -23.58 -3.25 -43.28
CA ASP B 103 -23.41 -4.71 -43.26
C ASP B 103 -24.74 -5.41 -43.03
N PRO B 104 -25.16 -6.23 -44.01
CA PRO B 104 -26.42 -6.99 -43.92
C PRO B 104 -26.49 -7.84 -42.67
N ALA B 105 -25.34 -8.17 -42.10
CA ALA B 105 -25.27 -9.00 -40.87
C ALA B 105 -24.11 -8.71 -39.91
N VAL B 106 -23.19 -7.78 -40.20
CA VAL B 106 -22.13 -7.64 -39.19
C VAL B 106 -22.71 -6.94 -37.97
N LEU B 107 -23.79 -6.18 -38.22
CA LEU B 107 -24.54 -5.57 -37.14
C LEU B 107 -24.94 -6.61 -36.11
N ARG B 108 -25.46 -7.74 -36.57
CA ARG B 108 -25.70 -8.87 -35.67
C ARG B 108 -24.43 -9.22 -34.92
N TYR B 109 -23.31 -9.29 -35.64
CA TYR B 109 -22.06 -9.74 -35.01
C TYR B 109 -21.56 -8.74 -33.98
N MET B 110 -21.45 -7.47 -34.36
CA MET B 110 -20.94 -6.49 -33.41
C MET B 110 -21.91 -6.29 -32.24
N PHE B 111 -23.21 -6.35 -32.51
CA PHE B 111 -24.18 -6.24 -31.42
C PHE B 111 -24.03 -7.41 -30.45
N SER B 112 -23.87 -8.62 -30.97
CA SER B 112 -23.72 -9.77 -30.09
C SER B 112 -22.41 -9.70 -29.32
N SER B 113 -21.34 -9.22 -29.95
CA SER B 113 -20.07 -9.09 -29.22
C SER B 113 -20.20 -8.07 -28.10
N MET B 114 -20.87 -6.94 -28.37
CA MET B 114 -21.12 -5.96 -27.33
C MET B 114 -21.93 -6.57 -26.20
N THR B 115 -22.97 -7.31 -26.54
CA THR B 115 -23.80 -7.95 -25.51
C THR B 115 -22.97 -8.91 -24.67
N GLN B 116 -22.13 -9.72 -25.31
CA GLN B 116 -21.29 -10.65 -24.58
C GLN B 116 -20.33 -9.92 -23.66
N ARG B 117 -19.71 -8.86 -24.15
CA ARG B 117 -18.87 -8.02 -23.30
C ARG B 117 -19.66 -7.49 -22.10
N ALA B 118 -20.95 -7.20 -22.30
CA ALA B 118 -21.73 -6.56 -21.26
C ALA B 118 -22.14 -7.54 -20.16
N LEU B 119 -22.30 -8.82 -20.51
CA LEU B 119 -22.85 -9.78 -19.57
C LEU B 119 -21.91 -10.13 -18.42
N ILE B 120 -20.66 -9.68 -18.46
CA ILE B 120 -19.70 -10.10 -17.46
C ILE B 120 -20.08 -9.58 -16.08
N ALA B 121 -20.24 -8.27 -15.96
CA ALA B 121 -20.52 -7.66 -14.67
C ALA B 121 -21.76 -8.20 -13.96
N PRO B 122 -22.90 -8.41 -14.62
CA PRO B 122 -24.03 -8.98 -13.89
C PRO B 122 -23.74 -10.37 -13.36
N ALA B 123 -23.08 -11.20 -14.16
CA ALA B 123 -22.73 -12.54 -13.71
C ALA B 123 -21.81 -12.48 -12.50
N VAL B 124 -20.81 -11.59 -12.55
CA VAL B 124 -19.90 -11.44 -11.42
C VAL B 124 -20.67 -11.02 -10.18
N TRP B 125 -21.59 -10.07 -10.34
CA TRP B 125 -22.36 -9.62 -9.18
C TRP B 125 -23.17 -10.75 -8.58
N ILE B 126 -23.84 -11.54 -9.43
CA ILE B 126 -24.67 -12.62 -8.92
C ILE B 126 -23.81 -13.65 -8.21
N ALA B 127 -22.68 -14.02 -8.83
CA ALA B 127 -21.79 -14.99 -8.21
C ALA B 127 -21.34 -14.51 -6.83
N VAL B 128 -20.87 -13.27 -6.76
CA VAL B 128 -20.38 -12.74 -5.49
C VAL B 128 -21.49 -12.73 -4.45
N THR B 129 -22.65 -12.18 -4.79
CA THR B 129 -23.72 -12.07 -3.81
C THR B 129 -24.31 -13.42 -3.44
N LEU B 130 -24.06 -14.47 -4.22
CA LEU B 130 -24.51 -15.78 -3.81
C LEU B 130 -23.49 -16.49 -2.94
N MET B 131 -22.20 -16.39 -3.28
CA MET B 131 -21.17 -17.02 -2.46
C MET B 131 -21.18 -16.48 -1.04
N ASP B 132 -21.55 -15.22 -0.88
CA ASP B 132 -21.77 -14.63 0.44
C ASP B 132 -23.26 -14.64 0.69
N GLY B 133 -23.73 -15.63 1.43
CA GLY B 133 -25.16 -15.86 1.55
C GLY B 133 -25.89 -14.82 2.37
N LYS B 134 -25.79 -13.56 1.97
CA LYS B 134 -26.52 -12.49 2.65
C LYS B 134 -27.90 -12.29 2.07
N SER B 135 -28.00 -12.10 0.76
CA SER B 135 -29.29 -11.88 0.12
C SER B 135 -30.18 -13.10 0.27
N PHE B 136 -29.61 -14.29 0.05
CA PHE B 136 -30.37 -15.52 0.23
C PHE B 136 -30.93 -15.62 1.64
N LEU B 137 -30.09 -15.32 2.64
CA LEU B 137 -30.53 -15.37 4.02
C LEU B 137 -31.65 -14.37 4.28
N CYS B 138 -31.50 -13.15 3.80
CA CYS B 138 -32.52 -12.13 4.00
C CYS B 138 -33.84 -12.56 3.34
N ALA B 139 -33.76 -13.16 2.16
CA ALA B 139 -34.97 -13.47 1.41
C ALA B 139 -35.70 -14.66 1.99
N PHE B 140 -35.05 -15.82 2.03
CA PHE B 140 -35.73 -17.05 2.36
C PHE B 140 -35.78 -17.35 3.84
N SER B 141 -35.52 -16.37 4.69
CA SER B 141 -35.59 -16.61 6.12
C SER B 141 -37.01 -16.80 6.64
N PRO B 142 -37.98 -15.96 6.28
CA PRO B 142 -39.30 -16.09 6.91
C PRO B 142 -40.07 -17.32 6.46
N THR B 143 -39.92 -17.72 5.20
CA THR B 143 -40.74 -18.80 4.65
C THR B 143 -40.16 -20.19 4.94
N ALA B 144 -38.84 -20.34 4.80
CA ALA B 144 -38.21 -21.65 4.88
C ALA B 144 -38.54 -22.34 6.19
N ASP B 145 -38.54 -23.68 6.15
CA ASP B 145 -38.90 -24.50 7.30
C ASP B 145 -37.64 -24.83 8.07
N LEU B 146 -37.53 -24.33 9.29
CA LEU B 146 -36.45 -24.67 10.21
C LEU B 146 -37.09 -25.35 11.42
N SER B 147 -37.32 -26.65 11.28
CA SER B 147 -37.99 -27.39 12.34
C SER B 147 -37.01 -28.10 13.27
N GLU B 148 -35.81 -28.41 12.79
CA GLU B 148 -34.79 -28.98 13.66
C GLU B 148 -34.10 -27.93 14.50
N PHE B 149 -34.19 -26.66 14.10
CA PHE B 149 -33.54 -25.59 14.83
C PHE B 149 -34.43 -24.99 15.91
N VAL B 150 -35.75 -24.96 15.70
CA VAL B 150 -36.64 -24.43 16.70
C VAL B 150 -36.62 -25.33 17.93
N ASN B 151 -36.53 -24.70 19.09
CA ASN B 151 -36.51 -25.44 20.35
C ASN B 151 -37.72 -26.36 20.46
N GLU B 152 -37.55 -27.45 21.19
CA GLU B 152 -38.62 -28.45 21.31
C GLU B 152 -39.79 -27.93 22.12
N SER B 153 -39.57 -26.99 23.04
CA SER B 153 -40.68 -26.45 23.83
C SER B 153 -41.72 -25.81 22.92
N TYR B 154 -41.31 -24.87 22.08
CA TYR B 154 -42.20 -24.26 21.11
C TYR B 154 -42.17 -25.02 19.79
N GLN B 155 -42.34 -26.34 19.85
CA GLN B 155 -42.47 -27.14 18.66
C GLN B 155 -43.87 -27.10 18.08
N SER B 156 -44.80 -26.41 18.75
CA SER B 156 -46.20 -26.35 18.32
C SER B 156 -46.69 -24.93 18.58
N LEU B 157 -46.75 -24.12 17.53
CA LEU B 157 -47.26 -22.76 17.61
C LEU B 157 -47.50 -22.27 16.19
N SER B 158 -48.43 -21.31 16.08
CA SER B 158 -48.89 -20.88 14.77
C SER B 158 -47.74 -20.36 13.93
N GLN B 159 -47.70 -20.80 12.66
CA GLN B 159 -46.64 -20.40 11.75
C GLN B 159 -46.61 -18.90 11.53
N LYS B 160 -47.70 -18.19 11.83
CA LYS B 160 -47.70 -16.75 11.66
C LYS B 160 -46.76 -16.08 12.66
N GLU B 161 -46.67 -16.61 13.87
CA GLU B 161 -45.71 -16.09 14.84
C GLU B 161 -44.29 -16.45 14.43
N LEU B 162 -44.08 -17.67 13.95
CA LEU B 162 -42.76 -18.04 13.46
C LEU B 162 -42.34 -17.18 12.29
N LEU B 163 -43.30 -16.69 11.51
CA LEU B 163 -42.97 -15.75 10.45
C LEU B 163 -42.25 -14.54 11.03
N LYS B 164 -42.89 -13.87 11.98
CA LYS B 164 -42.27 -12.70 12.62
C LYS B 164 -40.94 -13.06 13.25
N ILE B 165 -40.86 -14.20 13.91
CA ILE B 165 -39.65 -14.55 14.64
C ILE B 165 -38.50 -14.80 13.67
N GLN B 166 -38.65 -15.80 12.80
CA GLN B 166 -37.61 -16.11 11.82
C GLN B 166 -37.29 -14.91 10.94
N ALA B 167 -38.21 -13.97 10.81
CA ALA B 167 -37.94 -12.79 10.01
C ALA B 167 -36.74 -12.02 10.56
N LYS B 168 -36.56 -12.04 11.88
CA LYS B 168 -35.47 -11.30 12.50
C LYS B 168 -34.15 -12.04 12.50
N ILE B 169 -34.10 -13.23 11.90
CA ILE B 169 -32.89 -14.05 12.00
C ILE B 169 -31.65 -13.36 11.45
N PRO B 170 -31.67 -12.75 10.26
CA PRO B 170 -30.45 -12.11 9.76
C PRO B 170 -30.06 -10.85 10.51
N CYS B 171 -30.82 -10.42 11.50
CA CYS B 171 -30.53 -9.20 12.26
C CYS B 171 -30.00 -9.60 13.63
N LYS B 172 -28.68 -9.51 13.79
CA LYS B 172 -28.05 -9.90 15.05
C LYS B 172 -28.60 -9.09 16.22
N ASP B 173 -28.53 -7.76 16.11
CA ASP B 173 -28.92 -6.88 17.20
C ASP B 173 -30.40 -6.95 17.53
N ILE B 174 -31.22 -7.53 16.68
CA ILE B 174 -32.66 -7.53 16.87
C ILE B 174 -33.19 -8.87 17.36
N PHE B 175 -32.58 -9.98 16.95
CA PHE B 175 -33.11 -11.30 17.27
C PHE B 175 -33.00 -11.54 18.78
N GLU B 176 -34.15 -11.55 19.46
CA GLU B 176 -34.16 -11.73 20.90
C GLU B 176 -34.97 -12.95 21.32
N GLU B 177 -34.77 -14.07 20.62
CA GLU B 177 -35.50 -15.29 20.93
C GLU B 177 -34.57 -16.48 20.95
N HIS B 178 -33.42 -16.32 21.61
CA HIS B 178 -32.49 -17.43 21.78
C HIS B 178 -33.14 -18.61 22.49
N GLU B 179 -34.19 -18.37 23.26
CA GLU B 179 -34.92 -19.44 23.91
C GLU B 179 -35.77 -20.25 22.94
N ILE B 180 -35.83 -19.86 21.68
CA ILE B 180 -36.69 -20.50 20.69
C ILE B 180 -35.89 -21.08 19.54
N ILE B 181 -35.01 -20.28 18.95
CA ILE B 181 -34.27 -20.69 17.75
C ILE B 181 -32.82 -20.29 17.91
N SER B 182 -31.92 -21.20 17.54
CA SER B 182 -30.51 -20.85 17.44
C SER B 182 -30.29 -20.05 16.17
N ARG B 183 -29.92 -18.78 16.32
CA ARG B 183 -29.70 -17.94 15.15
C ARG B 183 -28.52 -18.43 14.32
N GLU B 184 -27.46 -18.87 15.01
CA GLU B 184 -26.23 -19.20 14.30
C GLU B 184 -26.38 -20.47 13.47
N ALA B 185 -27.04 -21.48 14.01
CA ALA B 185 -27.23 -22.73 13.27
C ALA B 185 -28.00 -22.47 11.97
N ALA B 186 -29.14 -21.79 12.08
CA ALA B 186 -29.94 -21.49 10.90
C ALA B 186 -29.16 -20.62 9.92
N THR B 187 -28.40 -19.66 10.45
CA THR B 187 -27.59 -18.81 9.58
C THR B 187 -26.62 -19.64 8.75
N ARG B 188 -25.87 -20.53 9.42
CA ARG B 188 -24.93 -21.38 8.71
C ARG B 188 -25.65 -22.26 7.70
N TYR B 189 -26.82 -22.79 8.08
CA TYR B 189 -27.58 -23.65 7.19
C TYR B 189 -27.91 -22.92 5.88
N ILE B 190 -28.59 -21.79 5.99
CA ILE B 190 -29.01 -21.08 4.79
C ILE B 190 -27.81 -20.57 4.02
N ARG B 191 -26.72 -20.24 4.71
CA ARG B 191 -25.55 -19.76 4.01
C ARG B 191 -24.91 -20.87 3.19
N CYS B 192 -24.86 -22.09 3.74
CA CYS B 192 -24.38 -23.22 2.96
C CYS B 192 -25.25 -23.46 1.73
N LEU B 193 -26.57 -23.36 1.90
CA LEU B 193 -27.46 -23.49 0.75
C LEU B 193 -27.09 -22.47 -0.32
N SER B 194 -26.89 -21.21 0.09
CA SER B 194 -26.54 -20.16 -0.87
C SER B 194 -25.24 -20.46 -1.57
N GLN B 195 -24.24 -20.93 -0.82
CA GLN B 195 -22.95 -21.23 -1.45
C GLN B 195 -23.07 -22.36 -2.45
N ALA B 196 -23.87 -23.36 -2.13
CA ALA B 196 -24.10 -24.45 -3.07
C ALA B 196 -24.73 -23.92 -4.35
N CYS B 197 -25.77 -23.09 -4.22
CA CYS B 197 -26.40 -22.52 -5.40
C CYS B 197 -25.41 -21.70 -6.22
N GLY B 198 -24.55 -20.93 -5.54
CA GLY B 198 -23.57 -20.13 -6.25
C GLY B 198 -22.58 -20.99 -7.02
N TRP B 199 -22.15 -22.10 -6.42
CA TRP B 199 -21.22 -22.98 -7.12
C TRP B 199 -21.87 -23.62 -8.33
N THR B 200 -23.12 -24.07 -8.20
CA THR B 200 -23.82 -24.61 -9.36
C THR B 200 -23.94 -23.56 -10.46
N PHE B 201 -24.27 -22.32 -10.08
CA PHE B 201 -24.38 -21.26 -11.07
C PHE B 201 -23.06 -21.06 -11.80
N LEU B 202 -21.97 -21.00 -11.04
CA LEU B 202 -20.65 -20.83 -11.66
C LEU B 202 -20.35 -21.97 -12.62
N MET B 203 -20.66 -23.20 -12.23
CA MET B 203 -20.39 -24.34 -13.10
C MET B 203 -21.19 -24.25 -14.39
N VAL B 204 -22.48 -23.90 -14.29
CA VAL B 204 -23.32 -23.81 -15.48
C VAL B 204 -22.79 -22.73 -16.41
N ILE B 205 -22.45 -21.57 -15.87
CA ILE B 205 -21.93 -20.49 -16.70
C ILE B 205 -20.65 -20.90 -17.38
N THR B 206 -19.75 -21.58 -16.66
CA THR B 206 -18.49 -22.00 -17.26
C THR B 206 -18.73 -23.00 -18.38
N LEU B 207 -19.64 -23.96 -18.18
CA LEU B 207 -19.93 -24.93 -19.22
C LEU B 207 -20.50 -24.23 -20.46
N VAL B 208 -21.42 -23.28 -20.26
CA VAL B 208 -21.99 -22.57 -21.39
C VAL B 208 -20.91 -21.81 -22.14
N ALA B 209 -20.01 -21.15 -21.42
CA ALA B 209 -18.94 -20.41 -22.07
C ALA B 209 -18.04 -21.36 -22.85
N PHE B 210 -17.74 -22.53 -22.28
CA PHE B 210 -16.91 -23.50 -22.97
C PHE B 210 -17.55 -23.93 -24.28
N LEU B 211 -18.84 -24.25 -24.24
CA LEU B 211 -19.53 -24.68 -25.46
C LEU B 211 -19.55 -23.56 -26.49
N VAL B 212 -19.81 -22.33 -26.05
CA VAL B 212 -19.87 -21.20 -26.98
C VAL B 212 -18.52 -21.03 -27.67
N ARG B 213 -17.43 -21.03 -26.91
CA ARG B 213 -16.13 -20.89 -27.53
C ARG B 213 -15.79 -22.08 -28.40
N ALA B 214 -16.34 -23.26 -28.08
CA ALA B 214 -16.09 -24.44 -28.88
C ALA B 214 -16.93 -24.51 -30.14
N ILE B 215 -17.94 -23.64 -30.28
CA ILE B 215 -18.78 -23.69 -31.47
C ILE B 215 -18.47 -22.50 -32.38
N ARG B 216 -18.74 -21.29 -31.91
CA ARG B 216 -18.54 -20.11 -32.71
C ARG B 216 -17.08 -19.65 -32.69
N THR B 220 -19.60 -18.16 -38.53
CA THR B 220 -19.40 -16.71 -38.38
C THR B 220 -17.91 -16.37 -38.40
N GLN B 221 -17.36 -16.22 -39.60
CA GLN B 221 -15.95 -15.92 -39.77
C GLN B 221 -15.72 -14.60 -40.50
N ALA B 222 -16.32 -14.41 -41.68
CA ALA B 222 -16.02 -13.24 -42.49
C ALA B 222 -16.47 -11.94 -41.83
N ALA B 223 -17.55 -12.00 -41.05
CA ALA B 223 -18.03 -10.82 -40.36
C ALA B 223 -16.95 -10.23 -39.46
N PHE B 224 -16.15 -11.10 -38.82
CA PHE B 224 -15.07 -10.62 -37.96
C PHE B 224 -14.07 -9.81 -38.76
N LEU B 225 -13.68 -10.31 -39.93
CA LEU B 225 -12.74 -9.57 -40.77
C LEU B 225 -13.34 -8.26 -41.24
N LYS B 226 -14.63 -8.25 -41.56
CA LYS B 226 -15.27 -7.02 -42.02
C LYS B 226 -15.32 -5.97 -40.91
N THR B 227 -15.63 -6.39 -39.68
CA THR B 227 -15.61 -5.44 -38.57
C THR B 227 -14.21 -4.95 -38.28
N LYS B 228 -13.17 -5.74 -38.62
CA LYS B 228 -11.80 -5.36 -38.35
C LYS B 228 -11.48 -4.29 -39.36
N TYR B 229 -11.97 -4.50 -40.56
CA TYR B 229 -11.78 -3.52 -41.63
C TYR B 229 -12.42 -2.19 -41.27
N TRP B 230 -13.68 -2.23 -40.82
CA TRP B 230 -14.37 -0.99 -40.48
C TRP B 230 -13.70 -0.29 -39.30
N SER B 231 -13.17 -1.05 -38.34
CA SER B 231 -12.47 -0.45 -37.23
C SER B 231 -11.22 0.28 -37.70
N HIS B 232 -10.39 -0.40 -38.50
CA HIS B 232 -9.20 0.24 -39.04
C HIS B 232 -9.57 1.48 -39.87
N TYR B 233 -10.69 1.41 -40.57
CA TYR B 233 -11.17 2.56 -41.34
C TYR B 233 -11.47 3.74 -40.42
N ILE B 234 -12.20 3.49 -39.34
CA ILE B 234 -12.49 4.55 -38.38
C ILE B 234 -11.19 5.15 -37.83
N ASP B 235 -10.23 4.29 -37.49
CA ASP B 235 -8.98 4.78 -36.91
C ASP B 235 -8.24 5.69 -37.90
N THR B 236 -8.05 5.21 -39.14
CA THR B 236 -7.31 6.01 -40.09
C THR B 236 -8.06 7.30 -40.45
N GLU B 237 -9.38 7.25 -40.48
CA GLU B 237 -10.15 8.46 -40.74
C GLU B 237 -9.93 9.49 -39.64
N ARG B 238 -10.01 9.08 -38.37
CA ARG B 238 -9.80 10.02 -37.28
C ARG B 238 -8.38 10.58 -37.31
N LYS B 239 -7.39 9.73 -37.56
CA LYS B 239 -6.01 10.23 -37.54
C LYS B 239 -5.75 11.18 -38.70
N LEU B 240 -6.25 10.86 -39.90
CA LEU B 240 -6.09 11.76 -41.03
C LEU B 240 -6.79 13.09 -40.77
N PHE B 241 -7.96 13.04 -40.13
CA PHE B 241 -8.68 14.28 -39.86
C PHE B 241 -7.92 15.15 -38.88
N ASP B 242 -7.40 14.57 -37.80
CA ASP B 242 -6.69 15.41 -36.84
C ASP B 242 -5.41 15.96 -37.45
N GLU B 243 -4.75 15.17 -38.30
CA GLU B 243 -3.53 15.66 -38.94
C GLU B 243 -3.82 16.81 -39.91
N THR B 244 -4.88 16.68 -40.71
CA THR B 244 -5.18 17.76 -41.64
C THR B 244 -5.65 19.01 -40.90
N CYS B 245 -6.36 18.82 -39.78
CA CYS B 245 -6.70 19.98 -38.94
C CYS B 245 -5.45 20.67 -38.43
N LYS B 246 -4.49 19.89 -37.92
CA LYS B 246 -3.21 20.44 -37.50
C LYS B 246 -2.56 21.28 -38.59
N GLU B 247 -2.38 20.67 -39.77
CA GLU B 247 -1.62 21.35 -40.82
C GLU B 247 -2.37 22.57 -41.35
N HIS B 248 -3.71 22.51 -41.42
CA HIS B 248 -4.46 23.64 -41.93
C HIS B 248 -4.57 24.76 -40.92
N ALA B 249 -4.49 24.45 -39.62
CA ALA B 249 -4.47 25.51 -38.61
C ALA B 249 -3.08 26.10 -38.45
N LYS B 250 -2.04 25.35 -38.83
CA LYS B 250 -0.68 25.88 -38.74
C LYS B 250 -0.51 27.14 -39.59
N SER B 251 -1.13 27.18 -40.76
CA SER B 251 -1.03 28.35 -41.63
C SER B 251 -1.58 29.59 -40.93
N PHE B 252 -2.79 29.48 -40.40
CA PHE B 252 -3.42 30.57 -39.68
C PHE B 252 -2.57 31.01 -38.49
N ALA B 253 -2.11 30.03 -37.70
CA ALA B 253 -1.23 30.31 -36.55
C ALA B 253 -0.02 31.13 -36.96
N LYS B 254 0.67 30.70 -38.03
CA LYS B 254 1.86 31.41 -38.46
C LYS B 254 1.52 32.78 -39.02
N VAL B 255 0.37 32.92 -39.66
CA VAL B 255 -0.03 34.22 -40.19
C VAL B 255 -0.30 35.20 -39.06
N CYS B 256 -0.98 34.75 -38.00
CA CYS B 256 -1.35 35.63 -36.91
C CYS B 256 -0.22 35.85 -35.91
N ILE B 257 0.77 34.96 -35.86
CA ILE B 257 1.88 35.13 -34.93
C ILE B 257 2.84 36.21 -35.40
N GLN B 258 2.71 36.68 -36.65
CA GLN B 258 3.58 37.75 -37.12
C GLN B 258 3.39 39.02 -36.32
N GLN B 259 2.13 39.42 -36.08
CA GLN B 259 1.87 40.55 -35.22
C GLN B 259 2.24 40.26 -33.78
N TYR B 260 2.20 38.98 -33.37
CA TYR B 260 2.55 38.62 -32.00
C TYR B 260 3.98 39.00 -31.68
N PHE B 261 4.89 38.82 -32.63
CA PHE B 261 6.24 39.32 -32.44
C PHE B 261 6.28 40.84 -32.51
N GLU B 262 5.45 41.43 -33.35
CA GLU B 262 5.38 42.88 -33.48
C GLU B 262 4.76 43.51 -32.24
N MET C 19 -12.18 3.20 0.26
CA MET C 19 -10.79 3.58 0.07
C MET C 19 -10.13 2.72 -1.01
N VAL C 20 -10.00 1.42 -0.71
CA VAL C 20 -9.39 0.49 -1.67
C VAL C 20 -10.09 0.55 -3.02
N GLN C 21 -11.42 0.73 -2.96
CA GLN C 21 -12.24 0.81 -4.17
C GLN C 21 -11.97 2.06 -4.99
N PHE C 22 -11.83 3.20 -4.32
CA PHE C 22 -11.55 4.44 -5.04
C PHE C 22 -10.20 4.37 -5.74
N LEU C 23 -9.22 3.78 -5.06
CA LEU C 23 -7.89 3.63 -5.64
C LEU C 23 -7.96 2.72 -6.86
N GLN C 24 -8.74 1.65 -6.77
CA GLN C 24 -8.90 0.73 -7.89
C GLN C 24 -9.54 1.44 -9.06
N ALA C 25 -10.53 2.28 -8.78
CA ALA C 25 -11.21 3.05 -9.82
C ALA C 25 -10.23 3.99 -10.51
N ASN C 26 -9.37 4.62 -9.70
CA ASN C 26 -8.36 5.53 -10.23
C ASN C 26 -7.40 4.78 -11.13
N GLN C 27 -7.02 3.57 -10.73
CA GLN C 27 -6.12 2.75 -11.52
C GLN C 27 -6.78 2.40 -12.85
N GLU C 28 -8.07 2.08 -12.80
CA GLU C 28 -8.82 1.75 -14.01
C GLU C 28 -8.85 2.95 -14.95
N SER C 29 -9.05 4.14 -14.38
CA SER C 29 -9.09 5.36 -15.18
C SER C 29 -7.74 5.60 -15.83
N PHE C 30 -6.67 5.34 -15.09
CA PHE C 30 -5.32 5.51 -15.62
C PHE C 30 -5.07 4.54 -16.77
N GLY C 36 -13.41 12.82 -16.13
CA GLY C 36 -13.88 11.64 -15.43
C GLY C 36 -13.07 11.29 -14.21
N ILE C 37 -12.43 12.30 -13.62
CA ILE C 37 -11.63 12.11 -12.42
C ILE C 37 -12.29 12.65 -11.16
N MET C 38 -13.16 13.65 -11.29
CA MET C 38 -13.82 14.22 -10.11
C MET C 38 -14.73 13.21 -9.42
N ALA C 39 -15.09 12.12 -10.09
CA ALA C 39 -15.94 11.11 -9.47
C ALA C 39 -15.28 10.54 -8.22
N LEU C 40 -14.04 10.08 -8.36
CA LEU C 40 -13.33 9.56 -7.19
C LEU C 40 -13.10 10.64 -6.15
N ALA C 41 -12.90 11.89 -6.59
CA ALA C 41 -12.79 12.99 -5.65
C ALA C 41 -14.03 13.10 -4.78
N SER C 42 -15.21 13.10 -5.40
CA SER C 42 -16.46 13.21 -4.66
C SER C 42 -16.66 12.01 -3.75
N ALA C 43 -16.41 10.81 -4.26
CA ALA C 43 -16.60 9.61 -3.45
C ALA C 43 -15.70 9.65 -2.21
N GLN C 44 -14.41 9.93 -2.40
CA GLN C 44 -13.48 9.97 -1.29
C GLN C 44 -13.84 11.08 -0.32
N MET C 45 -14.24 12.24 -0.82
CA MET C 45 -14.62 13.34 0.05
C MET C 45 -15.83 12.96 0.90
N TYR C 46 -16.76 12.20 0.34
CA TYR C 46 -17.88 11.74 1.14
C TYR C 46 -17.42 10.77 2.21
N SER C 47 -16.59 9.80 1.82
CA SER C 47 -16.13 8.82 2.80
C SER C 47 -15.32 9.48 3.92
N SER C 48 -14.61 10.56 3.61
CA SER C 48 -13.79 11.26 4.58
C SER C 48 -14.52 12.46 5.19
N PHE C 49 -15.83 12.37 5.33
CA PHE C 49 -16.64 13.47 5.84
C PHE C 49 -17.33 13.02 7.12
N GLU C 50 -17.20 13.82 8.17
CA GLU C 50 -17.79 13.51 9.46
C GLU C 50 -19.27 13.89 9.42
N PHE C 51 -20.10 12.95 9.00
CA PHE C 51 -21.53 13.20 8.99
C PHE C 51 -22.06 13.18 10.42
N THR C 52 -22.74 14.25 10.81
CA THR C 52 -23.22 14.40 12.18
C THR C 52 -24.63 14.96 12.16
N CYS C 53 -25.61 14.09 12.38
CA CYS C 53 -27.00 14.51 12.44
C CYS C 53 -27.25 15.28 13.74
N PRO C 54 -27.69 16.54 13.67
CA PRO C 54 -27.88 17.31 14.90
C PRO C 54 -28.87 16.71 15.86
N CYS C 55 -29.74 15.82 15.38
CA CYS C 55 -30.69 15.12 16.23
C CYS C 55 -31.53 16.12 17.04
N LEU C 56 -32.09 17.08 16.31
CA LEU C 56 -32.96 18.10 16.87
C LEU C 56 -34.20 18.15 15.98
N PRO C 57 -35.39 18.22 16.58
CA PRO C 57 -36.60 18.23 15.73
C PRO C 57 -36.70 19.43 14.82
N ASP C 58 -36.06 20.54 15.17
CA ASP C 58 -36.18 21.74 14.35
C ASP C 58 -35.19 21.76 13.18
N TYR C 59 -34.12 20.98 13.23
CA TYR C 59 -33.04 21.11 12.27
C TYR C 59 -32.71 19.83 11.52
N ASN C 60 -33.20 18.68 11.96
CA ASN C 60 -32.87 17.43 11.29
C ASN C 60 -33.14 17.50 9.80
N TYR C 61 -34.38 17.87 9.43
CA TYR C 61 -34.74 17.99 8.03
C TYR C 61 -33.79 18.91 7.29
N ALA C 62 -33.51 20.06 7.88
CA ALA C 62 -32.61 21.02 7.26
C ALA C 62 -31.26 20.40 6.98
N TYR C 63 -30.67 19.76 7.99
CA TYR C 63 -29.33 19.20 7.84
C TYR C 63 -29.31 18.10 6.79
N GLY C 64 -30.29 17.21 6.83
CA GLY C 64 -30.35 16.14 5.87
C GLY C 64 -30.42 16.65 4.45
N ILE C 65 -31.44 17.46 4.17
CA ILE C 65 -31.60 17.96 2.81
C ILE C 65 -30.41 18.81 2.40
N GLY C 66 -29.76 19.47 3.36
CA GLY C 66 -28.59 20.26 3.03
C GLY C 66 -27.44 19.40 2.56
N ILE C 67 -27.08 18.39 3.36
CA ILE C 67 -26.04 17.45 2.96
C ILE C 67 -26.40 16.83 1.62
N LEU C 68 -27.69 16.70 1.33
CA LEU C 68 -28.09 16.08 0.06
C LEU C 68 -27.94 17.04 -1.12
N ILE C 69 -28.21 18.33 -0.92
CA ILE C 69 -28.41 19.25 -2.03
C ILE C 69 -27.21 20.18 -2.24
N VAL C 70 -26.65 20.73 -1.16
CA VAL C 70 -25.58 21.73 -1.33
C VAL C 70 -24.33 21.15 -1.96
N PRO C 71 -23.76 20.05 -1.49
CA PRO C 71 -22.51 19.55 -2.06
C PRO C 71 -22.60 19.30 -3.55
N PRO C 72 -23.69 18.72 -4.07
CA PRO C 72 -23.75 18.58 -5.53
C PRO C 72 -23.77 19.90 -6.27
N ILE C 73 -24.41 20.93 -5.72
CA ILE C 73 -24.38 22.25 -6.35
C ILE C 73 -22.95 22.77 -6.39
N TRP C 74 -22.25 22.68 -5.27
CA TRP C 74 -20.87 23.13 -5.24
C TRP C 74 -20.01 22.35 -6.23
N PHE C 75 -20.25 21.04 -6.34
CA PHE C 75 -19.50 20.23 -7.28
C PHE C 75 -19.79 20.66 -8.71
N PHE C 76 -21.04 21.01 -9.00
CA PHE C 76 -21.39 21.50 -10.32
C PHE C 76 -20.61 22.77 -10.65
N LEU C 77 -20.62 23.72 -9.73
CA LEU C 77 -19.85 24.95 -9.94
C LEU C 77 -18.37 24.64 -10.13
N LEU C 78 -17.83 23.77 -9.29
CA LEU C 78 -16.42 23.41 -9.37
C LEU C 78 -16.08 22.81 -10.72
N GLY C 79 -16.96 21.94 -11.23
CA GLY C 79 -16.75 21.41 -12.56
C GLY C 79 -16.79 22.50 -13.62
N TYR C 80 -17.66 23.49 -13.43
CA TYR C 80 -17.69 24.59 -14.39
C TYR C 80 -16.39 25.37 -14.41
N VAL C 81 -15.85 25.70 -13.24
CA VAL C 81 -14.70 26.62 -13.21
C VAL C 81 -13.43 25.92 -13.67
N MET C 82 -13.25 24.66 -13.28
CA MET C 82 -12.03 23.95 -13.61
C MET C 82 -11.85 23.73 -15.11
N ASN C 83 -12.88 23.94 -15.92
CA ASN C 83 -12.76 23.74 -17.35
C ASN C 83 -12.08 24.95 -17.98
N ASN C 84 -10.96 24.71 -18.66
CA ASN C 84 -10.10 25.77 -19.17
C ASN C 84 -10.67 26.51 -20.36
N ASN C 85 -11.92 26.29 -20.79
CA ASN C 85 -12.45 27.01 -21.95
C ASN C 85 -13.70 27.79 -21.61
N ILE C 86 -13.96 28.02 -20.32
CA ILE C 86 -15.11 28.85 -19.94
C ILE C 86 -14.86 30.29 -20.36
N SER C 87 -13.59 30.72 -20.37
CA SER C 87 -13.26 32.09 -20.75
C SER C 87 -13.76 32.41 -22.15
N VAL C 88 -13.50 31.52 -23.11
CA VAL C 88 -13.92 31.79 -24.48
C VAL C 88 -15.44 31.78 -24.59
N LEU C 89 -16.10 30.96 -23.77
CA LEU C 89 -17.56 30.95 -23.76
C LEU C 89 -18.10 32.31 -23.32
N THR C 90 -17.53 32.86 -22.23
CA THR C 90 -17.94 34.19 -21.79
C THR C 90 -17.63 35.24 -22.84
N GLU C 91 -16.45 35.14 -23.47
CA GLU C 91 -16.08 36.10 -24.50
C GLU C 91 -17.09 36.13 -25.63
N GLU C 92 -17.51 34.95 -26.09
CA GLU C 92 -18.47 34.89 -27.18
C GLU C 92 -19.85 35.36 -26.74
N TRP C 93 -20.30 34.91 -25.57
CA TRP C 93 -21.58 35.36 -25.06
C TRP C 93 -21.59 36.86 -24.79
N LYS C 94 -20.41 37.50 -24.74
CA LYS C 94 -20.34 38.93 -24.46
C LYS C 94 -20.51 39.76 -25.73
N ARG C 95 -19.81 39.41 -26.80
CA ARG C 95 -19.82 40.20 -28.02
C ARG C 95 -21.22 40.24 -28.63
N PRO C 96 -21.50 41.26 -29.46
CA PRO C 96 -22.75 41.26 -30.23
C PRO C 96 -22.77 40.14 -31.27
N VAL C 97 -21.70 40.07 -32.06
CA VAL C 97 -21.46 38.96 -32.97
C VAL C 97 -19.96 38.67 -32.97
N GLY C 98 -19.57 37.50 -32.47
CA GLY C 98 -18.18 37.16 -32.33
C GLY C 98 -17.60 36.47 -33.54
N LYS C 99 -16.27 36.49 -33.63
CA LYS C 99 -15.57 35.80 -34.71
C LYS C 99 -15.82 34.29 -34.68
N ASP C 103 -18.58 30.83 -33.84
CA ASP C 103 -19.50 29.78 -34.28
C ASP C 103 -20.94 30.12 -33.89
N PRO C 104 -21.82 30.28 -34.89
CA PRO C 104 -23.23 30.59 -34.66
C PRO C 104 -23.90 29.59 -33.74
N ALA C 105 -23.34 28.39 -33.63
CA ALA C 105 -23.90 27.33 -32.77
C ALA C 105 -22.89 26.36 -32.14
N VAL C 106 -21.57 26.46 -32.39
CA VAL C 106 -20.74 25.45 -31.73
C VAL C 106 -20.65 25.78 -30.26
N LEU C 107 -20.85 27.07 -29.97
CA LEU C 107 -20.94 27.53 -28.60
C LEU C 107 -21.96 26.72 -27.82
N ARG C 108 -23.14 26.52 -28.42
CA ARG C 108 -24.12 25.61 -27.84
C ARG C 108 -23.48 24.24 -27.61
N TYR C 109 -22.75 23.75 -28.61
CA TYR C 109 -22.22 22.39 -28.52
C TYR C 109 -21.16 22.28 -27.44
N MET C 110 -20.16 23.17 -27.46
CA MET C 110 -19.10 23.08 -26.46
C MET C 110 -19.64 23.37 -25.06
N PHE C 111 -20.59 24.29 -24.95
CA PHE C 111 -21.19 24.57 -23.64
C PHE C 111 -21.92 23.34 -23.12
N SER C 112 -22.68 22.68 -23.98
CA SER C 112 -23.41 21.49 -23.54
C SER C 112 -22.46 20.36 -23.20
N SER C 113 -21.36 20.21 -23.94
CA SER C 113 -20.40 19.17 -23.61
C SER C 113 -19.75 19.46 -22.25
N MET C 114 -19.40 20.71 -21.99
CA MET C 114 -18.87 21.08 -20.69
C MET C 114 -19.87 20.78 -19.59
N THR C 115 -21.14 21.14 -19.82
CA THR C 115 -22.18 20.86 -18.82
C THR C 115 -22.29 19.37 -18.56
N GLN C 116 -22.30 18.57 -19.61
CA GLN C 116 -22.38 17.11 -19.45
C GLN C 116 -21.19 16.58 -18.66
N ARG C 117 -19.98 17.05 -18.99
CA ARG C 117 -18.81 16.68 -18.21
C ARG C 117 -18.99 17.06 -16.75
N ALA C 118 -19.66 18.17 -16.48
CA ALA C 118 -19.76 18.67 -15.12
C ALA C 118 -20.75 17.89 -14.28
N LEU C 119 -21.77 17.32 -14.91
CA LEU C 119 -22.86 16.70 -14.16
C LEU C 119 -22.47 15.39 -13.48
N ILE C 120 -21.27 14.87 -13.74
CA ILE C 120 -20.90 13.56 -13.22
C ILE C 120 -20.81 13.59 -11.70
N ALA C 121 -19.97 14.48 -11.17
CA ALA C 121 -19.72 14.54 -9.74
C ALA C 121 -20.98 14.72 -8.89
N PRO C 122 -21.91 15.61 -9.23
CA PRO C 122 -23.12 15.71 -8.39
C PRO C 122 -23.92 14.41 -8.38
N ALA C 123 -24.06 13.77 -9.54
CA ALA C 123 -24.78 12.51 -9.60
C ALA C 123 -24.09 11.46 -8.74
N VAL C 124 -22.77 11.39 -8.82
CA VAL C 124 -22.03 10.43 -8.00
C VAL C 124 -22.27 10.70 -6.53
N TRP C 125 -22.23 11.98 -6.14
CA TRP C 125 -22.44 12.31 -4.74
C TRP C 125 -23.82 11.89 -4.27
N ILE C 126 -24.84 12.17 -5.08
CA ILE C 126 -26.20 11.82 -4.68
C ILE C 126 -26.36 10.31 -4.57
N ALA C 127 -25.82 9.58 -5.55
CA ALA C 127 -25.90 8.13 -5.52
C ALA C 127 -25.25 7.59 -4.25
N VAL C 128 -24.04 8.04 -3.96
CA VAL C 128 -23.32 7.53 -2.79
C VAL C 128 -24.09 7.86 -1.52
N THR C 129 -24.49 9.11 -1.35
CA THR C 129 -25.17 9.49 -0.12
C THR C 129 -26.55 8.88 0.01
N LEU C 130 -27.12 8.36 -1.07
CA LEU C 130 -28.39 7.65 -0.93
C LEU C 130 -28.19 6.18 -0.64
N MET C 131 -27.21 5.53 -1.28
CA MET C 131 -26.95 4.13 -1.00
C MET C 131 -26.58 3.91 0.45
N ASP C 132 -25.93 4.89 1.07
CA ASP C 132 -25.66 4.88 2.50
C ASP C 132 -26.71 5.76 3.15
N GLY C 133 -27.75 5.14 3.69
CA GLY C 133 -28.91 5.90 4.14
C GLY C 133 -28.67 6.71 5.39
N LYS C 134 -27.70 7.60 5.35
CA LYS C 134 -27.43 8.48 6.48
C LYS C 134 -28.26 9.76 6.40
N SER C 135 -28.18 10.46 5.28
CA SER C 135 -28.91 11.71 5.13
C SER C 135 -30.41 11.47 5.17
N PHE C 136 -30.87 10.42 4.48
CA PHE C 136 -32.29 10.08 4.52
C PHE C 136 -32.75 9.81 5.94
N LEU C 137 -31.96 9.05 6.69
CA LEU C 137 -32.30 8.76 8.08
C LEU C 137 -32.37 10.02 8.91
N CYS C 138 -31.37 10.89 8.78
CA CYS C 138 -31.36 12.13 9.54
C CYS C 138 -32.58 12.99 9.19
N ALA C 139 -32.94 13.04 7.92
CA ALA C 139 -34.00 13.93 7.49
C ALA C 139 -35.38 13.42 7.89
N PHE C 140 -35.75 12.25 7.42
CA PHE C 140 -37.12 11.77 7.57
C PHE C 140 -37.37 11.03 8.86
N SER C 141 -36.49 11.14 9.83
CA SER C 141 -36.72 10.45 11.09
C SER C 141 -37.84 11.06 11.92
N PRO C 142 -37.91 12.38 12.11
CA PRO C 142 -38.92 12.92 13.02
C PRO C 142 -40.34 12.83 12.48
N THR C 143 -40.53 12.98 11.18
CA THR C 143 -41.87 13.04 10.60
C THR C 143 -42.46 11.67 10.32
N ALA C 144 -41.65 10.76 9.77
CA ALA C 144 -42.16 9.49 9.29
C ALA C 144 -42.89 8.74 10.40
N ASP C 145 -43.85 7.90 9.98
CA ASP C 145 -44.69 7.16 10.91
C ASP C 145 -44.06 5.80 11.16
N LEU C 146 -43.63 5.57 12.39
CA LEU C 146 -43.12 4.27 12.83
C LEU C 146 -44.06 3.77 13.92
N SER C 147 -45.16 3.14 13.50
CA SER C 147 -46.16 2.69 14.45
C SER C 147 -45.99 1.22 14.83
N GLU C 148 -45.39 0.43 13.95
CA GLU C 148 -45.08 -0.96 14.30
C GLU C 148 -43.85 -1.08 15.17
N PHE C 149 -43.00 -0.05 15.18
CA PHE C 149 -41.78 -0.09 15.97
C PHE C 149 -41.97 0.45 17.38
N VAL C 150 -42.87 1.41 17.56
CA VAL C 150 -43.12 1.95 18.89
C VAL C 150 -43.75 0.87 19.76
N ASN C 151 -43.24 0.74 20.98
CA ASN C 151 -43.76 -0.24 21.91
C ASN C 151 -45.27 -0.08 22.10
N GLU C 152 -45.93 -1.19 22.42
CA GLU C 152 -47.39 -1.15 22.55
C GLU C 152 -47.84 -0.37 23.77
N SER C 153 -47.02 -0.29 24.82
CA SER C 153 -47.40 0.46 26.01
C SER C 153 -47.66 1.92 25.66
N TYR C 154 -46.69 2.57 25.03
CA TYR C 154 -46.87 3.95 24.57
C TYR C 154 -47.40 3.98 23.13
N GLN C 155 -48.46 3.22 22.87
CA GLN C 155 -49.12 3.28 21.59
C GLN C 155 -50.07 4.46 21.47
N SER C 156 -50.22 5.25 22.54
CA SER C 156 -51.14 6.38 22.57
C SER C 156 -50.47 7.50 23.34
N LEU C 157 -49.91 8.47 22.63
CA LEU C 157 -49.29 9.64 23.23
C LEU C 157 -49.11 10.68 22.13
N SER C 158 -49.06 11.94 22.57
CA SER C 158 -49.07 13.06 21.62
C SER C 158 -47.88 12.97 20.67
N GLN C 159 -48.17 13.16 19.38
CA GLN C 159 -47.15 13.08 18.34
C GLN C 159 -46.04 14.11 18.56
N LYS C 160 -46.29 15.16 19.34
CA LYS C 160 -45.25 16.14 19.59
C LYS C 160 -44.12 15.55 20.43
N GLU C 161 -44.45 14.66 21.36
CA GLU C 161 -43.41 13.98 22.12
C GLU C 161 -42.67 12.97 21.24
N LEU C 162 -43.41 12.26 20.40
CA LEU C 162 -42.76 11.34 19.47
C LEU C 162 -41.85 12.08 18.51
N LEU C 163 -42.16 13.33 18.21
CA LEU C 163 -41.23 14.14 17.42
C LEU C 163 -39.88 14.20 18.08
N LYS C 164 -39.84 14.67 19.33
CA LYS C 164 -38.58 14.75 20.05
C LYS C 164 -37.91 13.40 20.16
N ILE C 165 -38.69 12.35 20.42
CA ILE C 165 -38.09 11.03 20.64
C ILE C 165 -37.46 10.51 19.35
N GLN C 166 -38.29 10.31 18.32
CA GLN C 166 -37.79 9.83 17.04
C GLN C 166 -36.69 10.72 16.48
N ALA C 167 -36.66 11.99 16.88
CA ALA C 167 -35.61 12.88 16.41
C ALA C 167 -34.23 12.36 16.78
N LYS C 168 -34.13 11.69 17.93
CA LYS C 168 -32.84 11.21 18.40
C LYS C 168 -32.46 9.86 17.82
N ILE C 169 -33.27 9.31 16.92
CA ILE C 169 -33.03 7.95 16.43
C ILE C 169 -31.66 7.79 15.77
N PRO C 170 -31.23 8.67 14.86
CA PRO C 170 -29.92 8.46 14.23
C PRO C 170 -28.74 8.71 15.16
N CYS C 171 -28.97 9.09 16.40
CA CYS C 171 -27.90 9.38 17.36
C CYS C 171 -27.82 8.21 18.35
N LYS C 172 -26.83 7.34 18.15
CA LYS C 172 -26.68 6.17 19.01
C LYS C 172 -26.49 6.58 20.47
N ASP C 173 -25.49 7.43 20.72
CA ASP C 173 -25.12 7.80 22.08
C ASP C 173 -26.21 8.61 22.79
N ILE C 174 -27.20 9.12 22.07
CA ILE C 174 -28.19 9.99 22.67
C ILE C 174 -29.54 9.29 22.88
N PHE C 175 -29.90 8.36 22.02
CA PHE C 175 -31.22 7.73 22.10
C PHE C 175 -31.33 6.91 23.38
N GLU C 176 -32.12 7.38 24.33
CA GLU C 176 -32.28 6.69 25.60
C GLU C 176 -33.72 6.29 25.87
N GLU C 177 -34.38 5.72 24.86
CA GLU C 177 -35.77 5.31 25.01
C GLU C 177 -35.97 3.92 24.43
N HIS C 178 -35.06 3.01 24.75
CA HIS C 178 -35.21 1.62 24.33
C HIS C 178 -36.51 1.01 24.84
N GLU C 179 -37.07 1.55 25.91
CA GLU C 179 -38.36 1.10 26.41
C GLU C 179 -39.52 1.52 25.54
N ILE C 180 -39.28 2.32 24.51
CA ILE C 180 -40.34 2.87 23.66
C ILE C 180 -40.20 2.44 22.22
N ILE C 181 -39.00 2.60 21.65
CA ILE C 181 -38.78 2.34 20.23
C ILE C 181 -37.48 1.56 20.07
N SER C 182 -37.51 0.55 19.22
CA SER C 182 -36.28 -0.12 18.82
C SER C 182 -35.54 0.75 17.82
N ARG C 183 -34.37 1.25 18.21
CA ARG C 183 -33.62 2.11 17.31
C ARG C 183 -33.14 1.36 16.08
N GLU C 184 -32.73 0.10 16.28
CA GLU C 184 -32.11 -0.65 15.19
C GLU C 184 -33.12 -1.01 14.11
N ALA C 185 -34.31 -1.43 14.52
CA ALA C 185 -35.32 -1.80 13.54
C ALA C 185 -35.68 -0.62 12.64
N ALA C 186 -35.98 0.52 13.26
CA ALA C 186 -36.32 1.71 12.48
C ALA C 186 -35.15 2.15 11.61
N THR C 187 -33.93 2.04 12.14
CA THR C 187 -32.75 2.40 11.36
C THR C 187 -32.67 1.56 10.10
N ARG C 188 -32.79 0.24 10.24
CA ARG C 188 -32.75 -0.64 9.09
C ARG C 188 -33.88 -0.32 8.12
N TYR C 189 -35.07 -0.04 8.65
CA TYR C 189 -36.21 0.27 7.81
C TYR C 189 -35.91 1.47 6.91
N ILE C 190 -35.58 2.60 7.52
CA ILE C 190 -35.36 3.81 6.74
C ILE C 190 -34.15 3.65 5.84
N ARG C 191 -33.16 2.87 6.25
CA ARG C 191 -32.00 2.68 5.41
C ARG C 191 -32.35 1.87 4.16
N CYS C 192 -33.19 0.85 4.31
CA CYS C 192 -33.66 0.13 3.14
C CYS C 192 -34.43 1.04 2.20
N LEU C 193 -35.28 1.91 2.76
CA LEU C 193 -35.98 2.88 1.92
C LEU C 193 -34.99 3.72 1.12
N SER C 194 -33.95 4.21 1.79
CA SER C 194 -32.96 5.03 1.11
C SER C 194 -32.26 4.26 0.01
N GLN C 195 -31.91 3.01 0.28
CA GLN C 195 -31.21 2.21 -0.74
C GLN C 195 -32.11 1.99 -1.95
N ALA C 196 -33.40 1.74 -1.71
CA ALA C 196 -34.33 1.59 -2.81
C ALA C 196 -34.38 2.85 -3.65
N CYS C 197 -34.51 4.00 -3.00
CA CYS C 197 -34.53 5.26 -3.75
C CYS C 197 -33.25 5.45 -4.55
N GLY C 198 -32.10 5.11 -3.95
CA GLY C 198 -30.85 5.25 -4.66
C GLY C 198 -30.77 4.37 -5.89
N TRP C 199 -31.27 3.13 -5.78
CA TRP C 199 -31.25 2.24 -6.93
C TRP C 199 -32.16 2.75 -8.03
N THR C 200 -33.35 3.24 -7.68
CA THR C 200 -34.23 3.81 -8.70
C THR C 200 -33.56 5.01 -9.37
N PHE C 201 -32.89 5.86 -8.59
CA PHE C 201 -32.20 7.00 -9.16
C PHE C 201 -31.13 6.56 -10.15
N LEU C 202 -30.34 5.56 -9.75
CA LEU C 202 -29.30 5.04 -10.65
C LEU C 202 -29.91 4.51 -11.94
N MET C 203 -31.01 3.78 -11.84
CA MET C 203 -31.64 3.23 -13.03
C MET C 203 -32.13 4.32 -13.95
N VAL C 204 -32.77 5.35 -13.39
CA VAL C 204 -33.28 6.44 -14.23
C VAL C 204 -32.13 7.16 -14.92
N ILE C 205 -31.06 7.45 -14.20
CA ILE C 205 -29.93 8.14 -14.80
C ILE C 205 -29.33 7.29 -15.91
N THR C 206 -29.20 5.99 -15.69
CA THR C 206 -28.62 5.13 -16.72
C THR C 206 -29.50 5.09 -17.97
N LEU C 207 -30.82 5.00 -17.78
CA LEU C 207 -31.71 5.01 -18.93
C LEU C 207 -31.60 6.31 -19.71
N VAL C 208 -31.56 7.44 -18.99
CA VAL C 208 -31.44 8.72 -19.67
C VAL C 208 -30.14 8.80 -20.45
N ALA C 209 -29.05 8.33 -19.86
CA ALA C 209 -27.77 8.35 -20.56
C ALA C 209 -27.82 7.48 -21.80
N PHE C 210 -28.46 6.31 -21.68
CA PHE C 210 -28.57 5.42 -22.83
C PHE C 210 -29.32 6.09 -23.97
N LEU C 211 -30.46 6.72 -23.65
CA LEU C 211 -31.23 7.40 -24.69
C LEU C 211 -30.44 8.54 -25.31
N VAL C 212 -29.74 9.31 -24.49
CA VAL C 212 -28.96 10.44 -25.01
C VAL C 212 -27.91 9.93 -25.99
N ARG C 213 -27.15 8.92 -25.59
CA ARG C 213 -26.13 8.38 -26.49
C ARG C 213 -26.76 7.75 -27.73
N ALA C 214 -27.98 7.24 -27.61
CA ALA C 214 -28.65 6.64 -28.74
C ALA C 214 -29.29 7.66 -29.68
N ILE C 215 -29.37 8.93 -29.27
CA ILE C 215 -29.97 9.93 -30.14
C ILE C 215 -28.90 10.86 -30.73
N ARG C 216 -28.22 11.60 -29.87
CA ARG C 216 -27.23 12.56 -30.33
C ARG C 216 -25.89 11.87 -30.61
N THR C 220 -26.54 16.83 -34.81
CA THR C 220 -25.36 17.55 -34.32
C THR C 220 -24.09 16.79 -34.68
N GLN C 221 -23.59 17.01 -35.89
CA GLN C 221 -22.38 16.33 -36.36
C GLN C 221 -21.28 17.31 -36.73
N ALA C 222 -21.55 18.30 -37.58
CA ALA C 222 -20.50 19.17 -38.09
C ALA C 222 -19.89 20.02 -36.98
N ALA C 223 -20.68 20.39 -35.97
CA ALA C 223 -20.16 21.18 -34.87
C ALA C 223 -19.00 20.48 -34.19
N PHE C 224 -19.07 19.16 -34.08
CA PHE C 224 -17.98 18.40 -33.47
C PHE C 224 -16.69 18.57 -34.26
N LEU C 225 -16.78 18.47 -35.58
CA LEU C 225 -15.59 18.65 -36.41
C LEU C 225 -15.06 20.08 -36.30
N LYS C 226 -15.96 21.06 -36.22
CA LYS C 226 -15.51 22.45 -36.12
C LYS C 226 -14.80 22.71 -34.79
N THR C 227 -15.32 22.14 -33.70
CA THR C 227 -14.64 22.29 -32.41
C THR C 227 -13.30 21.56 -32.41
N LYS C 228 -13.15 20.52 -33.24
CA LYS C 228 -11.93 19.73 -33.28
C LYS C 228 -10.92 20.61 -33.99
N TYR C 229 -11.42 21.28 -35.02
CA TYR C 229 -10.57 22.21 -35.77
C TYR C 229 -10.06 23.33 -34.88
N TRP C 230 -10.97 23.97 -34.13
CA TRP C 230 -10.56 25.07 -33.27
C TRP C 230 -9.59 24.61 -32.18
N SER C 231 -9.78 23.39 -31.67
CA SER C 231 -8.86 22.86 -30.68
C SER C 231 -7.47 22.68 -31.26
N HIS C 232 -7.37 22.02 -32.43
CA HIS C 232 -6.08 21.86 -33.08
C HIS C 232 -5.45 23.23 -33.38
N TYR C 233 -6.28 24.21 -33.73
CA TYR C 233 -5.78 25.56 -33.97
C TYR C 233 -5.14 26.14 -32.71
N ILE C 234 -5.83 26.03 -31.58
CA ILE C 234 -5.27 26.51 -30.32
C ILE C 234 -3.95 25.82 -30.02
N ASP C 235 -3.89 24.50 -30.22
CA ASP C 235 -2.67 23.75 -29.92
C ASP C 235 -1.51 24.23 -30.77
N THR C 236 -1.71 24.30 -32.10
CA THR C 236 -0.61 24.71 -32.96
C THR C 236 -0.22 26.16 -32.71
N GLU C 237 -1.18 27.02 -32.38
CA GLU C 237 -0.84 28.41 -32.05
C GLU C 237 0.07 28.47 -30.82
N ARG C 238 -0.31 27.75 -29.75
CA ARG C 238 0.51 27.77 -28.55
C ARG C 238 1.91 27.20 -28.82
N LYS C 239 2.00 26.11 -29.58
CA LYS C 239 3.30 25.51 -29.81
C LYS C 239 4.18 26.40 -30.68
N LEU C 240 3.60 27.01 -31.73
CA LEU C 240 4.36 27.94 -32.56
C LEU C 240 4.83 29.13 -31.74
N PHE C 241 3.98 29.62 -30.84
CA PHE C 241 4.37 30.78 -30.03
C PHE C 241 5.52 30.44 -29.10
N ASP C 242 5.46 29.29 -28.43
CA ASP C 242 6.56 28.97 -27.52
C ASP C 242 7.84 28.71 -28.28
N GLU C 243 7.74 28.13 -29.48
CA GLU C 243 8.94 27.88 -30.27
C GLU C 243 9.57 29.18 -30.76
N THR C 244 8.75 30.13 -31.22
CA THR C 244 9.32 31.40 -31.68
C THR C 244 9.88 32.20 -30.52
N CYS C 245 9.25 32.11 -29.34
CA CYS C 245 9.84 32.72 -28.15
C CYS C 245 11.20 32.13 -27.85
N LYS C 246 11.31 30.79 -27.88
CA LYS C 246 12.59 30.13 -27.70
C LYS C 246 13.64 30.68 -28.65
N GLU C 247 13.35 30.64 -29.95
CA GLU C 247 14.37 31.00 -30.94
C GLU C 247 14.72 32.48 -30.87
N HIS C 248 13.75 33.35 -30.57
CA HIS C 248 14.04 34.77 -30.50
C HIS C 248 14.77 35.15 -29.23
N ALA C 249 14.60 34.38 -28.15
CA ALA C 249 15.36 34.64 -26.94
C ALA C 249 16.76 34.03 -27.02
N LYS C 250 16.95 33.01 -27.87
CA LYS C 250 18.27 32.42 -28.03
C LYS C 250 19.30 33.44 -28.50
N SER C 251 18.90 34.35 -29.39
CA SER C 251 19.82 35.37 -29.88
C SER C 251 20.32 36.25 -28.74
N PHE C 252 19.40 36.76 -27.93
CA PHE C 252 19.75 37.59 -26.79
C PHE C 252 20.64 36.83 -25.82
N ALA C 253 20.25 35.59 -25.50
CA ALA C 253 21.05 34.73 -24.63
C ALA C 253 22.49 34.61 -25.12
N LYS C 254 22.67 34.31 -26.41
CA LYS C 254 24.01 34.14 -26.95
C LYS C 254 24.77 35.47 -26.97
N VAL C 255 24.06 36.57 -27.20
CA VAL C 255 24.72 37.87 -27.20
C VAL C 255 25.23 38.23 -25.81
N CYS C 256 24.43 37.96 -24.78
CA CYS C 256 24.80 38.33 -23.42
C CYS C 256 25.74 37.32 -22.76
N ILE C 257 25.79 36.08 -23.26
CA ILE C 257 26.68 35.09 -22.68
C ILE C 257 28.13 35.33 -23.07
N GLN C 258 28.38 36.21 -24.04
CA GLN C 258 29.76 36.50 -24.43
C GLN C 258 30.53 37.13 -23.28
N GLN C 259 29.94 38.11 -22.59
CA GLN C 259 30.57 38.66 -21.40
C GLN C 259 30.62 37.64 -20.27
N TYR C 260 29.67 36.70 -20.25
CA TYR C 260 29.64 35.69 -19.19
C TYR C 260 30.92 34.86 -19.20
N PHE C 261 31.42 34.52 -20.39
CA PHE C 261 32.72 33.87 -20.46
C PHE C 261 33.84 34.84 -20.11
N GLU C 262 33.69 36.11 -20.48
CA GLU C 262 34.68 37.12 -20.16
C GLU C 262 34.69 37.44 -18.68
N MET D 19 -6.18 9.94 4.61
CA MET D 19 -4.94 9.35 4.14
C MET D 19 -5.10 8.79 2.72
N VAL D 20 -5.94 7.77 2.59
CA VAL D 20 -6.17 7.16 1.29
C VAL D 20 -6.62 8.19 0.26
N GLN D 21 -7.42 9.17 0.74
CA GLN D 21 -7.93 10.24 -0.11
C GLN D 21 -6.83 11.19 -0.58
N PHE D 22 -5.92 11.55 0.31
CA PHE D 22 -4.83 12.45 -0.07
C PHE D 22 -3.94 11.79 -1.13
N LEU D 23 -3.68 10.50 -0.95
CA LEU D 23 -2.87 9.75 -1.90
C LEU D 23 -3.56 9.71 -3.26
N GLN D 24 -4.87 9.51 -3.25
CA GLN D 24 -5.64 9.48 -4.48
C GLN D 24 -5.57 10.83 -5.18
N ALA D 25 -5.65 11.90 -4.40
CA ALA D 25 -5.57 13.26 -4.95
C ALA D 25 -4.21 13.48 -5.59
N ASN D 26 -3.17 12.99 -4.92
CA ASN D 26 -1.80 13.11 -5.44
C ASN D 26 -1.67 12.37 -6.75
N GLN D 27 -2.28 11.18 -6.83
CA GLN D 27 -2.25 10.38 -8.04
C GLN D 27 -2.95 11.13 -9.17
N GLU D 28 -4.07 11.76 -8.85
CA GLU D 28 -4.83 12.53 -9.83
C GLU D 28 -3.99 13.69 -10.35
N SER D 29 -3.27 14.34 -9.44
CA SER D 29 -2.41 15.46 -9.81
C SER D 29 -1.31 14.99 -10.73
N PHE D 30 -0.75 13.82 -10.43
CA PHE D 30 0.31 13.25 -11.25
C PHE D 30 -0.21 12.93 -12.65
N GLY D 36 -0.05 23.44 -7.35
CA GLY D 36 -1.23 22.73 -6.91
C GLY D 36 -0.92 21.47 -6.12
N ILE D 37 0.25 21.46 -5.47
CA ILE D 37 0.66 20.32 -4.66
C ILE D 37 0.59 20.60 -3.17
N MET D 38 0.71 21.87 -2.75
CA MET D 38 0.64 22.19 -1.33
C MET D 38 -0.71 21.87 -0.72
N ALA D 39 -1.74 21.68 -1.54
CA ALA D 39 -3.07 21.35 -1.01
C ALA D 39 -3.03 20.05 -0.21
N LEU D 40 -2.49 19.00 -0.82
CA LEU D 40 -2.38 17.73 -0.11
C LEU D 40 -1.44 17.85 1.08
N ALA D 41 -0.41 18.69 0.98
CA ALA D 41 0.46 18.94 2.12
C ALA D 41 -0.33 19.48 3.30
N SER D 42 -1.15 20.51 3.07
CA SER D 42 -1.93 21.10 4.14
C SER D 42 -2.94 20.10 4.70
N ALA D 43 -3.64 19.39 3.82
CA ALA D 43 -4.62 18.41 4.28
C ALA D 43 -3.98 17.36 5.16
N GLN D 44 -2.88 16.76 4.70
CA GLN D 44 -2.21 15.73 5.46
C GLN D 44 -1.66 16.27 6.77
N MET D 45 -1.10 17.48 6.75
CA MET D 45 -0.59 18.08 7.96
C MET D 45 -1.69 18.30 8.98
N TYR D 46 -2.90 18.66 8.52
CA TYR D 46 -4.00 18.79 9.45
C TYR D 46 -4.38 17.43 10.02
N SER D 47 -4.50 16.42 9.16
CA SER D 47 -4.89 15.11 9.65
C SER D 47 -3.86 14.55 10.62
N SER D 48 -2.59 14.88 10.44
CA SER D 48 -1.52 14.40 11.29
C SER D 48 -1.16 15.39 12.39
N PHE D 49 -2.15 16.15 12.88
CA PHE D 49 -1.92 17.19 13.88
C PHE D 49 -2.72 16.84 15.13
N GLU D 50 -2.06 16.84 16.27
CA GLU D 50 -2.71 16.52 17.54
C GLU D 50 -3.45 17.75 18.04
N PHE D 51 -4.71 17.86 17.62
CA PHE D 51 -5.52 18.97 18.09
C PHE D 51 -5.91 18.74 19.54
N THR D 52 -5.62 19.71 20.40
CA THR D 52 -5.85 19.57 21.83
C THR D 52 -6.42 20.87 22.38
N CYS D 53 -7.73 20.87 22.62
CA CYS D 53 -8.39 22.04 23.18
C CYS D 53 -8.02 22.17 24.65
N PRO D 54 -7.42 23.28 25.08
CA PRO D 54 -7.00 23.40 26.48
C PRO D 54 -8.13 23.29 27.46
N CYS D 55 -9.37 23.48 27.02
CA CYS D 55 -10.54 23.34 27.88
C CYS D 55 -10.41 24.20 29.14
N LEU D 56 -10.10 25.47 28.90
CA LEU D 56 -9.97 26.47 29.96
C LEU D 56 -10.79 27.67 29.50
N PRO D 57 -11.58 28.27 30.41
CA PRO D 57 -12.41 29.40 29.98
C PRO D 57 -11.60 30.60 29.52
N ASP D 58 -10.37 30.75 29.96
CA ASP D 58 -9.58 31.91 29.58
C ASP D 58 -8.88 31.75 28.24
N TYR D 59 -8.69 30.52 27.76
CA TYR D 59 -7.85 30.29 26.61
C TYR D 59 -8.52 29.55 25.47
N ASN D 60 -9.71 28.97 25.68
CA ASN D 60 -10.37 28.22 24.62
C ASN D 60 -10.51 29.05 23.36
N TYR D 61 -11.09 30.24 23.48
CA TYR D 61 -11.25 31.12 22.33
C TYR D 61 -9.93 31.37 21.64
N ALA D 62 -8.91 31.68 22.43
CA ALA D 62 -7.59 31.95 21.86
C ALA D 62 -7.09 30.76 21.05
N TYR D 63 -7.16 29.57 21.63
CA TYR D 63 -6.62 28.40 20.95
C TYR D 63 -7.40 28.10 19.67
N GLY D 64 -8.72 28.16 19.74
CA GLY D 64 -9.53 27.90 18.57
C GLY D 64 -9.21 28.85 17.43
N ILE D 65 -9.32 30.15 17.70
CA ILE D 65 -9.07 31.12 16.64
C ILE D 65 -7.63 31.03 16.17
N GLY D 66 -6.71 30.65 17.04
CA GLY D 66 -5.33 30.50 16.63
C GLY D 66 -5.15 29.39 15.63
N ILE D 67 -5.63 28.19 15.97
CA ILE D 67 -5.58 27.07 15.04
C ILE D 67 -6.28 27.44 13.74
N LEU D 68 -7.26 28.33 13.81
CA LEU D 68 -7.97 28.71 12.60
C LEU D 68 -7.17 29.69 11.74
N ILE D 69 -6.44 30.61 12.36
CA ILE D 69 -5.91 31.78 11.66
C ILE D 69 -4.41 31.67 11.39
N VAL D 70 -3.63 31.20 12.36
CA VAL D 70 -2.17 31.20 12.19
C VAL D 70 -1.71 30.26 11.09
N PRO D 71 -2.12 28.99 11.05
CA PRO D 71 -1.59 28.08 10.03
C PRO D 71 -1.83 28.58 8.62
N PRO D 72 -3.01 29.14 8.29
CA PRO D 72 -3.14 29.68 6.93
C PRO D 72 -2.20 30.83 6.63
N ILE D 73 -1.91 31.69 7.61
CA ILE D 73 -0.94 32.75 7.39
C ILE D 73 0.43 32.16 7.09
N TRP D 74 0.85 31.17 7.89
CA TRP D 74 2.13 30.55 7.65
C TRP D 74 2.17 29.89 6.28
N PHE D 75 1.06 29.25 5.88
CA PHE D 75 1.01 28.63 4.58
C PHE D 75 1.12 29.66 3.47
N PHE D 76 0.51 30.82 3.67
CA PHE D 76 0.61 31.90 2.69
C PHE D 76 2.07 32.32 2.52
N LEU D 77 2.75 32.56 3.64
CA LEU D 77 4.17 32.92 3.57
C LEU D 77 4.97 31.83 2.88
N LEU D 78 4.72 30.57 3.25
CA LEU D 78 5.45 29.45 2.68
C LEU D 78 5.25 29.39 1.17
N GLY D 79 4.02 29.61 0.71
CA GLY D 79 3.79 29.68 -0.71
C GLY D 79 4.55 30.81 -1.37
N TYR D 80 4.65 31.94 -0.66
CA TYR D 80 5.42 33.06 -1.22
C TYR D 80 6.89 32.70 -1.40
N VAL D 81 7.50 32.08 -0.38
CA VAL D 81 8.96 31.90 -0.43
C VAL D 81 9.33 30.80 -1.41
N MET D 82 8.55 29.72 -1.46
CA MET D 82 8.90 28.58 -2.31
C MET D 82 8.87 28.93 -3.80
N ASN D 83 8.31 30.07 -4.18
CA ASN D 83 8.25 30.45 -5.59
C ASN D 83 9.59 31.02 -6.02
N ASN D 84 10.20 30.40 -7.02
CA ASN D 84 11.57 30.71 -7.44
C ASN D 84 11.71 32.04 -8.16
N ASN D 85 10.69 32.89 -8.26
CA ASN D 85 10.84 34.16 -8.97
C ASN D 85 10.52 35.35 -8.08
N ILE D 86 10.51 35.15 -6.75
CA ILE D 86 10.31 36.28 -5.85
C ILE D 86 11.52 37.21 -5.90
N SER D 87 12.70 36.64 -6.16
CA SER D 87 13.91 37.44 -6.21
C SER D 87 13.82 38.53 -7.26
N VAL D 88 13.36 38.19 -8.46
CA VAL D 88 13.26 39.18 -9.53
C VAL D 88 12.19 40.22 -9.19
N LEU D 89 11.15 39.81 -8.48
CA LEU D 89 10.13 40.76 -8.05
C LEU D 89 10.73 41.80 -7.12
N THR D 90 11.51 41.34 -6.14
CA THR D 90 12.18 42.27 -5.24
C THR D 90 13.16 43.16 -5.99
N GLU D 91 13.91 42.58 -6.93
CA GLU D 91 14.86 43.35 -7.71
C GLU D 91 14.18 44.49 -8.45
N GLU D 92 13.05 44.21 -9.08
CA GLU D 92 12.34 45.24 -9.83
C GLU D 92 11.72 46.27 -8.90
N TRP D 93 11.07 45.81 -7.82
CA TRP D 93 10.51 46.74 -6.86
C TRP D 93 11.58 47.59 -6.19
N LYS D 94 12.85 47.20 -6.31
CA LYS D 94 13.93 47.94 -5.67
C LYS D 94 14.41 49.10 -6.54
N ARG D 95 14.64 48.84 -7.83
CA ARG D 95 15.22 49.84 -8.71
C ARG D 95 14.28 51.04 -8.87
N PRO D 96 14.82 52.20 -9.26
CA PRO D 96 13.94 53.33 -9.61
C PRO D 96 13.14 53.04 -10.87
N VAL D 97 13.84 52.61 -11.92
CA VAL D 97 13.21 52.12 -13.13
C VAL D 97 14.04 50.95 -13.64
N GLY D 98 13.46 49.75 -13.63
CA GLY D 98 14.19 48.55 -13.99
C GLY D 98 14.11 48.22 -15.46
N LYS D 99 15.05 47.39 -15.91
CA LYS D 99 15.04 46.91 -17.30
C LYS D 99 13.78 46.12 -17.61
N ASP D 103 9.36 45.40 -17.04
CA ASP D 103 7.98 45.52 -17.47
C ASP D 103 7.22 46.51 -16.61
N PRO D 104 6.72 47.60 -17.23
CA PRO D 104 5.97 48.64 -16.53
C PRO D 104 4.78 48.07 -15.77
N ALA D 105 4.31 46.90 -16.18
CA ALA D 105 3.15 46.25 -15.52
C ALA D 105 3.16 44.71 -15.50
N VAL D 106 4.15 44.01 -16.08
CA VAL D 106 3.98 42.56 -16.01
C VAL D 106 4.29 42.13 -14.59
N LEU D 107 5.07 42.95 -13.90
CA LEU D 107 5.34 42.76 -12.49
C LEU D 107 4.04 42.61 -11.72
N ARG D 108 3.08 43.50 -11.98
CA ARG D 108 1.74 43.33 -11.42
C ARG D 108 1.20 41.95 -11.78
N TYR D 109 1.35 41.55 -13.05
CA TYR D 109 0.75 40.30 -13.50
C TYR D 109 1.41 39.10 -12.84
N MET D 110 2.74 39.01 -12.89
CA MET D 110 3.41 37.86 -12.30
C MET D 110 3.24 37.84 -10.79
N PHE D 111 3.24 39.01 -10.15
CA PHE D 111 3.02 39.06 -8.71
C PHE D 111 1.63 38.55 -8.36
N SER D 112 0.62 38.97 -9.13
CA SER D 112 -0.74 38.52 -8.85
C SER D 112 -0.89 37.03 -9.13
N SER D 113 -0.24 36.51 -10.16
CA SER D 113 -0.30 35.08 -10.41
C SER D 113 0.33 34.29 -9.28
N MET D 114 1.48 34.76 -8.79
CA MET D 114 2.11 34.12 -7.65
C MET D 114 1.19 34.15 -6.44
N THR D 115 0.57 35.31 -6.18
CA THR D 115 -0.35 35.42 -5.05
C THR D 115 -1.50 34.44 -5.20
N GLN D 116 -2.09 34.35 -6.39
CA GLN D 116 -3.18 33.42 -6.62
C GLN D 116 -2.74 31.98 -6.39
N ARG D 117 -1.57 31.62 -6.91
CA ARG D 117 -1.02 30.29 -6.63
C ARG D 117 -0.88 30.06 -5.14
N ALA D 118 -0.55 31.11 -4.38
CA ALA D 118 -0.26 30.94 -2.97
C ALA D 118 -1.52 30.76 -2.13
N LEU D 119 -2.64 31.32 -2.58
CA LEU D 119 -3.84 31.35 -1.75
C LEU D 119 -4.50 29.98 -1.61
N ILE D 120 -4.05 28.97 -2.34
CA ILE D 120 -4.74 27.68 -2.33
C ILE D 120 -4.65 27.03 -0.96
N ALA D 121 -3.44 26.83 -0.47
CA ALA D 121 -3.23 26.13 0.79
C ALA D 121 -3.98 26.75 1.98
N PRO D 122 -3.98 28.06 2.19
CA PRO D 122 -4.76 28.59 3.33
C PRO D 122 -6.24 28.29 3.20
N ALA D 123 -6.79 28.43 2.00
CA ALA D 123 -8.20 28.13 1.79
C ALA D 123 -8.49 26.67 2.09
N VAL D 124 -7.61 25.77 1.61
CA VAL D 124 -7.80 24.35 1.89
C VAL D 124 -7.77 24.08 3.38
N TRP D 125 -6.82 24.72 4.08
CA TRP D 125 -6.73 24.51 5.52
C TRP D 125 -8.00 24.97 6.22
N ILE D 126 -8.51 26.14 5.85
CA ILE D 126 -9.71 26.66 6.51
C ILE D 126 -10.90 25.75 6.24
N ALA D 127 -11.05 25.33 4.97
CA ALA D 127 -12.15 24.45 4.62
C ALA D 127 -12.09 23.17 5.44
N VAL D 128 -10.92 22.53 5.49
CA VAL D 128 -10.79 21.28 6.21
C VAL D 128 -11.10 21.48 7.69
N THR D 129 -10.47 22.47 8.31
CA THR D 129 -10.68 22.66 9.74
C THR D 129 -12.08 23.14 10.08
N LEU D 130 -12.85 23.61 9.11
CA LEU D 130 -14.23 23.94 9.40
C LEU D 130 -15.15 22.76 9.20
N MET D 131 -14.94 21.96 8.14
CA MET D 131 -15.77 20.79 7.94
C MET D 131 -15.67 19.83 9.10
N ASP D 132 -14.53 19.76 9.75
CA ASP D 132 -14.36 19.00 10.98
C ASP D 132 -14.45 20.00 12.13
N GLY D 133 -15.62 20.08 12.74
CA GLY D 133 -15.88 21.14 13.70
C GLY D 133 -15.14 20.99 15.00
N LYS D 134 -13.82 20.93 14.94
CA LYS D 134 -13.00 20.87 16.15
C LYS D 134 -12.66 22.25 16.67
N SER D 135 -12.09 23.11 15.82
CA SER D 135 -11.71 24.45 16.24
C SER D 135 -12.93 25.26 16.64
N PHE D 136 -13.99 25.18 15.85
CA PHE D 136 -15.23 25.87 16.19
C PHE D 136 -15.74 25.44 17.54
N LEU D 137 -15.74 24.13 17.80
CA LEU D 137 -16.20 23.61 19.07
C LEU D 137 -15.34 24.13 20.22
N CYS D 138 -14.02 24.08 20.06
CA CYS D 138 -13.12 24.57 21.10
C CYS D 138 -13.35 26.04 21.37
N ALA D 139 -13.57 26.83 20.32
CA ALA D 139 -13.66 28.27 20.48
C ALA D 139 -14.98 28.68 21.10
N PHE D 140 -16.09 28.37 20.44
CA PHE D 140 -17.38 28.92 20.84
C PHE D 140 -18.09 28.09 21.88
N SER D 141 -17.40 27.20 22.56
CA SER D 141 -18.05 26.40 23.59
C SER D 141 -18.41 27.20 24.83
N PRO D 142 -17.50 28.01 25.40
CA PRO D 142 -17.83 28.66 26.67
C PRO D 142 -18.87 29.75 26.56
N THR D 143 -18.90 30.49 25.45
CA THR D 143 -19.77 31.64 25.34
C THR D 143 -21.17 31.27 24.85
N ALA D 144 -21.26 30.38 23.87
CA ALA D 144 -22.53 30.10 23.21
C ALA D 144 -23.58 29.67 24.23
N ASP D 145 -24.84 29.93 23.88
CA ASP D 145 -25.97 29.65 24.76
C ASP D 145 -26.51 28.26 24.43
N LEU D 146 -26.38 27.33 25.37
CA LEU D 146 -26.97 26.00 25.26
C LEU D 146 -27.98 25.87 26.39
N SER D 147 -29.19 26.36 26.14
CA SER D 147 -30.22 26.35 27.18
C SER D 147 -31.15 25.16 27.06
N GLU D 148 -31.30 24.60 25.86
CA GLU D 148 -32.09 23.39 25.70
C GLU D 148 -31.32 22.14 26.11
N PHE D 149 -29.99 22.23 26.17
CA PHE D 149 -29.18 21.08 26.53
C PHE D 149 -28.93 20.99 28.03
N VAL D 150 -28.86 22.11 28.73
CA VAL D 150 -28.66 22.09 30.16
C VAL D 150 -29.86 21.47 30.83
N ASN D 151 -29.62 20.57 31.77
CA ASN D 151 -30.69 19.91 32.50
C ASN D 151 -31.62 20.93 33.14
N GLU D 152 -32.87 20.55 33.32
CA GLU D 152 -33.87 21.46 33.87
C GLU D 152 -33.62 21.77 35.33
N SER D 153 -32.99 20.86 36.08
CA SER D 153 -32.72 21.12 37.49
C SER D 153 -31.86 22.36 37.65
N TYR D 154 -30.71 22.39 36.99
CA TYR D 154 -29.85 23.57 37.00
C TYR D 154 -30.18 24.50 35.84
N GLN D 155 -31.45 24.83 35.70
CA GLN D 155 -31.88 25.82 34.73
C GLN D 155 -31.69 27.24 35.22
N SER D 156 -31.23 27.41 36.46
CA SER D 156 -31.06 28.73 37.07
C SER D 156 -29.78 28.68 37.90
N LEU D 157 -28.70 29.23 37.36
CA LEU D 157 -27.43 29.31 38.06
C LEU D 157 -26.55 30.30 37.31
N SER D 158 -25.61 30.89 38.04
CA SER D 158 -24.81 31.97 37.49
C SER D 158 -24.06 31.53 36.25
N GLN D 159 -24.11 32.36 35.20
CA GLN D 159 -23.45 32.05 33.95
C GLN D 159 -21.94 31.88 34.11
N LYS D 160 -21.37 32.40 35.19
CA LYS D 160 -19.94 32.24 35.40
C LYS D 160 -19.58 30.79 35.68
N GLU D 161 -20.45 30.07 36.38
CA GLU D 161 -20.23 28.64 36.59
C GLU D 161 -20.43 27.87 35.29
N LEU D 162 -21.45 28.23 34.53
CA LEU D 162 -21.66 27.59 33.23
C LEU D 162 -20.49 27.85 32.30
N LEU D 163 -19.80 28.97 32.47
CA LEU D 163 -18.57 29.19 31.70
C LEU D 163 -17.58 28.07 31.94
N LYS D 164 -17.23 27.84 33.20
CA LYS D 164 -16.30 26.77 33.53
C LYS D 164 -16.81 25.42 33.05
N ILE D 165 -18.10 25.16 33.22
CA ILE D 165 -18.64 23.85 32.88
C ILE D 165 -18.58 23.62 31.38
N GLN D 166 -19.28 24.46 30.61
CA GLN D 166 -19.27 24.33 29.16
C GLN D 166 -17.87 24.40 28.58
N ALA D 167 -16.94 25.02 29.30
CA ALA D 167 -15.57 25.09 28.82
C ALA D 167 -14.99 23.70 28.62
N LYS D 168 -15.39 22.75 29.46
CA LYS D 168 -14.85 21.39 29.38
C LYS D 168 -15.56 20.52 28.36
N ILE D 169 -16.51 21.06 27.61
CA ILE D 169 -17.32 20.23 26.71
C ILE D 169 -16.48 19.50 25.68
N PRO D 170 -15.54 20.14 24.96
CA PRO D 170 -14.78 19.40 23.95
C PRO D 170 -13.78 18.41 24.54
N CYS D 171 -13.67 18.30 25.85
CA CYS D 171 -12.73 17.39 26.50
C CYS D 171 -13.52 16.20 27.06
N LYS D 172 -13.46 15.08 26.34
CA LYS D 172 -14.19 13.89 26.77
C LYS D 172 -13.76 13.43 28.16
N ASP D 173 -12.47 13.21 28.35
CA ASP D 173 -11.95 12.67 29.59
C ASP D 173 -12.12 13.61 30.77
N ILE D 174 -12.44 14.87 30.55
CA ILE D 174 -12.51 15.85 31.62
C ILE D 174 -13.95 16.20 32.00
N PHE D 175 -14.88 16.19 31.05
CA PHE D 175 -16.24 16.63 31.33
C PHE D 175 -16.91 15.67 32.30
N GLU D 176 -17.13 16.11 33.53
CA GLU D 176 -17.73 15.26 34.54
C GLU D 176 -19.03 15.85 35.09
N GLU D 177 -19.89 16.35 34.20
CA GLU D 177 -21.15 16.94 34.61
C GLU D 177 -22.29 16.41 33.75
N HIS D 178 -22.31 15.10 33.53
CA HIS D 178 -23.41 14.49 32.80
C HIS D 178 -24.76 14.75 33.46
N GLU D 179 -24.76 15.04 34.75
CA GLU D 179 -25.99 15.39 35.45
C GLU D 179 -26.49 16.78 35.11
N ILE D 180 -25.74 17.55 34.32
CA ILE D 180 -26.07 18.93 34.00
C ILE D 180 -26.29 19.14 32.51
N ILE D 181 -25.34 18.69 31.70
CA ILE D 181 -25.36 18.94 30.26
C ILE D 181 -25.02 17.66 29.52
N SER D 182 -25.77 17.37 28.47
CA SER D 182 -25.39 16.29 27.57
C SER D 182 -24.25 16.76 26.68
N ARG D 183 -23.08 16.16 26.84
CA ARG D 183 -21.93 16.56 26.05
C ARG D 183 -22.13 16.25 24.57
N GLU D 184 -22.76 15.12 24.28
CA GLU D 184 -22.85 14.66 22.90
C GLU D 184 -23.81 15.53 22.10
N ALA D 185 -24.95 15.89 22.69
CA ALA D 185 -25.92 16.71 21.98
C ALA D 185 -25.31 18.05 21.59
N ALA D 186 -24.69 18.74 22.57
CA ALA D 186 -24.07 20.02 22.29
C ALA D 186 -22.94 19.87 21.28
N THR D 187 -22.17 18.80 21.39
CA THR D 187 -21.10 18.56 20.43
C THR D 187 -21.64 18.48 19.01
N ARG D 188 -22.67 17.66 18.81
CA ARG D 188 -23.27 17.54 17.49
C ARG D 188 -23.82 18.87 17.02
N TYR D 189 -24.45 19.62 17.92
CA TYR D 189 -25.02 20.92 17.57
C TYR D 189 -23.95 21.84 16.99
N ILE D 190 -22.90 22.09 17.78
CA ILE D 190 -21.87 23.03 17.34
C ILE D 190 -21.15 22.49 16.12
N ARG D 191 -21.02 21.17 16.00
CA ARG D 191 -20.35 20.62 14.84
C ARG D 191 -21.16 20.85 13.57
N CYS D 192 -22.49 20.69 13.66
CA CYS D 192 -23.33 21.01 12.52
C CYS D 192 -23.20 22.48 12.14
N LEU D 193 -23.18 23.37 13.14
CA LEU D 193 -22.96 24.77 12.84
C LEU D 193 -21.67 24.98 12.06
N SER D 194 -20.59 24.33 12.52
CA SER D 194 -19.31 24.48 11.84
C SER D 194 -19.37 23.97 10.41
N GLN D 195 -20.03 22.83 10.21
CA GLN D 195 -20.11 22.28 8.85
C GLN D 195 -20.90 23.20 7.94
N ALA D 196 -21.97 23.81 8.46
CA ALA D 196 -22.72 24.76 7.67
C ALA D 196 -21.84 25.94 7.27
N CYS D 197 -21.10 26.49 8.22
CA CYS D 197 -20.21 27.60 7.90
C CYS D 197 -19.19 27.20 6.85
N GLY D 198 -18.64 25.99 6.98
CA GLY D 198 -17.66 25.54 6.01
C GLY D 198 -18.24 25.41 4.61
N TRP D 199 -19.47 24.92 4.51
CA TRP D 199 -20.10 24.80 3.20
C TRP D 199 -20.36 26.16 2.59
N THR D 200 -20.84 27.12 3.39
CA THR D 200 -21.03 28.47 2.87
C THR D 200 -19.70 29.05 2.40
N PHE D 201 -18.63 28.84 3.17
CA PHE D 201 -17.33 29.34 2.77
C PHE D 201 -16.90 28.75 1.43
N LEU D 202 -17.07 27.43 1.28
CA LEU D 202 -16.71 26.79 0.02
C LEU D 202 -17.51 27.37 -1.13
N MET D 203 -18.80 27.59 -0.93
CA MET D 203 -19.64 28.12 -2.00
C MET D 203 -19.18 29.52 -2.40
N VAL D 204 -18.88 30.36 -1.41
CA VAL D 204 -18.45 31.73 -1.73
C VAL D 204 -17.14 31.71 -2.49
N ILE D 205 -16.19 30.90 -2.04
CA ILE D 205 -14.91 30.83 -2.73
C ILE D 205 -15.09 30.34 -4.16
N THR D 206 -15.95 29.33 -4.37
CA THR D 206 -16.15 28.83 -5.71
C THR D 206 -16.78 29.88 -6.61
N LEU D 207 -17.77 30.62 -6.09
CA LEU D 207 -18.38 31.67 -6.89
C LEU D 207 -17.37 32.74 -7.26
N VAL D 208 -16.53 33.14 -6.30
CA VAL D 208 -15.52 34.16 -6.60
C VAL D 208 -14.55 33.66 -7.66
N ALA D 209 -14.13 32.40 -7.56
CA ALA D 209 -13.23 31.86 -8.56
C ALA D 209 -13.89 31.82 -9.93
N PHE D 210 -15.17 31.45 -9.97
CA PHE D 210 -15.89 31.42 -11.24
C PHE D 210 -15.92 32.80 -11.88
N LEU D 211 -16.26 33.82 -11.09
CA LEU D 211 -16.30 35.18 -11.63
C LEU D 211 -14.94 35.63 -12.11
N VAL D 212 -13.89 35.33 -11.33
CA VAL D 212 -12.54 35.74 -11.72
C VAL D 212 -12.16 35.12 -13.05
N ARG D 213 -12.37 33.81 -13.20
CA ARG D 213 -12.05 33.17 -14.46
C ARG D 213 -12.93 33.68 -15.59
N ALA D 214 -14.15 34.12 -15.27
CA ALA D 214 -15.04 34.63 -16.29
C ALA D 214 -14.74 36.06 -16.67
N ILE D 215 -13.89 36.76 -15.93
CA ILE D 215 -13.58 38.15 -16.26
C ILE D 215 -12.18 38.26 -16.85
N ARG D 216 -11.17 37.94 -16.05
CA ARG D 216 -9.78 38.08 -16.49
C ARG D 216 -9.36 36.87 -17.32
N THR D 220 -6.22 42.14 -19.59
CA THR D 220 -4.90 41.63 -19.28
C THR D 220 -4.55 40.44 -20.17
N GLN D 221 -4.04 40.74 -21.37
CA GLN D 221 -3.69 39.71 -22.34
C GLN D 221 -2.22 39.74 -22.71
N ALA D 222 -1.69 40.89 -23.14
CA ALA D 222 -0.33 40.96 -23.65
C ALA D 222 0.71 40.65 -22.58
N ALA D 223 0.41 41.01 -21.32
CA ALA D 223 1.35 40.73 -20.24
C ALA D 223 1.64 39.24 -20.15
N PHE D 224 0.63 38.40 -20.40
CA PHE D 224 0.84 36.96 -20.36
C PHE D 224 1.88 36.53 -21.40
N LEU D 225 1.74 37.04 -22.62
CA LEU D 225 2.70 36.72 -23.67
C LEU D 225 4.09 37.23 -23.32
N LYS D 226 4.18 38.42 -22.71
CA LYS D 226 5.48 38.96 -22.36
C LYS D 226 6.16 38.12 -21.27
N THR D 227 5.39 37.67 -20.28
CA THR D 227 5.97 36.80 -19.26
C THR D 227 6.37 35.45 -19.84
N LYS D 228 5.73 35.01 -20.94
CA LYS D 228 6.02 33.73 -21.55
C LYS D 228 7.34 33.91 -22.24
N TYR D 229 7.49 35.08 -22.85
CA TYR D 229 8.74 35.41 -23.52
C TYR D 229 9.90 35.43 -22.53
N TRP D 230 9.73 36.13 -21.40
CA TRP D 230 10.80 36.21 -20.42
C TRP D 230 11.13 34.85 -19.83
N SER D 231 10.13 33.99 -19.65
CA SER D 231 10.38 32.65 -19.16
C SER D 231 11.22 31.86 -20.14
N HIS D 232 10.83 31.84 -21.42
CA HIS D 232 11.61 31.15 -22.43
C HIS D 232 13.03 31.72 -22.51
N TYR D 233 13.16 33.03 -22.31
CA TYR D 233 14.48 33.66 -22.29
C TYR D 233 15.33 33.10 -21.17
N ILE D 234 14.77 33.03 -19.96
CA ILE D 234 15.50 32.47 -18.83
C ILE D 234 15.92 31.03 -19.13
N ASP D 235 15.01 30.23 -19.70
CA ASP D 235 15.32 28.84 -19.98
C ASP D 235 16.48 28.72 -20.96
N THR D 236 16.40 29.42 -22.09
CA THR D 236 17.45 29.30 -23.08
C THR D 236 18.77 29.86 -22.57
N GLU D 237 18.73 30.91 -21.74
CA GLU D 237 19.95 31.43 -21.15
C GLU D 237 20.62 30.38 -20.26
N ARG D 238 19.84 29.75 -19.38
CA ARG D 238 20.42 28.73 -18.51
C ARG D 238 20.98 27.56 -19.31
N LYS D 239 20.26 27.12 -20.34
CA LYS D 239 20.74 25.96 -21.09
C LYS D 239 21.99 26.31 -21.89
N LEU D 240 22.03 27.49 -22.51
CA LEU D 240 23.23 27.91 -23.23
C LEU D 240 24.41 28.03 -22.28
N PHE D 241 24.17 28.55 -21.07
CA PHE D 241 25.26 28.71 -20.12
C PHE D 241 25.82 27.35 -19.69
N ASP D 242 24.95 26.39 -19.38
CA ASP D 242 25.48 25.10 -18.95
C ASP D 242 26.20 24.40 -20.09
N GLU D 243 25.70 24.57 -21.32
CA GLU D 243 26.36 23.94 -22.46
C GLU D 243 27.74 24.56 -22.72
N THR D 244 27.85 25.88 -22.64
CA THR D 244 29.16 26.49 -22.87
C THR D 244 30.12 26.17 -21.74
N CYS D 245 29.62 26.04 -20.51
CA CYS D 245 30.46 25.58 -19.42
C CYS D 245 30.98 24.17 -19.70
N LYS D 246 30.09 23.27 -20.13
CA LYS D 246 30.52 21.93 -20.51
C LYS D 246 31.64 21.96 -21.53
N GLU D 247 31.41 22.66 -22.65
CA GLU D 247 32.38 22.60 -23.75
C GLU D 247 33.69 23.28 -23.37
N HIS D 248 33.64 24.36 -22.57
CA HIS D 248 34.86 25.04 -22.19
C HIS D 248 35.63 24.30 -21.12
N ALA D 249 34.96 23.49 -20.31
CA ALA D 249 35.67 22.65 -19.34
C ALA D 249 36.20 21.38 -19.98
N LYS D 250 35.61 20.96 -21.10
CA LYS D 250 36.10 19.77 -21.79
C LYS D 250 37.55 19.93 -22.24
N SER D 251 37.93 21.14 -22.67
CA SER D 251 39.31 21.36 -23.10
C SER D 251 40.29 21.14 -21.95
N PHE D 252 40.01 21.75 -20.80
CA PHE D 252 40.84 21.59 -19.62
C PHE D 252 40.91 20.12 -19.21
N ALA D 253 39.75 19.46 -19.16
CA ALA D 253 39.68 18.04 -18.82
C ALA D 253 40.60 17.21 -19.72
N LYS D 254 40.51 17.43 -21.03
CA LYS D 254 41.33 16.65 -21.96
C LYS D 254 42.80 16.99 -21.83
N VAL D 255 43.11 18.26 -21.51
CA VAL D 255 44.50 18.66 -21.35
C VAL D 255 45.11 17.98 -20.12
N CYS D 256 44.35 17.92 -19.02
CA CYS D 256 44.87 17.37 -17.78
C CYS D 256 44.80 15.85 -17.73
N ILE D 257 43.94 15.23 -18.54
CA ILE D 257 43.85 13.77 -18.54
C ILE D 257 45.03 13.13 -19.25
N GLN D 258 45.84 13.91 -19.97
CA GLN D 258 47.01 13.35 -20.63
C GLN D 258 47.99 12.77 -19.62
N GLN D 259 48.28 13.51 -18.55
CA GLN D 259 49.12 12.97 -17.48
C GLN D 259 48.41 11.84 -16.75
N TYR D 260 47.07 11.86 -16.72
CA TYR D 260 46.32 10.81 -16.03
C TYR D 260 46.61 9.44 -16.63
N PHE D 261 46.72 9.37 -17.96
CA PHE D 261 47.16 8.13 -18.58
C PHE D 261 48.63 7.87 -18.30
N GLU D 262 49.44 8.92 -18.24
CA GLU D 262 50.86 8.77 -17.95
C GLU D 262 51.09 8.37 -16.51
N MET E 19 2.83 8.54 8.78
CA MET E 19 3.26 7.54 7.82
C MET E 19 2.76 7.86 6.42
N VAL E 20 1.43 7.81 6.25
CA VAL E 20 0.84 8.10 4.95
C VAL E 20 1.29 9.46 4.43
N GLN E 21 1.43 10.41 5.37
CA GLN E 21 1.84 11.78 5.04
C GLN E 21 3.29 11.85 4.56
N PHE E 22 4.18 11.11 5.22
CA PHE E 22 5.58 11.12 4.81
C PHE E 22 5.73 10.54 3.40
N LEU E 23 4.99 9.47 3.13
CA LEU E 23 5.02 8.84 1.81
C LEU E 23 4.52 9.81 0.76
N GLN E 24 3.46 10.55 1.09
CA GLN E 24 2.90 11.54 0.16
C GLN E 24 3.92 12.63 -0.12
N ALA E 25 4.63 13.06 0.92
CA ALA E 25 5.67 14.08 0.78
C ALA E 25 6.78 13.57 -0.13
N ASN E 26 7.15 12.31 0.04
CA ASN E 26 8.19 11.69 -0.79
C ASN E 26 7.74 11.67 -2.24
N GLN E 27 6.48 11.34 -2.47
CA GLN E 27 5.93 11.30 -3.81
C GLN E 27 5.97 12.69 -4.43
N GLU E 28 5.64 13.71 -3.64
CA GLU E 28 5.68 15.09 -4.11
C GLU E 28 7.10 15.47 -4.50
N SER E 29 8.07 15.06 -3.69
CA SER E 29 9.47 15.35 -3.95
C SER E 29 9.90 14.69 -5.25
N PHE E 30 9.46 13.45 -5.46
CA PHE E 30 9.78 12.72 -6.68
C PHE E 30 9.20 13.42 -7.90
N GLY E 36 16.84 17.88 -0.13
CA GLY E 36 15.51 18.02 0.41
C GLY E 36 14.82 16.71 0.69
N ILE E 37 15.61 15.67 0.94
CA ILE E 37 15.07 14.35 1.25
C ILE E 37 15.23 13.97 2.72
N MET E 38 16.21 14.53 3.42
CA MET E 38 16.40 14.21 4.83
C MET E 38 15.23 14.65 5.69
N ALA E 39 14.37 15.55 5.18
CA ALA E 39 13.21 15.99 5.95
C ALA E 39 12.31 14.83 6.31
N LEU E 40 11.92 14.04 5.30
CA LEU E 40 11.09 12.87 5.56
C LEU E 40 11.82 11.86 6.42
N ALA E 41 13.14 11.76 6.27
CA ALA E 41 13.92 10.87 7.13
C ALA E 41 13.75 11.27 8.59
N SER E 42 13.92 12.55 8.89
CA SER E 42 13.80 13.02 10.27
C SER E 42 12.39 12.83 10.79
N ALA E 43 11.39 13.19 9.98
CA ALA E 43 10.00 13.03 10.41
C ALA E 43 9.69 11.58 10.74
N GLN E 44 10.02 10.67 9.83
CA GLN E 44 9.73 9.26 10.05
C GLN E 44 10.51 8.72 11.24
N MET E 45 11.77 9.14 11.41
CA MET E 45 12.55 8.69 12.54
C MET E 45 11.94 9.14 13.85
N TYR E 46 11.36 10.36 13.87
CA TYR E 46 10.68 10.79 15.08
C TYR E 46 9.44 9.95 15.33
N SER E 47 8.63 9.73 14.29
CA SER E 47 7.41 8.96 14.48
C SER E 47 7.72 7.54 14.92
N SER E 48 8.85 6.98 14.48
CA SER E 48 9.26 5.63 14.82
C SER E 48 10.21 5.58 16.01
N PHE E 49 10.06 6.51 16.95
CA PHE E 49 10.96 6.62 18.09
C PHE E 49 10.15 6.43 19.37
N GLU E 50 10.61 5.54 20.22
CA GLU E 50 9.92 5.24 21.48
C GLU E 50 10.28 6.32 22.49
N PHE E 51 9.50 7.40 22.51
CA PHE E 51 9.73 8.44 23.48
C PHE E 51 9.28 7.98 24.86
N THR E 52 10.19 8.05 25.83
CA THR E 52 9.91 7.54 27.17
C THR E 52 10.44 8.53 28.20
N CYS E 53 9.54 9.29 28.79
CA CYS E 53 9.91 10.24 29.83
C CYS E 53 10.27 9.49 31.11
N PRO E 54 11.48 9.64 31.64
CA PRO E 54 11.85 8.87 32.83
C PRO E 54 10.98 9.16 34.03
N CYS E 55 10.27 10.27 34.03
CA CYS E 55 9.34 10.61 35.11
C CYS E 55 10.04 10.56 36.47
N LEU E 56 11.17 11.27 36.52
CA LEU E 56 11.98 11.40 37.73
C LEU E 56 12.28 12.88 37.89
N PRO E 57 12.15 13.41 39.11
CA PRO E 57 12.39 14.85 39.27
C PRO E 57 13.81 15.28 38.95
N ASP E 58 14.78 14.37 39.06
CA ASP E 58 16.16 14.74 38.80
C ASP E 58 16.53 14.71 37.33
N TYR E 59 15.78 14.01 36.49
CA TYR E 59 16.21 13.76 35.13
C TYR E 59 15.20 14.19 34.07
N ASN E 60 13.97 14.52 34.44
CA ASN E 60 12.97 14.90 33.45
C ASN E 60 13.48 16.04 32.56
N TYR E 61 13.93 17.13 33.18
CA TYR E 61 14.46 18.26 32.42
C TYR E 61 15.56 17.82 31.48
N ALA E 62 16.49 17.02 31.99
CA ALA E 62 17.60 16.55 31.17
C ALA E 62 17.10 15.80 29.96
N TYR E 63 16.19 14.84 30.16
CA TYR E 63 15.72 14.01 29.06
C TYR E 63 14.98 14.85 28.03
N GLY E 64 14.10 15.74 28.49
CA GLY E 64 13.36 16.58 27.58
C GLY E 64 14.27 17.42 26.71
N ILE E 65 15.12 18.22 27.35
CA ILE E 65 15.99 19.10 26.58
C ILE E 65 16.93 18.28 25.71
N GLY E 66 17.29 17.07 26.14
CA GLY E 66 18.16 16.24 25.33
C GLY E 66 17.48 15.80 24.05
N ILE E 67 16.29 15.22 24.16
CA ILE E 67 15.52 14.85 22.98
C ILE E 67 15.31 16.06 22.10
N LEU E 68 15.26 17.25 22.69
CA LEU E 68 15.05 18.45 21.88
C LEU E 68 16.31 18.89 21.15
N ILE E 69 17.48 18.75 21.76
CA ILE E 69 18.69 19.42 21.30
C ILE E 69 19.65 18.47 20.59
N VAL E 70 19.85 17.26 21.13
CA VAL E 70 20.87 16.37 20.55
C VAL E 70 20.52 15.92 19.15
N PRO E 71 19.33 15.39 18.87
CA PRO E 71 19.04 14.87 17.54
C PRO E 71 19.23 15.92 16.45
N PRO E 72 18.83 17.18 16.64
CA PRO E 72 19.12 18.16 15.58
C PRO E 72 20.61 18.38 15.36
N ILE E 73 21.41 18.35 16.42
CA ILE E 73 22.85 18.47 16.25
C ILE E 73 23.39 17.32 15.41
N TRP E 74 22.97 16.10 15.75
CA TRP E 74 23.41 14.94 14.99
C TRP E 74 22.96 15.04 13.54
N PHE E 75 21.75 15.53 13.31
CA PHE E 75 21.25 15.69 11.95
C PHE E 75 22.08 16.72 11.20
N PHE E 76 22.49 17.79 11.88
CA PHE E 76 23.34 18.78 11.25
C PHE E 76 24.65 18.16 10.80
N LEU E 77 25.30 17.42 11.69
CA LEU E 77 26.54 16.75 11.33
C LEU E 77 26.32 15.78 10.16
N LEU E 78 25.25 15.00 10.22
CA LEU E 78 24.94 14.05 9.17
C LEU E 78 24.77 14.74 7.83
N GLY E 79 24.07 15.88 7.83
CA GLY E 79 23.97 16.65 6.60
C GLY E 79 25.31 17.13 6.11
N TYR E 80 26.19 17.49 7.03
CA TYR E 80 27.53 17.92 6.62
C TYR E 80 28.30 16.79 5.94
N VAL E 81 28.27 15.59 6.52
CA VAL E 81 29.15 14.54 6.01
C VAL E 81 28.62 13.98 4.70
N MET E 82 27.30 13.82 4.57
CA MET E 82 26.74 13.23 3.37
C MET E 82 26.98 14.06 2.12
N ASN E 83 27.40 15.31 2.24
CA ASN E 83 27.63 16.15 1.08
C ASN E 83 28.99 15.79 0.46
N ASN E 84 28.97 15.40 -0.81
CA ASN E 84 30.14 14.87 -1.50
C ASN E 84 31.20 15.91 -1.82
N ASN E 85 31.10 17.17 -1.38
CA ASN E 85 32.12 18.15 -1.72
C ASN E 85 32.76 18.76 -0.47
N ILE E 86 32.59 18.12 0.69
CA ILE E 86 33.26 18.61 1.89
C ILE E 86 34.77 18.41 1.76
N SER E 87 35.19 17.38 1.03
CA SER E 87 36.61 17.10 0.86
C SER E 87 37.33 18.29 0.23
N VAL E 88 36.77 18.85 -0.84
CA VAL E 88 37.42 19.97 -1.50
C VAL E 88 37.42 21.20 -0.60
N LEU E 89 36.39 21.35 0.23
CA LEU E 89 36.37 22.46 1.19
C LEU E 89 37.53 22.35 2.16
N THR E 90 37.74 21.14 2.71
CA THR E 90 38.87 20.94 3.60
C THR E 90 40.20 21.15 2.88
N GLU E 91 40.30 20.66 1.64
CA GLU E 91 41.52 20.84 0.87
C GLU E 91 41.87 22.31 0.72
N GLU E 92 40.87 23.12 0.38
CA GLU E 92 41.13 24.55 0.18
C GLU E 92 41.43 25.24 1.50
N TRP E 93 40.65 24.95 2.54
CA TRP E 93 40.93 25.52 3.85
C TRP E 93 42.28 25.10 4.40
N LYS E 94 42.88 24.05 3.81
CA LYS E 94 44.17 23.56 4.30
C LYS E 94 45.33 24.32 3.69
N ARG E 95 45.32 24.52 2.37
CA ARG E 95 46.44 25.13 1.68
C ARG E 95 46.64 26.57 2.14
N PRO E 96 47.85 27.12 1.96
CA PRO E 96 48.07 28.55 2.21
C PRO E 96 47.31 29.40 1.20
N VAL E 97 47.47 29.08 -0.09
CA VAL E 97 46.69 29.67 -1.16
C VAL E 97 46.43 28.58 -2.19
N GLY E 98 45.16 28.20 -2.35
CA GLY E 98 44.81 27.10 -3.23
C GLY E 98 44.52 27.54 -4.64
N LYS E 99 44.58 26.57 -5.56
CA LYS E 99 44.24 26.83 -6.95
C LYS E 99 42.80 27.28 -7.11
N ASP E 103 39.21 29.50 -5.53
CA ASP E 103 38.32 30.67 -5.49
C ASP E 103 38.51 31.46 -4.20
N PRO E 104 38.95 32.72 -4.33
CA PRO E 104 39.18 33.60 -3.18
C PRO E 104 37.93 33.72 -2.30
N ALA E 105 36.77 33.45 -2.87
CA ALA E 105 35.49 33.54 -2.12
C ALA E 105 34.39 32.54 -2.54
N VAL E 106 34.57 31.69 -3.56
CA VAL E 106 33.42 30.83 -3.84
C VAL E 106 33.31 29.79 -2.75
N LEU E 107 34.45 29.52 -2.12
CA LEU E 107 34.49 28.65 -0.95
C LEU E 107 33.48 29.11 0.08
N ARG E 108 33.45 30.41 0.37
CA ARG E 108 32.40 30.96 1.21
C ARG E 108 31.03 30.59 0.65
N TYR E 109 30.86 30.74 -0.66
CA TYR E 109 29.54 30.53 -1.26
C TYR E 109 29.13 29.07 -1.18
N MET E 110 30.00 28.15 -1.63
CA MET E 110 29.62 26.75 -1.60
C MET E 110 29.48 26.24 -0.18
N PHE E 111 30.33 26.72 0.74
CA PHE E 111 30.20 26.32 2.14
C PHE E 111 28.86 26.78 2.70
N SER E 112 28.47 28.02 2.41
CA SER E 112 27.21 28.52 2.93
C SER E 112 26.03 27.78 2.30
N SER E 113 26.13 27.43 1.03
CA SER E 113 25.04 26.67 0.40
C SER E 113 24.92 25.30 1.04
N MET E 114 26.05 24.64 1.29
CA MET E 114 26.02 23.36 1.98
C MET E 114 25.40 23.50 3.36
N THR E 115 25.79 24.54 4.09
CA THR E 115 25.22 24.76 5.42
C THR E 115 23.72 24.96 5.34
N GLN E 116 23.26 25.77 4.40
CA GLN E 116 21.83 25.99 4.23
C GLN E 116 21.10 24.69 3.92
N ARG E 117 21.65 23.89 3.00
CA ARG E 117 21.09 22.59 2.73
C ARG E 117 21.01 21.74 3.99
N ALA E 118 21.99 21.89 4.88
CA ALA E 118 22.07 21.02 6.05
C ALA E 118 21.06 21.41 7.13
N LEU E 119 20.69 22.68 7.19
CA LEU E 119 19.86 23.16 8.30
C LEU E 119 18.42 22.67 8.23
N ILE E 120 18.01 22.02 7.15
CA ILE E 120 16.61 21.65 6.99
C ILE E 120 16.20 20.63 8.04
N ALA E 121 16.90 19.51 8.09
CA ALA E 121 16.53 18.43 8.99
C ALA E 121 16.45 18.83 10.46
N PRO E 122 17.39 19.59 11.03
CA PRO E 122 17.21 19.97 12.44
C PRO E 122 15.98 20.81 12.67
N ALA E 123 15.70 21.75 11.76
CA ALA E 123 14.50 22.57 11.89
C ALA E 123 13.26 21.70 11.83
N VAL E 124 13.22 20.75 10.89
CA VAL E 124 12.06 19.86 10.80
C VAL E 124 11.90 19.08 12.09
N TRP E 125 13.00 18.57 12.63
CA TRP E 125 12.91 17.80 13.87
C TRP E 125 12.35 18.65 15.00
N ILE E 126 12.85 19.88 15.13
CA ILE E 126 12.38 20.74 16.22
C ILE E 126 10.91 21.05 16.06
N ALA E 127 10.50 21.40 14.83
CA ALA E 127 9.11 21.70 14.57
C ALA E 127 8.22 20.52 14.95
N VAL E 128 8.58 19.32 14.48
CA VAL E 128 7.77 18.15 14.75
C VAL E 128 7.69 17.88 16.24
N THR E 129 8.83 17.86 16.92
CA THR E 129 8.82 17.54 18.34
C THR E 129 8.19 18.63 19.19
N LEU E 130 8.00 19.82 18.65
CA LEU E 130 7.28 20.84 19.40
C LEU E 130 5.78 20.77 19.15
N MET E 131 5.37 20.55 17.90
CA MET E 131 3.94 20.43 17.61
C MET E 131 3.31 19.29 18.38
N ASP E 132 4.07 18.23 18.63
CA ASP E 132 3.63 17.14 19.50
C ASP E 132 4.29 17.38 20.86
N GLY E 133 3.53 17.96 21.78
CA GLY E 133 4.09 18.42 23.03
C GLY E 133 4.50 17.32 23.97
N LYS E 134 5.38 16.44 23.52
CA LYS E 134 5.89 15.37 24.37
C LYS E 134 7.13 15.82 25.14
N SER E 135 8.14 16.32 24.44
CA SER E 135 9.37 16.75 25.09
C SER E 135 9.10 17.91 26.04
N PHE E 136 8.31 18.88 25.59
CA PHE E 136 7.95 20.00 26.45
C PHE E 136 7.28 19.52 27.72
N LEU E 137 6.34 18.58 27.58
CA LEU E 137 5.64 18.05 28.74
C LEU E 137 6.60 17.35 29.69
N CYS E 138 7.48 16.51 29.15
CA CYS E 138 8.45 15.81 29.98
C CYS E 138 9.35 16.79 30.71
N ALA E 139 9.77 17.85 30.03
CA ALA E 139 10.74 18.77 30.61
C ALA E 139 10.12 19.65 31.67
N PHE E 140 9.13 20.45 31.30
CA PHE E 140 8.63 21.49 32.18
C PHE E 140 7.52 21.01 33.10
N SER E 141 7.36 19.71 33.28
CA SER E 141 6.33 19.23 34.18
C SER E 141 6.66 19.48 35.65
N PRO E 142 7.86 19.16 36.14
CA PRO E 142 8.10 19.28 37.58
C PRO E 142 8.16 20.71 38.09
N THR E 143 8.68 21.63 37.29
CA THR E 143 8.90 23.00 37.75
C THR E 143 7.67 23.87 37.60
N ALA E 144 6.96 23.77 36.48
CA ALA E 144 5.88 24.69 36.16
C ALA E 144 4.83 24.70 37.27
N ASP E 145 4.15 25.84 37.39
CA ASP E 145 3.16 26.05 38.44
C ASP E 145 1.79 25.66 37.90
N LEU E 146 1.21 24.62 38.46
CA LEU E 146 -0.15 24.19 38.16
C LEU E 146 -0.96 24.32 39.44
N SER E 147 -1.44 25.53 39.70
CA SER E 147 -2.17 25.78 40.93
C SER E 147 -3.68 25.69 40.76
N GLU E 148 -4.17 25.91 39.55
CA GLU E 148 -5.60 25.74 39.28
C GLU E 148 -5.96 24.27 39.09
N PHE E 149 -4.97 23.42 38.79
CA PHE E 149 -5.23 22.01 38.57
C PHE E 149 -5.14 21.19 39.84
N VAL E 150 -4.28 21.58 40.78
CA VAL E 150 -4.15 20.85 42.03
C VAL E 150 -5.45 20.99 42.81
N ASN E 151 -5.93 19.88 43.34
CA ASN E 151 -7.15 19.87 44.13
C ASN E 151 -7.06 20.88 45.28
N GLU E 152 -8.22 21.39 45.68
CA GLU E 152 -8.25 22.40 46.73
C GLU E 152 -7.86 21.86 48.09
N SER E 153 -8.09 20.57 48.34
CA SER E 153 -7.72 19.98 49.62
C SER E 153 -6.22 20.13 49.87
N TYR E 154 -5.40 19.66 48.95
CA TYR E 154 -3.96 19.84 49.04
C TYR E 154 -3.50 21.12 48.35
N GLN E 155 -4.16 22.22 48.67
CA GLN E 155 -3.74 23.52 48.18
C GLN E 155 -2.58 24.09 48.97
N SER E 156 -2.15 23.41 50.03
CA SER E 156 -1.09 23.89 50.90
C SER E 156 -0.24 22.69 51.29
N LEU E 157 0.91 22.54 50.64
CA LEU E 157 1.86 21.47 50.95
C LEU E 157 3.18 21.81 50.27
N SER E 158 4.25 21.28 50.85
CA SER E 158 5.60 21.66 50.42
C SER E 158 5.80 21.37 48.94
N GLN E 159 6.36 22.37 48.23
CA GLN E 159 6.60 22.22 46.80
C GLN E 159 7.53 21.07 46.48
N LYS E 160 8.30 20.59 47.45
CA LYS E 160 9.18 19.45 47.19
C LYS E 160 8.37 18.18 46.93
N GLU E 161 7.25 18.02 47.62
CA GLU E 161 6.38 16.89 47.34
C GLU E 161 5.69 17.04 45.99
N LEU E 162 5.25 18.26 45.69
CA LEU E 162 4.65 18.51 44.38
C LEU E 162 5.65 18.26 43.27
N LEU E 163 6.94 18.45 43.54
CA LEU E 163 7.95 18.10 42.55
C LEU E 163 7.83 16.64 42.17
N LYS E 164 7.91 15.75 43.16
CA LYS E 164 7.78 14.32 42.90
C LYS E 164 6.46 14.00 42.23
N ILE E 165 5.37 14.62 42.68
CA ILE E 165 4.06 14.27 42.15
C ILE E 165 3.94 14.69 40.69
N GLN E 166 4.06 15.99 40.42
CA GLN E 166 3.97 16.49 39.05
C GLN E 166 5.00 15.84 38.15
N ALA E 167 6.09 15.34 38.71
CA ALA E 167 7.10 14.66 37.90
C ALA E 167 6.50 13.47 37.16
N LYS E 168 5.53 12.80 37.78
CA LYS E 168 4.94 11.61 37.17
C LYS E 168 3.82 11.94 36.19
N ILE E 169 3.55 13.21 35.93
CA ILE E 169 2.40 13.58 35.11
C ILE E 169 2.46 12.96 33.71
N PRO E 170 3.57 13.04 32.97
CA PRO E 170 3.57 12.47 31.61
C PRO E 170 3.55 10.95 31.59
N CYS E 171 3.54 10.29 32.73
CA CYS E 171 3.55 8.82 32.80
C CYS E 171 2.15 8.36 33.20
N LYS E 172 1.38 7.89 32.21
CA LYS E 172 0.01 7.46 32.48
C LYS E 172 -0.02 6.33 33.50
N ASP E 173 0.72 5.25 33.24
CA ASP E 173 0.68 4.07 34.08
C ASP E 173 1.23 4.30 35.48
N ILE E 174 1.92 5.41 35.72
CA ILE E 174 2.57 5.65 36.99
C ILE E 174 1.82 6.67 37.86
N PHE E 175 1.17 7.65 37.25
CA PHE E 175 0.54 8.72 38.02
C PHE E 175 -0.62 8.16 38.82
N GLU E 176 -0.45 8.10 40.14
CA GLU E 176 -1.49 7.54 41.00
C GLU E 176 -1.98 8.56 42.03
N GLU E 177 -2.22 9.80 41.60
CA GLU E 177 -2.67 10.84 42.51
C GLU E 177 -3.83 11.61 41.90
N HIS E 178 -4.80 10.87 41.33
CA HIS E 178 -5.99 11.51 40.81
C HIS E 178 -6.74 12.30 41.87
N GLU E 179 -6.54 11.97 43.14
CA GLU E 179 -7.14 12.72 44.23
C GLU E 179 -6.49 14.07 44.44
N ILE E 180 -5.42 14.37 43.72
CA ILE E 180 -4.65 15.60 43.92
C ILE E 180 -4.64 16.47 42.67
N ILE E 181 -4.31 15.89 41.53
CA ILE E 181 -4.13 16.63 40.29
C ILE E 181 -4.81 15.90 39.16
N SER E 182 -5.54 16.62 38.32
CA SER E 182 -6.05 16.05 37.08
C SER E 182 -4.91 15.95 36.08
N ARG E 183 -4.54 14.73 35.72
CA ARG E 183 -3.45 14.55 34.78
C ARG E 183 -3.80 15.08 33.40
N GLU E 184 -5.05 14.88 32.99
CA GLU E 184 -5.44 15.21 31.62
C GLU E 184 -5.48 16.72 31.41
N ALA E 185 -6.02 17.45 32.37
CA ALA E 185 -6.09 18.90 32.23
C ALA E 185 -4.70 19.51 32.08
N ALA E 186 -3.79 19.15 32.99
CA ALA E 186 -2.43 19.67 32.92
C ALA E 186 -1.74 19.24 31.63
N THR E 187 -1.99 17.99 31.21
CA THR E 187 -1.41 17.53 29.96
C THR E 187 -1.84 18.40 28.79
N ARG E 188 -3.14 18.64 28.67
CA ARG E 188 -3.64 19.49 27.60
C ARG E 188 -3.06 20.88 27.69
N TYR E 189 -2.96 21.41 28.92
CA TYR E 189 -2.43 22.75 29.11
C TYR E 189 -1.02 22.86 28.54
N ILE E 190 -0.11 22.02 29.04
CA ILE E 190 1.27 22.11 28.60
C ILE E 190 1.40 21.78 27.13
N ARG E 191 0.54 20.90 26.61
CA ARG E 191 0.61 20.58 25.20
C ARG E 191 0.22 21.76 24.34
N CYS E 192 -0.81 22.50 24.75
CA CYS E 192 -1.17 23.73 24.04
C CYS E 192 -0.02 24.72 24.06
N LEU E 193 0.62 24.87 25.22
CA LEU E 193 1.80 25.75 25.28
C LEU E 193 2.84 25.34 24.25
N SER E 194 3.13 24.03 24.19
CA SER E 194 4.13 23.54 23.24
C SER E 194 3.72 23.84 21.81
N GLN E 195 2.45 23.63 21.49
CA GLN E 195 1.99 23.88 20.11
C GLN E 195 2.12 25.35 19.76
N ALA E 196 1.80 26.23 20.71
CA ALA E 196 1.97 27.65 20.47
C ALA E 196 3.43 27.99 20.19
N CYS E 197 4.34 27.46 21.01
CA CYS E 197 5.76 27.71 20.77
C CYS E 197 6.19 27.19 19.41
N GLY E 198 5.69 26.02 19.02
CA GLY E 198 6.05 25.46 17.72
C GLY E 198 5.56 26.33 16.57
N TRP E 199 4.35 26.87 16.70
CA TRP E 199 3.83 27.73 15.64
C TRP E 199 4.65 29.02 15.54
N THR E 200 4.99 29.63 16.68
CA THR E 200 5.84 30.82 16.64
C THR E 200 7.18 30.50 15.99
N PHE E 201 7.77 29.36 16.33
CA PHE E 201 9.03 28.96 15.73
C PHE E 201 8.90 28.85 14.21
N LEU E 202 7.85 28.17 13.76
CA LEU E 202 7.64 28.04 12.32
C LEU E 202 7.50 29.40 11.66
N MET E 203 6.75 30.31 12.27
CA MET E 203 6.57 31.62 11.67
C MET E 203 7.89 32.37 11.57
N VAL E 204 8.70 32.33 12.63
CA VAL E 204 9.98 33.03 12.61
C VAL E 204 10.89 32.46 11.53
N ILE E 205 10.96 31.13 11.43
CA ILE E 205 11.81 30.52 10.42
C ILE E 205 11.33 30.91 9.03
N THR E 206 10.02 30.91 8.80
CA THR E 206 9.50 31.26 7.48
C THR E 206 9.82 32.71 7.13
N LEU E 207 9.67 33.62 8.09
CA LEU E 207 10.00 35.01 7.84
C LEU E 207 11.49 35.17 7.51
N VAL E 208 12.35 34.50 8.26
CA VAL E 208 13.78 34.58 7.99
C VAL E 208 14.10 34.06 6.60
N ALA E 209 13.49 32.94 6.21
CA ALA E 209 13.73 32.40 4.88
C ALA E 209 13.25 33.36 3.81
N PHE E 210 12.09 33.99 4.04
CA PHE E 210 11.58 34.95 3.07
C PHE E 210 12.55 36.11 2.88
N LEU E 211 13.05 36.67 3.99
CA LEU E 211 13.99 37.77 3.89
C LEU E 211 15.28 37.34 3.19
N VAL E 212 15.78 36.17 3.52
CA VAL E 212 17.02 35.68 2.89
C VAL E 212 16.84 35.57 1.39
N ARG E 213 15.75 34.93 0.94
CA ARG E 213 15.52 34.83 -0.48
C ARG E 213 15.28 36.18 -1.12
N ALA E 214 14.74 37.13 -0.36
CA ALA E 214 14.49 38.46 -0.90
C ALA E 214 15.74 39.33 -0.93
N ILE E 215 16.83 38.91 -0.30
CA ILE E 215 18.04 39.72 -0.30
C ILE E 215 19.10 39.11 -1.21
N ARG E 216 19.57 37.91 -0.85
CA ARG E 216 20.63 37.27 -1.61
C ARG E 216 20.07 36.54 -2.83
N THR E 220 26.03 38.74 -4.33
CA THR E 220 26.59 37.41 -4.57
C THR E 220 25.98 36.79 -5.82
N GLN E 221 26.55 37.12 -6.98
CA GLN E 221 26.06 36.62 -8.25
C GLN E 221 27.11 35.82 -9.01
N ALA E 222 28.30 36.38 -9.22
CA ALA E 222 29.29 35.73 -10.07
C ALA E 222 29.79 34.42 -9.47
N ALA E 223 29.84 34.34 -8.13
CA ALA E 223 30.28 33.11 -7.49
C ALA E 223 29.41 31.93 -7.90
N PHE E 224 28.12 32.16 -8.08
CA PHE E 224 27.22 31.09 -8.51
C PHE E 224 27.64 30.56 -9.88
N LEU E 225 27.92 31.46 -10.81
CA LEU E 225 28.36 31.04 -12.14
C LEU E 225 29.68 30.30 -12.07
N LYS E 226 30.60 30.76 -11.21
CA LYS E 226 31.89 30.10 -11.10
C LYS E 226 31.76 28.69 -10.54
N THR E 227 30.90 28.52 -9.54
CA THR E 227 30.67 27.16 -9.01
C THR E 227 29.98 26.28 -10.04
N LYS E 228 29.23 26.87 -10.98
CA LYS E 228 28.51 26.10 -11.98
C LYS E 228 29.56 25.62 -12.94
N TYR E 229 30.51 26.50 -13.21
CA TYR E 229 31.62 26.16 -14.10
C TYR E 229 32.44 25.02 -13.51
N TRP E 230 32.80 25.13 -12.24
CA TRP E 230 33.62 24.07 -11.62
C TRP E 230 32.86 22.75 -11.56
N SER E 231 31.55 22.80 -11.35
CA SER E 231 30.75 21.58 -11.35
C SER E 231 30.78 20.91 -12.71
N HIS E 232 30.49 21.68 -13.77
CA HIS E 232 30.55 21.13 -15.11
C HIS E 232 31.93 20.59 -15.43
N TYR E 233 32.97 21.25 -14.92
CA TYR E 233 34.34 20.78 -15.10
C TYR E 233 34.52 19.40 -14.47
N ILE E 234 34.08 19.25 -13.22
CA ILE E 234 34.18 17.95 -12.56
C ILE E 234 33.44 16.88 -13.36
N ASP E 235 32.24 17.21 -13.84
CA ASP E 235 31.45 16.23 -14.58
C ASP E 235 32.17 15.78 -15.84
N THR E 236 32.63 16.74 -16.66
CA THR E 236 33.28 16.36 -17.90
C THR E 236 34.60 15.64 -17.64
N GLU E 237 35.31 16.00 -16.58
CA GLU E 237 36.54 15.29 -16.25
C GLU E 237 36.24 13.83 -15.92
N ARG E 238 35.25 13.58 -15.06
CA ARG E 238 34.91 12.20 -14.72
C ARG E 238 34.47 11.42 -15.94
N LYS E 239 33.65 12.01 -16.80
CA LYS E 239 33.16 11.27 -17.96
C LYS E 239 34.28 10.98 -18.95
N LEU E 240 35.16 11.96 -19.19
CA LEU E 240 36.29 11.72 -20.08
C LEU E 240 37.20 10.64 -19.51
N PHE E 241 37.40 10.64 -18.19
CA PHE E 241 38.27 9.64 -17.59
C PHE E 241 37.68 8.24 -17.73
N ASP E 242 36.39 8.08 -17.46
CA ASP E 242 35.82 6.73 -17.59
C ASP E 242 35.81 6.27 -19.04
N GLU E 243 35.60 7.20 -19.97
CA GLU E 243 35.62 6.81 -21.38
C GLU E 243 37.01 6.40 -21.84
N THR E 244 38.05 7.15 -21.43
CA THR E 244 39.39 6.76 -21.84
C THR E 244 39.83 5.47 -21.17
N CYS E 245 39.38 5.23 -19.93
CA CYS E 245 39.62 3.94 -19.31
C CYS E 245 38.98 2.81 -20.10
N LYS E 246 37.72 3.00 -20.50
CA LYS E 246 37.05 2.02 -21.35
C LYS E 246 37.86 1.72 -22.59
N GLU E 247 38.21 2.76 -23.36
CA GLU E 247 38.84 2.53 -24.66
C GLU E 247 40.24 1.94 -24.49
N HIS E 248 40.97 2.33 -23.45
CA HIS E 248 42.31 1.80 -23.26
C HIS E 248 42.31 0.39 -22.71
N ALA E 249 41.25 0.00 -22.00
CA ALA E 249 41.15 -1.39 -21.55
C ALA E 249 40.61 -2.29 -22.65
N LYS E 250 39.89 -1.72 -23.62
CA LYS E 250 39.38 -2.52 -24.73
C LYS E 250 40.51 -3.20 -25.50
N SER E 251 41.65 -2.51 -25.67
CA SER E 251 42.77 -3.10 -26.39
C SER E 251 43.27 -4.34 -25.68
N PHE E 252 43.53 -4.24 -24.38
CA PHE E 252 43.98 -5.36 -23.58
C PHE E 252 42.97 -6.50 -23.63
N ALA E 253 41.69 -6.18 -23.44
CA ALA E 253 40.61 -7.18 -23.52
C ALA E 253 40.66 -7.94 -24.83
N LYS E 254 40.76 -7.23 -25.95
CA LYS E 254 40.77 -7.89 -27.25
C LYS E 254 42.05 -8.69 -27.45
N VAL E 255 43.17 -8.22 -26.90
CA VAL E 255 44.43 -8.95 -27.03
C VAL E 255 44.35 -10.27 -26.27
N CYS E 256 43.78 -10.25 -25.06
CA CYS E 256 43.74 -11.45 -24.23
C CYS E 256 42.59 -12.38 -24.59
N ILE E 257 41.55 -11.89 -25.26
CA ILE E 257 40.44 -12.75 -25.65
C ILE E 257 40.79 -13.65 -26.82
N GLN E 258 41.93 -13.41 -27.49
CA GLN E 258 42.34 -14.26 -28.58
C GLN E 258 42.61 -15.69 -28.11
N GLN E 259 43.34 -15.84 -26.99
CA GLN E 259 43.52 -17.16 -26.41
C GLN E 259 42.21 -17.70 -25.85
N TYR E 260 41.29 -16.82 -25.44
CA TYR E 260 40.02 -17.27 -24.89
C TYR E 260 39.24 -18.09 -25.90
N PHE E 261 39.28 -17.67 -27.17
CA PHE E 261 38.69 -18.50 -28.21
C PHE E 261 39.52 -19.75 -28.45
N GLU E 262 40.84 -19.64 -28.34
CA GLU E 262 41.73 -20.78 -28.52
C GLU E 262 41.59 -21.77 -27.37
N MET F 19 8.06 0.05 9.63
CA MET F 19 7.64 -0.49 8.35
C MET F 19 7.53 0.61 7.29
N VAL F 20 6.58 1.52 7.51
CA VAL F 20 6.38 2.62 6.57
C VAL F 20 7.67 3.40 6.35
N GLN F 21 8.45 3.53 7.44
CA GLN F 21 9.72 4.25 7.40
C GLN F 21 10.77 3.54 6.56
N PHE F 22 10.86 2.22 6.71
CA PHE F 22 11.84 1.46 5.93
C PHE F 22 11.54 1.56 4.44
N LEU F 23 10.25 1.49 4.10
CA LEU F 23 9.83 1.59 2.71
C LEU F 23 10.19 2.96 2.16
N GLN F 24 9.98 4.00 2.97
CA GLN F 24 10.31 5.36 2.56
C GLN F 24 11.80 5.49 2.32
N ALA F 25 12.60 4.88 3.19
CA ALA F 25 14.05 4.91 3.05
C ALA F 25 14.46 4.22 1.75
N ASN F 26 13.81 3.09 1.45
CA ASN F 26 14.09 2.35 0.22
C ASN F 26 13.77 3.21 -0.99
N GLN F 27 12.66 3.93 -0.92
CA GLN F 27 12.24 4.81 -2.01
C GLN F 27 13.28 5.90 -2.21
N GLU F 28 13.78 6.46 -1.10
CA GLU F 28 14.79 7.50 -1.15
C GLU F 28 16.07 6.96 -1.81
N SER F 29 16.43 5.73 -1.45
CA SER F 29 17.63 5.10 -2.01
C SER F 29 17.45 4.92 -3.51
N PHE F 30 16.25 4.51 -3.93
CA PHE F 30 15.95 4.32 -5.34
C PHE F 30 16.06 5.63 -6.10
N GLY F 36 24.54 0.31 0.09
CA GLY F 36 23.73 1.07 1.01
C GLY F 36 22.29 0.57 1.09
N ILE F 37 22.11 -0.71 0.81
CA ILE F 37 20.78 -1.32 0.86
C ILE F 37 20.61 -2.25 2.06
N MET F 38 21.69 -2.82 2.59
CA MET F 38 21.58 -3.71 3.73
C MET F 38 21.08 -3.00 4.98
N ALA F 39 21.14 -1.67 5.01
CA ALA F 39 20.65 -0.93 6.17
C ALA F 39 19.18 -1.21 6.43
N LEU F 40 18.35 -1.05 5.39
CA LEU F 40 16.93 -1.36 5.54
C LEU F 40 16.71 -2.83 5.83
N ALA F 41 17.56 -3.70 5.29
CA ALA F 41 17.45 -5.13 5.61
C ALA F 41 17.62 -5.35 7.11
N SER F 42 18.66 -4.77 7.70
CA SER F 42 18.91 -4.94 9.12
C SER F 42 17.78 -4.33 9.95
N ALA F 43 17.35 -3.12 9.60
CA ALA F 43 16.27 -2.48 10.34
C ALA F 43 15.01 -3.33 10.32
N GLN F 44 14.59 -3.76 9.14
CA GLN F 44 13.38 -4.56 9.03
C GLN F 44 13.53 -5.89 9.75
N MET F 45 14.70 -6.53 9.65
CA MET F 45 14.91 -7.78 10.34
C MET F 45 14.81 -7.60 11.85
N TYR F 46 15.28 -6.47 12.37
CA TYR F 46 15.11 -6.22 13.79
C TYR F 46 13.65 -6.04 14.15
N SER F 47 12.94 -5.23 13.36
CA SER F 47 11.53 -4.99 13.66
C SER F 47 10.72 -6.28 13.58
N SER F 48 11.11 -7.20 12.70
CA SER F 48 10.41 -8.46 12.51
C SER F 48 11.04 -9.59 13.32
N PHE F 49 11.61 -9.29 14.48
CA PHE F 49 12.30 -10.26 15.30
C PHE F 49 11.60 -10.36 16.65
N GLU F 50 11.26 -11.58 17.05
CA GLU F 50 10.57 -11.82 18.31
C GLU F 50 11.60 -11.77 19.44
N PHE F 51 11.82 -10.58 19.98
CA PHE F 51 12.73 -10.45 21.10
C PHE F 51 12.08 -11.01 22.36
N THR F 52 12.76 -11.95 23.01
CA THR F 52 12.20 -12.63 24.17
C THR F 52 13.28 -12.76 25.25
N CYS F 53 13.19 -11.92 26.26
CA CYS F 53 14.13 -11.98 27.37
C CYS F 53 13.83 -13.20 28.23
N PRO F 54 14.78 -14.11 28.41
CA PRO F 54 14.49 -15.34 29.18
C PRO F 54 14.08 -15.06 30.61
N CYS F 55 14.38 -13.87 31.13
CA CYS F 55 13.98 -13.48 32.48
C CYS F 55 14.42 -14.53 33.51
N LEU F 56 15.72 -14.84 33.43
CA LEU F 56 16.36 -15.78 34.34
C LEU F 56 17.64 -15.09 34.82
N PRO F 57 17.92 -15.16 36.13
CA PRO F 57 19.13 -14.47 36.62
C PRO F 57 20.42 -15.00 36.04
N ASP F 58 20.45 -16.26 35.60
CA ASP F 58 21.68 -16.84 35.08
C ASP F 58 21.92 -16.51 33.61
N TYR F 59 20.89 -16.14 32.86
CA TYR F 59 21.01 -16.02 31.42
C TYR F 59 20.64 -14.66 30.86
N ASN F 60 20.01 -13.79 31.64
CA ASN F 60 19.59 -12.49 31.13
C ASN F 60 20.76 -11.75 30.48
N TYR F 61 21.86 -11.60 31.23
CA TYR F 61 23.04 -10.91 30.70
C TYR F 61 23.49 -11.55 29.40
N ALA F 62 23.57 -12.88 29.38
CA ALA F 62 24.01 -13.58 28.18
C ALA F 62 23.12 -13.24 27.00
N TYR F 63 21.80 -13.33 27.18
CA TYR F 63 20.88 -13.11 26.07
C TYR F 63 20.97 -11.68 25.58
N GLY F 64 21.00 -10.71 26.49
CA GLY F 64 21.09 -9.32 26.10
C GLY F 64 22.33 -9.03 25.29
N ILE F 65 23.50 -9.35 25.86
CA ILE F 65 24.73 -9.06 25.15
C ILE F 65 24.81 -9.86 23.85
N GLY F 66 24.19 -11.03 23.81
CA GLY F 66 24.19 -11.80 22.58
C GLY F 66 23.41 -11.12 21.47
N ILE F 67 22.16 -10.75 21.76
CA ILE F 67 21.37 -10.00 20.79
C ILE F 67 22.10 -8.74 20.38
N LEU F 68 22.92 -8.19 21.28
CA LEU F 68 23.63 -6.96 20.94
C LEU F 68 24.83 -7.22 20.02
N ILE F 69 25.53 -8.33 20.21
CA ILE F 69 26.86 -8.52 19.63
C ILE F 69 26.84 -9.47 18.44
N VAL F 70 26.12 -10.58 18.54
CA VAL F 70 26.19 -11.59 17.47
C VAL F 70 25.62 -11.08 16.15
N PRO F 71 24.42 -10.52 16.10
CA PRO F 71 23.85 -10.13 14.81
C PRO F 71 24.73 -9.16 14.05
N PRO F 72 25.36 -8.17 14.69
CA PRO F 72 26.28 -7.31 13.92
C PRO F 72 27.47 -8.06 13.35
N ILE F 73 28.01 -9.04 14.08
CA ILE F 73 29.09 -9.85 13.54
C ILE F 73 28.63 -10.59 12.30
N TRP F 74 27.46 -11.22 12.39
CA TRP F 74 26.95 -11.95 11.24
C TRP F 74 26.71 -11.00 10.07
N PHE F 75 26.23 -9.80 10.34
CA PHE F 75 26.00 -8.83 9.28
C PHE F 75 27.32 -8.42 8.65
N PHE F 76 28.36 -8.29 9.45
CA PHE F 76 29.68 -7.96 8.92
C PHE F 76 30.15 -9.04 7.96
N LEU F 77 30.06 -10.30 8.38
CA LEU F 77 30.43 -11.40 7.50
C LEU F 77 29.60 -11.40 6.23
N LEU F 78 28.29 -11.21 6.37
CA LEU F 78 27.39 -11.20 5.22
C LEU F 78 27.78 -10.10 4.24
N GLY F 79 28.11 -8.92 4.75
CA GLY F 79 28.59 -7.87 3.88
C GLY F 79 29.87 -8.26 3.17
N TYR F 80 30.75 -8.97 3.88
CA TYR F 80 31.98 -9.42 3.23
C TYR F 80 31.71 -10.37 2.07
N VAL F 81 30.83 -11.35 2.27
CA VAL F 81 30.68 -12.40 1.26
C VAL F 81 29.92 -11.88 0.05
N MET F 82 28.89 -11.06 0.27
CA MET F 82 28.07 -10.58 -0.84
C MET F 82 28.84 -9.70 -1.82
N ASN F 83 30.04 -9.24 -1.47
CA ASN F 83 30.81 -8.40 -2.37
C ASN F 83 31.50 -9.26 -3.42
N ASN F 84 31.20 -8.99 -4.69
CA ASN F 84 31.63 -9.83 -5.81
C ASN F 84 33.11 -9.74 -6.11
N ASN F 85 33.95 -9.05 -5.33
CA ASN F 85 35.37 -8.96 -5.65
C ASN F 85 36.25 -9.49 -4.52
N ILE F 86 35.67 -10.25 -3.59
CA ILE F 86 36.48 -10.87 -2.54
C ILE F 86 37.39 -11.93 -3.15
N SER F 87 36.94 -12.58 -4.23
CA SER F 87 37.73 -13.62 -4.87
C SER F 87 39.09 -13.09 -5.31
N VAL F 88 39.10 -11.92 -5.98
CA VAL F 88 40.36 -11.38 -6.46
C VAL F 88 41.24 -10.96 -5.29
N LEU F 89 40.64 -10.53 -4.18
CA LEU F 89 41.41 -10.19 -2.99
C LEU F 89 42.14 -11.42 -2.47
N THR F 90 41.41 -12.54 -2.36
CA THR F 90 42.05 -13.78 -1.92
C THR F 90 43.12 -14.22 -2.90
N GLU F 91 42.86 -14.10 -4.20
CA GLU F 91 43.83 -14.49 -5.21
C GLU F 91 45.14 -13.72 -5.04
N GLU F 92 45.03 -12.41 -4.83
CA GLU F 92 46.23 -11.60 -4.69
C GLU F 92 46.94 -11.88 -3.36
N TRP F 93 46.17 -11.97 -2.27
CA TRP F 93 46.77 -12.32 -0.99
C TRP F 93 47.41 -13.70 -0.99
N LYS F 94 47.08 -14.52 -1.99
CA LYS F 94 47.61 -15.88 -2.05
C LYS F 94 48.98 -15.92 -2.74
N ARG F 95 49.11 -15.25 -3.88
CA ARG F 95 50.33 -15.33 -4.67
C ARG F 95 51.50 -14.73 -3.90
N PRO F 96 52.74 -15.11 -4.26
CA PRO F 96 53.91 -14.44 -3.69
C PRO F 96 54.01 -13.00 -4.15
N VAL F 97 53.90 -12.80 -5.47
CA VAL F 97 53.78 -11.47 -6.06
C VAL F 97 52.82 -11.58 -7.24
N GLY F 98 51.67 -10.92 -7.13
CA GLY F 98 50.64 -11.04 -8.14
C GLY F 98 50.75 -10.00 -9.23
N LYS F 99 50.10 -10.29 -10.36
CA LYS F 99 50.06 -9.33 -11.47
C LYS F 99 49.38 -8.03 -11.08
N ASP F 103 48.47 -4.89 -7.98
CA ASP F 103 48.70 -3.59 -7.36
C ASP F 103 49.40 -3.72 -6.01
N PRO F 104 50.61 -3.15 -5.90
CA PRO F 104 51.40 -3.20 -4.66
C PRO F 104 50.62 -2.67 -3.47
N ALA F 105 49.61 -1.84 -3.73
CA ALA F 105 48.78 -1.24 -2.66
C ALA F 105 47.30 -0.97 -3.00
N VAL F 106 46.82 -1.24 -4.23
CA VAL F 106 45.40 -0.91 -4.41
C VAL F 106 44.57 -1.93 -3.67
N LEU F 107 45.17 -3.11 -3.49
CA LEU F 107 44.57 -4.15 -2.67
C LEU F 107 44.18 -3.61 -1.31
N ARG F 108 45.10 -2.88 -0.67
CA ARG F 108 44.77 -2.17 0.56
C ARG F 108 43.55 -1.28 0.33
N TYR F 109 43.55 -0.54 -0.78
CA TYR F 109 42.48 0.43 -1.01
C TYR F 109 41.14 -0.26 -1.24
N MET F 110 41.09 -1.23 -2.15
CA MET F 110 39.82 -1.90 -2.41
C MET F 110 39.35 -2.70 -1.21
N PHE F 111 40.28 -3.31 -0.48
CA PHE F 111 39.90 -4.04 0.73
C PHE F 111 39.30 -3.10 1.75
N SER F 112 39.92 -1.93 1.95
CA SER F 112 39.39 -0.99 2.93
C SER F 112 38.05 -0.43 2.48
N SER F 113 37.86 -0.20 1.19
CA SER F 113 36.57 0.28 0.71
C SER F 113 35.49 -0.76 0.94
N MET F 114 35.80 -2.03 0.66
CA MET F 114 34.86 -3.10 0.94
C MET F 114 34.53 -3.15 2.43
N THR F 115 35.55 -3.05 3.28
CA THR F 115 35.31 -3.07 4.72
C THR F 115 34.41 -1.91 5.14
N GLN F 116 34.66 -0.72 4.62
CA GLN F 116 33.83 0.43 4.95
C GLN F 116 32.40 0.21 4.50
N ARG F 117 32.21 -0.30 3.28
CA ARG F 117 30.87 -0.64 2.82
C ARG F 117 30.21 -1.64 3.76
N ALA F 118 30.99 -2.54 4.34
CA ALA F 118 30.43 -3.61 5.15
C ALA F 118 29.99 -3.13 6.52
N LEU F 119 30.65 -2.10 7.05
CA LEU F 119 30.41 -1.70 8.43
C LEU F 119 29.07 -1.03 8.65
N ILE F 120 28.32 -0.75 7.59
CA ILE F 120 27.08 0.02 7.75
C ILE F 120 26.05 -0.78 8.54
N ALA F 121 25.73 -1.98 8.07
CA ALA F 121 24.69 -2.79 8.69
C ALA F 121 24.92 -3.07 10.17
N PRO F 122 26.12 -3.44 10.64
CA PRO F 122 26.27 -3.64 12.09
C PRO F 122 26.01 -2.38 12.89
N ALA F 123 26.50 -1.24 12.40
CA ALA F 123 26.25 0.02 13.09
C ALA F 123 24.76 0.32 13.15
N VAL F 124 24.06 0.11 12.03
CA VAL F 124 22.62 0.34 12.03
C VAL F 124 21.93 -0.56 13.03
N TRP F 125 22.33 -1.83 13.07
CA TRP F 125 21.71 -2.75 14.02
C TRP F 125 21.93 -2.31 15.45
N ILE F 126 23.16 -1.90 15.78
CA ILE F 126 23.45 -1.48 17.16
C ILE F 126 22.64 -0.24 17.51
N ALA F 127 22.62 0.73 16.60
CA ALA F 127 21.87 1.95 16.85
C ALA F 127 20.40 1.64 17.12
N VAL F 128 19.79 0.82 16.24
CA VAL F 128 18.38 0.52 16.40
C VAL F 128 18.13 -0.21 17.71
N THR F 129 18.90 -1.25 18.00
CA THR F 129 18.66 -2.02 19.20
C THR F 129 19.00 -1.25 20.47
N LEU F 130 19.74 -0.14 20.37
CA LEU F 130 19.96 0.67 21.55
C LEU F 130 18.87 1.72 21.73
N MET F 131 18.42 2.36 20.64
CA MET F 131 17.35 3.34 20.75
C MET F 131 16.09 2.72 21.32
N ASP F 132 15.86 1.44 21.03
CA ASP F 132 14.77 0.69 21.64
C ASP F 132 15.38 -0.13 22.77
N GLY F 133 15.27 0.37 23.99
CA GLY F 133 15.99 -0.22 25.10
C GLY F 133 15.48 -1.57 25.54
N LYS F 134 15.45 -2.53 24.62
CA LYS F 134 15.04 -3.88 24.96
C LYS F 134 16.22 -4.72 25.44
N SER F 135 17.28 -4.78 24.65
CA SER F 135 18.44 -5.59 25.02
C SER F 135 19.10 -5.05 26.29
N PHE F 136 19.23 -3.73 26.37
CA PHE F 136 19.80 -3.13 27.58
C PHE F 136 18.97 -3.50 28.80
N LEU F 137 17.64 -3.41 28.68
CA LEU F 137 16.78 -3.76 29.79
C LEU F 137 16.94 -5.22 30.19
N CYS F 138 16.95 -6.12 29.20
CA CYS F 138 17.11 -7.53 29.49
C CYS F 138 18.44 -7.80 30.18
N ALA F 139 19.51 -7.13 29.74
CA ALA F 139 20.83 -7.42 30.25
C ALA F 139 21.03 -6.87 31.65
N PHE F 140 20.92 -5.56 31.81
CA PHE F 140 21.32 -4.93 33.06
C PHE F 140 20.21 -4.87 34.09
N SER F 141 19.16 -5.65 33.93
CA SER F 141 18.09 -5.64 34.91
C SER F 141 18.49 -6.30 36.23
N PRO F 142 19.10 -7.48 36.25
CA PRO F 142 19.34 -8.15 37.54
C PRO F 142 20.41 -7.48 38.38
N THR F 143 21.44 -6.91 37.76
CA THR F 143 22.57 -6.37 38.51
C THR F 143 22.34 -4.94 38.97
N ALA F 144 21.78 -4.09 38.11
CA ALA F 144 21.69 -2.67 38.39
C ALA F 144 20.97 -2.41 39.71
N ASP F 145 21.31 -1.29 40.33
CA ASP F 145 20.76 -0.92 41.63
C ASP F 145 19.53 -0.06 41.42
N LEU F 146 18.38 -0.56 41.81
CA LEU F 146 17.13 0.19 41.80
C LEU F 146 16.66 0.29 43.24
N SER F 147 17.19 1.27 43.96
CA SER F 147 16.86 1.42 45.37
C SER F 147 15.74 2.43 45.61
N GLU F 148 15.57 3.39 44.71
CA GLU F 148 14.45 4.31 44.82
C GLU F 148 13.15 3.70 44.34
N PHE F 149 13.23 2.63 43.54
CA PHE F 149 12.03 1.99 43.01
C PHE F 149 11.50 0.90 43.92
N VAL F 150 12.37 0.21 44.65
CA VAL F 150 11.93 -0.84 45.55
C VAL F 150 11.13 -0.21 46.68
N ASN F 151 9.99 -0.82 46.99
CA ASN F 151 9.14 -0.33 48.06
C ASN F 151 9.91 -0.21 49.37
N GLU F 152 9.48 0.71 50.21
CA GLU F 152 10.19 0.96 51.47
C GLU F 152 10.06 -0.19 52.45
N SER F 153 8.97 -0.96 52.37
CA SER F 153 8.80 -2.09 53.28
C SER F 153 9.95 -3.08 53.13
N TYR F 154 10.19 -3.54 51.92
CA TYR F 154 11.31 -4.43 51.63
C TYR F 154 12.55 -3.63 51.23
N GLN F 155 12.89 -2.63 52.02
CA GLN F 155 14.11 -1.88 51.82
C GLN F 155 15.33 -2.60 52.37
N SER F 156 15.13 -3.74 53.03
CA SER F 156 16.21 -4.50 53.66
C SER F 156 15.94 -5.97 53.43
N LEU F 157 16.63 -6.57 52.47
CA LEU F 157 16.51 -7.99 52.17
C LEU F 157 17.69 -8.37 51.28
N SER F 158 18.05 -9.65 51.35
CA SER F 158 19.26 -10.12 50.68
C SER F 158 19.21 -9.85 49.19
N GLN F 159 20.31 -9.31 48.65
CA GLN F 159 20.38 -8.98 47.24
C GLN F 159 20.19 -10.20 46.35
N LYS F 160 20.38 -11.41 46.89
CA LYS F 160 20.18 -12.59 46.08
C LYS F 160 18.71 -12.78 45.71
N GLU F 161 17.80 -12.41 46.62
CA GLU F 161 16.38 -12.44 46.30
C GLU F 161 16.02 -11.35 45.30
N LEU F 162 16.59 -10.16 45.49
CA LEU F 162 16.36 -9.09 44.53
C LEU F 162 16.88 -9.46 43.16
N LEU F 163 17.92 -10.28 43.10
CA LEU F 163 18.37 -10.79 41.80
C LEU F 163 17.23 -11.49 41.07
N LYS F 164 16.64 -12.50 41.71
CA LYS F 164 15.54 -13.22 41.10
C LYS F 164 14.38 -12.28 40.77
N ILE F 165 14.08 -11.35 41.67
CA ILE F 165 12.91 -10.49 41.47
C ILE F 165 13.13 -9.56 40.28
N GLN F 166 14.15 -8.71 40.37
CA GLN F 166 14.46 -7.79 39.28
C GLN F 166 14.70 -8.52 37.97
N ALA F 167 15.10 -9.79 38.03
CA ALA F 167 15.32 -10.55 36.81
C ALA F 167 14.06 -10.61 35.97
N LYS F 168 12.89 -10.64 36.62
CA LYS F 168 11.63 -10.76 35.91
C LYS F 168 11.09 -9.44 35.41
N ILE F 169 11.83 -8.34 35.62
CA ILE F 169 11.28 -7.02 35.29
C ILE F 169 10.89 -6.88 33.82
N PRO F 170 11.73 -7.27 32.85
CA PRO F 170 11.31 -7.10 31.44
C PRO F 170 10.21 -8.03 31.00
N CYS F 171 9.72 -8.92 31.86
CA CYS F 171 8.67 -9.86 31.51
C CYS F 171 7.36 -9.40 32.15
N LYS F 172 6.49 -8.80 31.33
CA LYS F 172 5.23 -8.28 31.85
C LYS F 172 4.40 -9.38 32.48
N ASP F 173 4.14 -10.45 31.72
CA ASP F 173 3.25 -11.51 32.17
C ASP F 173 3.81 -12.29 33.36
N ILE F 174 5.08 -12.14 33.69
CA ILE F 174 5.69 -12.92 34.74
C ILE F 174 5.91 -12.13 36.03
N PHE F 175 6.17 -10.83 35.94
CA PHE F 175 6.49 -10.04 37.12
C PHE F 175 5.28 -9.96 38.04
N GLU F 176 5.34 -10.63 39.18
CA GLU F 176 4.23 -10.64 40.11
C GLU F 176 4.61 -10.09 41.48
N GLU F 177 5.33 -8.98 41.49
CA GLU F 177 5.76 -8.38 42.75
C GLU F 177 5.51 -6.88 42.74
N HIS F 178 4.32 -6.49 42.29
CA HIS F 178 3.94 -5.08 42.33
C HIS F 178 3.99 -4.52 43.74
N GLU F 179 3.88 -5.37 44.75
CA GLU F 179 3.99 -4.92 46.13
C GLU F 179 5.42 -4.58 46.52
N ILE F 180 6.39 -4.81 45.64
CA ILE F 180 7.80 -4.61 45.95
C ILE F 180 8.45 -3.57 45.05
N ILE F 181 8.26 -3.71 43.74
CA ILE F 181 8.93 -2.84 42.77
C ILE F 181 7.92 -2.41 41.71
N SER F 182 7.94 -1.13 41.36
CA SER F 182 7.19 -0.67 40.21
C SER F 182 7.91 -1.07 38.94
N ARG F 183 7.29 -1.95 38.16
CA ARG F 183 7.92 -2.42 36.94
C ARG F 183 8.06 -1.28 35.92
N GLU F 184 7.05 -0.42 35.85
CA GLU F 184 7.03 0.59 34.80
C GLU F 184 8.08 1.66 35.04
N ALA F 185 8.24 2.10 36.28
CA ALA F 185 9.22 3.13 36.58
C ALA F 185 10.63 2.66 36.22
N ALA F 186 11.00 1.46 36.69
CA ALA F 186 12.32 0.92 36.38
C ALA F 186 12.49 0.71 34.88
N THR F 187 11.43 0.25 34.22
CA THR F 187 11.49 0.07 32.77
C THR F 187 11.83 1.37 32.07
N ARG F 188 11.09 2.44 32.40
CA ARG F 188 11.36 3.74 31.80
C ARG F 188 12.77 4.21 32.12
N TYR F 189 13.22 3.98 33.36
CA TYR F 189 14.55 4.40 33.76
C TYR F 189 15.61 3.77 32.86
N ILE F 190 15.64 2.44 32.82
CA ILE F 190 16.66 1.76 32.05
C ILE F 190 16.52 2.05 30.57
N ARG F 191 15.29 2.28 30.10
CA ARG F 191 15.12 2.58 28.69
C ARG F 191 15.69 3.94 28.35
N CYS F 192 15.51 4.93 29.23
CA CYS F 192 16.15 6.22 29.03
C CYS F 192 17.66 6.10 29.00
N LEU F 193 18.21 5.30 29.91
CA LEU F 193 19.65 5.06 29.89
C LEU F 193 20.09 4.51 28.53
N SER F 194 19.35 3.53 28.02
CA SER F 194 19.70 2.94 26.73
C SER F 194 19.63 3.96 25.61
N GLN F 195 18.60 4.81 25.63
CA GLN F 195 18.47 5.81 24.57
C GLN F 195 19.61 6.80 24.62
N ALA F 196 20.02 7.19 25.83
CA ALA F 196 21.16 8.08 25.97
C ALA F 196 22.41 7.44 25.38
N CYS F 197 22.67 6.19 25.72
CA CYS F 197 23.84 5.50 25.17
C CYS F 197 23.77 5.44 23.65
N GLY F 198 22.58 5.17 23.11
CA GLY F 198 22.44 5.11 21.67
C GLY F 198 22.73 6.43 21.00
N TRP F 199 22.28 7.52 21.61
CA TRP F 199 22.54 8.84 21.03
C TRP F 199 24.03 9.17 21.07
N THR F 200 24.70 8.86 22.18
CA THR F 200 26.13 9.09 22.23
C THR F 200 26.85 8.26 21.17
N PHE F 201 26.43 7.00 20.99
CA PHE F 201 27.04 6.16 19.97
C PHE F 201 26.87 6.78 18.59
N LEU F 202 25.65 7.23 18.28
CA LEU F 202 25.41 7.85 16.98
C LEU F 202 26.29 9.08 16.80
N MET F 203 26.43 9.90 17.83
CA MET F 203 27.25 11.10 17.71
C MET F 203 28.71 10.74 17.45
N VAL F 204 29.23 9.75 18.17
CA VAL F 204 30.63 9.36 17.98
C VAL F 204 30.85 8.84 16.57
N ILE F 205 29.95 7.98 16.09
CA ILE F 205 30.09 7.45 14.75
C ILE F 205 30.05 8.56 13.72
N THR F 206 29.15 9.52 13.89
CA THR F 206 29.04 10.61 12.92
C THR F 206 30.31 11.46 12.92
N LEU F 207 30.85 11.75 14.10
CA LEU F 207 32.09 12.52 14.16
C LEU F 207 33.24 11.78 13.48
N VAL F 208 33.34 10.47 13.73
CA VAL F 208 34.41 9.70 13.10
C VAL F 208 34.26 9.72 11.59
N ALA F 209 33.03 9.56 11.10
CA ALA F 209 32.81 9.59 9.66
C ALA F 209 33.17 10.95 9.08
N PHE F 210 32.82 12.01 9.79
CA PHE F 210 33.16 13.35 9.33
C PHE F 210 34.67 13.52 9.20
N LEU F 211 35.41 13.11 10.23
CA LEU F 211 36.86 13.22 10.18
C LEU F 211 37.44 12.39 9.05
N VAL F 212 36.95 11.17 8.88
CA VAL F 212 37.46 10.31 7.82
C VAL F 212 37.27 10.96 6.46
N ARG F 213 36.05 11.44 6.18
CA ARG F 213 35.82 12.10 4.91
C ARG F 213 36.63 13.38 4.78
N ALA F 214 36.94 14.03 5.89
CA ALA F 214 37.72 15.25 5.85
C ALA F 214 39.21 15.00 5.70
N ILE F 215 39.66 13.76 5.86
CA ILE F 215 41.09 13.48 5.74
C ILE F 215 41.39 12.74 4.43
N ARG F 216 40.86 11.54 4.28
CA ARG F 216 41.13 10.74 3.11
C ARG F 216 40.22 11.13 1.95
N THR F 220 45.95 9.19 -0.52
CA THR F 220 45.39 8.08 -1.26
C THR F 220 44.52 8.58 -2.41
N GLN F 221 45.17 8.88 -3.54
CA GLN F 221 44.47 9.40 -4.71
C GLN F 221 44.63 8.50 -5.93
N ALA F 222 45.86 8.16 -6.31
CA ALA F 222 46.08 7.42 -7.55
C ALA F 222 45.48 6.02 -7.51
N ALA F 223 45.45 5.41 -6.32
CA ALA F 223 44.87 4.08 -6.20
C ALA F 223 43.43 4.06 -6.67
N PHE F 224 42.69 5.14 -6.40
CA PHE F 224 41.30 5.21 -6.84
C PHE F 224 41.21 5.16 -8.36
N LEU F 225 42.06 5.92 -9.04
CA LEU F 225 42.06 5.89 -10.50
C LEU F 225 42.46 4.53 -11.02
N LYS F 226 43.42 3.87 -10.37
CA LYS F 226 43.84 2.55 -10.82
C LYS F 226 42.74 1.51 -10.66
N THR F 227 42.00 1.57 -9.55
CA THR F 227 40.88 0.65 -9.38
C THR F 227 39.77 0.96 -10.37
N LYS F 228 39.67 2.21 -10.86
CA LYS F 228 38.63 2.59 -11.78
C LYS F 228 39.01 1.97 -13.10
N TYR F 229 40.31 2.03 -13.37
CA TYR F 229 40.84 1.43 -14.59
C TYR F 229 40.58 -0.08 -14.62
N TRP F 230 40.90 -0.76 -13.52
CA TRP F 230 40.70 -2.21 -13.49
C TRP F 230 39.23 -2.58 -13.59
N SER F 231 38.36 -1.76 -13.00
CA SER F 231 36.93 -2.02 -13.11
C SER F 231 36.46 -1.91 -14.56
N HIS F 232 36.82 -0.81 -15.23
CA HIS F 232 36.47 -0.66 -16.63
C HIS F 232 37.04 -1.79 -17.48
N TYR F 233 38.25 -2.26 -17.11
CA TYR F 233 38.85 -3.39 -17.81
C TYR F 233 37.99 -4.64 -17.67
N ILE F 234 37.58 -4.94 -16.44
CA ILE F 234 36.70 -6.09 -16.23
C ILE F 234 35.42 -5.97 -17.05
N ASP F 235 34.82 -4.78 -17.05
CA ASP F 235 33.57 -4.59 -17.78
C ASP F 235 33.76 -4.84 -19.27
N THR F 236 34.77 -4.21 -19.88
CA THR F 236 34.95 -4.37 -21.31
C THR F 236 35.35 -5.80 -21.65
N GLU F 237 36.10 -6.48 -20.78
CA GLU F 237 36.45 -7.87 -21.02
C GLU F 237 35.19 -8.74 -21.05
N ARG F 238 34.32 -8.58 -20.05
CA ARG F 238 33.09 -9.38 -20.03
C ARG F 238 32.22 -9.09 -21.25
N LYS F 239 32.08 -7.82 -21.63
CA LYS F 239 31.21 -7.51 -22.76
C LYS F 239 31.78 -8.04 -24.07
N LEU F 240 33.10 -7.89 -24.27
CA LEU F 240 33.72 -8.44 -25.47
C LEU F 240 33.58 -9.95 -25.51
N PHE F 241 33.70 -10.62 -24.36
CA PHE F 241 33.59 -12.06 -24.34
C PHE F 241 32.17 -12.51 -24.70
N ASP F 242 31.15 -11.86 -24.13
CA ASP F 242 29.80 -12.30 -24.45
C ASP F 242 29.47 -12.01 -25.91
N GLU F 243 29.99 -10.90 -26.45
CA GLU F 243 29.73 -10.58 -27.85
C GLU F 243 30.41 -11.59 -28.79
N THR F 244 31.66 -11.96 -28.50
CA THR F 244 32.32 -12.93 -29.36
C THR F 244 31.69 -14.30 -29.24
N CYS F 245 31.21 -14.66 -28.04
CA CYS F 245 30.44 -15.89 -27.90
C CYS F 245 29.19 -15.86 -28.76
N LYS F 246 28.44 -14.75 -28.71
CA LYS F 246 27.28 -14.59 -29.58
C LYS F 246 27.63 -14.83 -31.04
N GLU F 247 28.62 -14.09 -31.54
CA GLU F 247 28.90 -14.14 -32.98
C GLU F 247 29.44 -15.49 -33.40
N HIS F 248 30.24 -16.14 -32.54
CA HIS F 248 30.79 -17.45 -32.89
C HIS F 248 29.77 -18.56 -32.78
N ALA F 249 28.75 -18.40 -31.94
CA ALA F 249 27.68 -19.39 -31.89
C ALA F 249 26.66 -19.16 -33.00
N LYS F 250 26.57 -17.94 -33.52
CA LYS F 250 25.65 -17.67 -34.62
C LYS F 250 25.95 -18.54 -35.84
N SER F 251 27.23 -18.77 -36.13
CA SER F 251 27.59 -19.60 -37.27
C SER F 251 27.05 -21.01 -37.11
N PHE F 252 27.29 -21.63 -35.96
CA PHE F 252 26.79 -22.97 -35.68
C PHE F 252 25.28 -23.01 -35.76
N ALA F 253 24.62 -22.03 -35.12
CA ALA F 253 23.15 -21.92 -35.17
C ALA F 253 22.64 -21.92 -36.60
N LYS F 254 23.23 -21.08 -37.45
CA LYS F 254 22.76 -20.99 -38.83
C LYS F 254 23.08 -22.26 -39.61
N VAL F 255 24.19 -22.92 -39.29
CA VAL F 255 24.54 -24.16 -39.98
C VAL F 255 23.53 -25.25 -39.63
N CYS F 256 23.15 -25.35 -38.35
CA CYS F 256 22.26 -26.41 -37.91
C CYS F 256 20.79 -26.11 -38.18
N ILE F 257 20.43 -24.84 -38.36
CA ILE F 257 19.03 -24.51 -38.64
C ILE F 257 18.64 -24.85 -40.06
N GLN F 258 19.61 -25.17 -40.93
CA GLN F 258 19.27 -25.55 -42.30
C GLN F 258 18.44 -26.81 -42.33
N GLN F 259 18.83 -27.83 -41.57
CA GLN F 259 18.00 -29.03 -41.46
C GLN F 259 16.70 -28.74 -40.73
N TYR F 260 16.70 -27.74 -39.83
CA TYR F 260 15.49 -27.41 -39.09
C TYR F 260 14.36 -27.00 -40.03
N PHE F 261 14.69 -26.25 -41.09
CA PHE F 261 13.69 -25.97 -42.11
C PHE F 261 13.37 -27.22 -42.92
N GLU F 262 14.37 -28.07 -43.15
CA GLU F 262 14.16 -29.31 -43.89
C GLU F 262 13.35 -30.31 -43.08
N MET G 19 5.55 -9.28 6.57
CA MET G 19 4.88 -8.84 5.35
C MET G 19 5.59 -7.65 4.73
N VAL G 20 5.57 -6.52 5.45
CA VAL G 20 6.22 -5.31 4.95
C VAL G 20 7.69 -5.57 4.60
N GLN G 21 8.33 -6.43 5.42
CA GLN G 21 9.73 -6.79 5.24
C GLN G 21 9.96 -7.61 3.97
N PHE G 22 9.08 -8.57 3.70
CA PHE G 22 9.23 -9.39 2.51
C PHE G 22 9.09 -8.54 1.25
N LEU G 23 8.14 -7.60 1.28
CA LEU G 23 7.92 -6.70 0.15
C LEU G 23 9.15 -5.84 -0.07
N GLN G 24 9.75 -5.36 1.02
CA GLN G 24 10.95 -4.54 0.95
C GLN G 24 12.09 -5.35 0.33
N ALA G 25 12.20 -6.60 0.73
CA ALA G 25 13.24 -7.49 0.21
C ALA G 25 13.05 -7.69 -1.29
N ASN G 26 11.79 -7.86 -1.71
CA ASN G 26 11.46 -8.04 -3.11
C ASN G 26 11.85 -6.79 -3.90
N GLN G 27 11.59 -5.62 -3.32
CA GLN G 27 11.93 -4.36 -3.96
C GLN G 27 13.44 -4.26 -4.13
N GLU G 28 14.18 -4.67 -3.10
CA GLU G 28 15.63 -4.66 -3.13
C GLU G 28 16.14 -5.57 -4.24
N SER G 29 15.52 -6.75 -4.37
CA SER G 29 15.90 -7.70 -5.39
C SER G 29 15.66 -7.12 -6.78
N PHE G 30 14.53 -6.43 -6.92
CA PHE G 30 14.19 -5.79 -8.19
C PHE G 30 15.21 -4.72 -8.54
N GLY G 36 17.32 -16.15 -6.75
CA GLY G 36 17.27 -15.49 -5.46
C GLY G 36 15.92 -14.91 -5.12
N ILE G 37 14.86 -15.49 -5.68
CA ILE G 37 13.50 -15.03 -5.44
C ILE G 37 12.72 -16.00 -4.55
N MET G 38 13.06 -17.28 -4.54
CA MET G 38 12.35 -18.24 -3.70
C MET G 38 12.50 -17.95 -2.22
N ALA G 39 13.49 -17.14 -1.84
CA ALA G 39 13.67 -16.81 -0.43
C ALA G 39 12.44 -16.13 0.14
N LEU G 40 11.98 -15.06 -0.53
CA LEU G 40 10.77 -14.38 -0.08
C LEU G 40 9.56 -15.30 -0.15
N ALA G 41 9.53 -16.20 -1.13
CA ALA G 41 8.44 -17.17 -1.21
C ALA G 41 8.39 -18.01 0.05
N SER G 42 9.53 -18.56 0.46
CA SER G 42 9.58 -19.40 1.65
C SER G 42 9.22 -18.60 2.90
N ALA G 43 9.78 -17.39 3.04
CA ALA G 43 9.48 -16.58 4.20
C ALA G 43 7.99 -16.29 4.31
N GLN G 44 7.39 -15.82 3.21
CA GLN G 44 5.97 -15.49 3.22
C GLN G 44 5.12 -16.72 3.48
N MET G 45 5.49 -17.85 2.88
CA MET G 45 4.74 -19.08 3.09
C MET G 45 4.80 -19.50 4.55
N TYR G 46 5.92 -19.29 5.22
CA TYR G 46 5.98 -19.58 6.64
C TYR G 46 5.09 -18.64 7.43
N SER G 47 5.17 -17.34 7.14
CA SER G 47 4.35 -16.38 7.87
C SER G 47 2.86 -16.64 7.67
N SER G 48 2.49 -17.13 6.48
CA SER G 48 1.09 -17.42 6.16
C SER G 48 0.72 -18.87 6.41
N PHE G 49 1.33 -19.50 7.40
CA PHE G 49 1.11 -20.92 7.69
C PHE G 49 0.55 -21.05 9.09
N GLU G 50 -0.56 -21.78 9.22
CA GLU G 50 -1.22 -21.96 10.50
C GLU G 50 -0.47 -23.06 11.26
N PHE G 51 0.53 -22.66 12.03
CA PHE G 51 1.26 -23.62 12.85
C PHE G 51 0.40 -24.05 14.02
N THR G 52 0.20 -25.36 14.16
CA THR G 52 -0.68 -25.89 15.19
C THR G 52 -0.03 -27.11 15.84
N CYS G 53 0.50 -26.92 17.03
CA CYS G 53 1.12 -28.01 17.77
C CYS G 53 0.04 -28.93 18.30
N PRO G 54 0.04 -30.22 17.94
CA PRO G 54 -1.04 -31.12 18.39
C PRO G 54 -1.13 -31.23 19.89
N CYS G 55 -0.08 -30.88 20.63
CA CYS G 55 -0.09 -30.90 22.08
C CYS G 55 -0.52 -32.27 22.60
N LEU G 56 0.15 -33.29 22.09
CA LEU G 56 -0.06 -34.68 22.48
C LEU G 56 1.31 -35.27 22.75
N PRO G 57 1.46 -36.02 23.84
CA PRO G 57 2.79 -36.56 24.15
C PRO G 57 3.31 -37.53 23.10
N ASP G 58 2.44 -38.17 22.35
CA ASP G 58 2.89 -39.14 21.36
C ASP G 58 3.29 -38.51 20.03
N TYR G 59 2.84 -37.29 19.74
CA TYR G 59 3.02 -36.73 18.42
C TYR G 59 3.73 -35.38 18.38
N ASN G 60 3.91 -34.73 19.53
CA ASN G 60 4.56 -33.42 19.54
C ASN G 60 5.90 -33.46 18.83
N TYR G 61 6.77 -34.38 19.24
CA TYR G 61 8.09 -34.51 18.63
C TYR G 61 7.96 -34.69 17.12
N ALA G 62 7.06 -35.58 16.71
CA ALA G 62 6.87 -35.85 15.29
C ALA G 62 6.50 -34.58 14.55
N TYR G 63 5.52 -33.84 15.07
CA TYR G 63 5.04 -32.65 14.36
C TYR G 63 6.12 -31.60 14.28
N GLY G 64 6.83 -31.37 15.38
CA GLY G 64 7.88 -30.38 15.40
C GLY G 64 8.96 -30.69 14.38
N ILE G 65 9.56 -31.88 14.48
CA ILE G 65 10.63 -32.23 13.57
C ILE G 65 10.12 -32.27 12.14
N GLY G 66 8.84 -32.60 11.94
CA GLY G 66 8.30 -32.60 10.59
C GLY G 66 8.25 -31.22 10.00
N ILE G 67 7.63 -30.27 10.72
CA ILE G 67 7.62 -28.90 10.26
C ILE G 67 9.04 -28.41 10.03
N LEU G 68 10.00 -28.94 10.77
CA LEU G 68 11.37 -28.49 10.60
C LEU G 68 12.03 -29.08 9.35
N ILE G 69 11.74 -30.33 9.02
CA ILE G 69 12.52 -31.08 8.06
C ILE G 69 11.84 -31.22 6.71
N VAL G 70 10.54 -31.50 6.68
CA VAL G 70 9.87 -31.76 5.41
C VAL G 70 9.84 -30.54 4.50
N PRO G 71 9.40 -29.36 4.94
CA PRO G 71 9.29 -28.23 4.03
C PRO G 71 10.61 -27.89 3.36
N PRO G 72 11.76 -27.93 4.05
CA PRO G 72 13.01 -27.67 3.32
C PRO G 72 13.31 -28.70 2.26
N ILE G 73 12.98 -29.98 2.50
CA ILE G 73 13.17 -30.99 1.47
C ILE G 73 12.32 -30.68 0.25
N TRP G 74 11.05 -30.35 0.48
CA TRP G 74 10.18 -30.02 -0.63
C TRP G 74 10.69 -28.79 -1.37
N PHE G 75 11.21 -27.80 -0.64
CA PHE G 75 11.75 -26.62 -1.29
C PHE G 75 12.96 -26.96 -2.12
N PHE G 76 13.79 -27.89 -1.64
CA PHE G 76 14.95 -28.34 -2.41
C PHE G 76 14.50 -28.95 -3.73
N LEU G 77 13.53 -29.86 -3.67
CA LEU G 77 13.02 -30.48 -4.89
C LEU G 77 12.45 -29.41 -5.81
N LEU G 78 11.66 -28.49 -5.27
CA LEU G 78 11.05 -27.44 -6.07
C LEU G 78 12.11 -26.60 -6.77
N GLY G 79 13.18 -26.27 -6.07
CA GLY G 79 14.28 -25.57 -6.70
C GLY G 79 14.89 -26.37 -7.81
N TYR G 80 14.99 -27.69 -7.63
CA TYR G 80 15.54 -28.53 -8.68
C TYR G 80 14.67 -28.50 -9.94
N VAL G 81 13.35 -28.63 -9.78
CA VAL G 81 12.51 -28.80 -10.96
C VAL G 81 12.36 -27.48 -11.71
N MET G 82 12.23 -26.36 -10.99
CA MET G 82 11.99 -25.09 -11.64
C MET G 82 13.16 -24.63 -12.51
N ASN G 83 14.32 -25.27 -12.40
CA ASN G 83 15.47 -24.87 -13.20
C ASN G 83 15.34 -25.46 -14.60
N ASN G 84 15.33 -24.60 -15.61
CA ASN G 84 15.04 -24.97 -16.99
C ASN G 84 16.15 -25.77 -17.66
N ASN G 85 17.23 -26.19 -16.99
CA ASN G 85 18.28 -26.94 -17.66
C ASN G 85 18.50 -28.30 -17.01
N ILE G 86 17.55 -28.77 -16.21
CA ILE G 86 17.68 -30.12 -15.66
C ILE G 86 17.55 -31.15 -16.76
N SER G 87 16.78 -30.85 -17.80
CA SER G 87 16.59 -31.78 -18.91
C SER G 87 17.92 -32.16 -19.55
N VAL G 88 18.76 -31.16 -19.83
CA VAL G 88 20.04 -31.45 -20.48
C VAL G 88 20.95 -32.23 -19.54
N LEU G 89 20.83 -31.98 -18.23
CA LEU G 89 21.61 -32.75 -17.26
C LEU G 89 21.23 -34.21 -17.32
N THR G 90 19.93 -34.51 -17.34
CA THR G 90 19.48 -35.89 -17.46
C THR G 90 19.92 -36.50 -18.78
N GLU G 91 19.82 -35.72 -19.87
CA GLU G 91 20.23 -36.21 -21.18
C GLU G 91 21.70 -36.64 -21.17
N GLU G 92 22.56 -35.82 -20.59
CA GLU G 92 23.98 -36.14 -20.56
C GLU G 92 24.26 -37.31 -19.63
N TRP G 93 23.66 -37.31 -18.43
CA TRP G 93 23.83 -38.43 -17.52
C TRP G 93 23.28 -39.73 -18.10
N LYS G 94 22.46 -39.65 -19.15
CA LYS G 94 21.87 -40.84 -19.74
C LYS G 94 22.80 -41.49 -20.75
N ARG G 95 23.38 -40.70 -21.66
CA ARG G 95 24.17 -41.24 -22.74
C ARG G 95 25.43 -41.93 -22.20
N PRO G 96 26.01 -42.85 -22.98
CA PRO G 96 27.32 -43.42 -22.60
C PRO G 96 28.41 -42.37 -22.65
N VAL G 97 28.49 -41.65 -23.77
CA VAL G 97 29.36 -40.48 -23.92
C VAL G 97 28.62 -39.46 -24.75
N GLY G 98 28.28 -38.32 -24.14
CA GLY G 98 27.47 -37.32 -24.81
C GLY G 98 28.31 -36.29 -25.56
N LYS G 99 27.64 -35.60 -26.49
CA LYS G 99 28.30 -34.53 -27.22
C LYS G 99 28.76 -33.40 -26.31
N ASP G 103 30.36 -32.02 -22.33
CA ASP G 103 31.44 -31.58 -21.46
C ASP G 103 31.83 -32.66 -20.46
N PRO G 104 33.08 -33.13 -20.53
CA PRO G 104 33.59 -34.18 -19.64
C PRO G 104 33.42 -33.79 -18.17
N ALA G 105 33.32 -32.49 -17.90
CA ALA G 105 33.16 -32.00 -16.50
C ALA G 105 32.31 -30.72 -16.34
N VAL G 106 31.79 -30.08 -17.40
CA VAL G 106 31.05 -28.86 -17.08
C VAL G 106 29.72 -29.27 -16.45
N LEU G 107 29.30 -30.50 -16.79
CA LEU G 107 28.13 -31.09 -16.16
C LEU G 107 28.24 -31.03 -14.64
N ARG G 108 29.41 -31.42 -14.11
CA ARG G 108 29.67 -31.22 -12.70
C ARG G 108 29.46 -29.77 -12.32
N TYR G 109 29.99 -28.85 -13.11
CA TYR G 109 29.94 -27.44 -12.76
C TYR G 109 28.51 -26.91 -12.78
N MET G 110 27.78 -27.13 -13.88
CA MET G 110 26.43 -26.61 -13.96
C MET G 110 25.52 -27.30 -12.95
N PHE G 111 25.72 -28.59 -12.70
CA PHE G 111 24.94 -29.29 -11.70
C PHE G 111 25.18 -28.71 -10.32
N SER G 112 26.44 -28.44 -9.99
CA SER G 112 26.74 -27.88 -8.68
C SER G 112 26.21 -26.46 -8.55
N SER G 113 26.25 -25.67 -9.63
CA SER G 113 25.69 -24.33 -9.56
C SER G 113 24.19 -24.38 -9.34
N MET G 114 23.50 -25.29 -10.04
CA MET G 114 22.07 -25.47 -9.82
C MET G 114 21.80 -25.87 -8.38
N THR G 115 22.59 -26.81 -7.85
CA THR G 115 22.40 -27.24 -6.47
C THR G 115 22.58 -26.07 -5.51
N GLN G 116 23.63 -25.27 -5.72
CA GLN G 116 23.87 -24.11 -4.87
C GLN G 116 22.71 -23.13 -4.93
N ARG G 117 22.22 -22.85 -6.14
CA ARG G 117 21.04 -22.01 -6.28
C ARG G 117 19.86 -22.59 -5.51
N ALA G 118 19.76 -23.92 -5.46
CA ALA G 118 18.59 -24.54 -4.87
C ALA G 118 18.63 -24.50 -3.34
N LEU G 119 19.82 -24.48 -2.75
CA LEU G 119 19.93 -24.62 -1.30
C LEU G 119 19.47 -23.40 -0.53
N ILE G 120 19.16 -22.29 -1.22
CA ILE G 120 18.83 -21.06 -0.52
C ILE G 120 17.54 -21.20 0.28
N ALA G 121 16.46 -21.57 -0.41
CA ALA G 121 15.15 -21.66 0.23
C ALA G 121 15.11 -22.57 1.45
N PRO G 122 15.68 -23.78 1.44
CA PRO G 122 15.64 -24.59 2.67
C PRO G 122 16.35 -23.92 3.83
N ALA G 123 17.51 -23.32 3.57
CA ALA G 123 18.23 -22.63 4.63
C ALA G 123 17.40 -21.48 5.18
N VAL G 124 16.77 -20.71 4.30
CA VAL G 124 15.93 -19.62 4.75
C VAL G 124 14.80 -20.14 5.62
N TRP G 125 14.17 -21.23 5.19
CA TRP G 125 13.07 -21.79 5.97
C TRP G 125 13.54 -22.21 7.35
N ILE G 126 14.69 -22.89 7.43
CA ILE G 126 15.17 -23.36 8.73
C ILE G 126 15.51 -22.18 9.62
N ALA G 127 16.19 -21.18 9.06
CA ALA G 127 16.53 -20.00 9.85
C ALA G 127 15.28 -19.34 10.42
N VAL G 128 14.28 -19.12 9.56
CA VAL G 128 13.07 -18.44 10.01
C VAL G 128 12.37 -19.27 11.08
N THR G 129 12.16 -20.56 10.83
CA THR G 129 11.44 -21.37 11.80
C THR G 129 12.23 -21.60 13.07
N LEU G 130 13.53 -21.34 13.09
CA LEU G 130 14.26 -21.43 14.34
C LEU G 130 14.25 -20.11 15.11
N MET G 131 14.40 -18.99 14.41
CA MET G 131 14.35 -17.69 15.08
C MET G 131 13.02 -17.48 15.78
N ASP G 132 11.95 -18.03 15.23
CA ASP G 132 10.65 -18.04 15.89
C ASP G 132 10.49 -19.42 16.52
N GLY G 133 10.76 -19.51 17.81
CA GLY G 133 10.84 -20.80 18.46
C GLY G 133 9.51 -21.50 18.63
N LYS G 134 8.81 -21.74 17.53
CA LYS G 134 7.55 -22.47 17.58
C LYS G 134 7.77 -23.97 17.45
N SER G 135 8.48 -24.39 16.40
CA SER G 135 8.71 -25.82 16.19
C SER G 135 9.55 -26.40 17.32
N PHE G 136 10.59 -25.69 17.74
CA PHE G 136 11.41 -26.15 18.85
C PHE G 136 10.56 -26.33 20.11
N LEU G 137 9.70 -25.36 20.39
CA LEU G 137 8.83 -25.45 21.55
C LEU G 137 7.90 -26.65 21.46
N CYS G 138 7.27 -26.83 20.30
CA CYS G 138 6.37 -27.97 20.13
C CYS G 138 7.11 -29.28 20.31
N ALA G 139 8.33 -29.37 19.80
CA ALA G 139 9.04 -30.64 19.80
C ALA G 139 9.58 -30.98 21.19
N PHE G 140 10.43 -30.13 21.74
CA PHE G 140 11.16 -30.47 22.95
C PHE G 140 10.42 -30.12 24.22
N SER G 141 9.12 -29.87 24.15
CA SER G 141 8.38 -29.55 25.36
C SER G 141 8.18 -30.75 26.28
N PRO G 142 7.76 -31.92 25.78
CA PRO G 142 7.46 -33.01 26.72
C PRO G 142 8.68 -33.62 27.37
N THR G 143 9.80 -33.69 26.68
CA THR G 143 10.97 -34.39 27.20
C THR G 143 11.84 -33.51 28.09
N ALA G 144 12.05 -32.25 27.69
CA ALA G 144 13.00 -31.39 28.37
C ALA G 144 12.68 -31.27 29.85
N ASP G 145 13.72 -31.03 30.64
CA ASP G 145 13.60 -30.96 32.10
C ASP G 145 13.36 -29.51 32.49
N LEU G 146 12.18 -29.22 33.03
CA LEU G 146 11.85 -27.91 33.58
C LEU G 146 11.58 -28.11 35.06
N SER G 147 12.66 -28.12 35.85
CA SER G 147 12.53 -28.36 37.28
C SER G 147 12.46 -27.08 38.10
N GLU G 148 13.03 -25.99 37.59
CA GLU G 148 12.91 -24.71 38.27
C GLU G 148 11.56 -24.06 38.01
N PHE G 149 10.86 -24.48 36.96
CA PHE G 149 9.56 -23.89 36.64
C PHE G 149 8.41 -24.60 37.31
N VAL G 150 8.52 -25.91 37.54
CA VAL G 150 7.46 -26.64 38.20
C VAL G 150 7.34 -26.17 39.63
N ASN G 151 6.11 -25.93 40.07
CA ASN G 151 5.86 -25.48 41.43
C ASN G 151 6.48 -26.43 42.43
N GLU G 152 6.83 -25.89 43.60
CA GLU G 152 7.50 -26.69 44.62
C GLU G 152 6.57 -27.74 45.24
N SER G 153 5.27 -27.49 45.26
CA SER G 153 4.35 -28.46 45.83
C SER G 153 4.43 -29.79 45.09
N TYR G 154 4.27 -29.75 43.77
CA TYR G 154 4.44 -30.96 42.96
C TYR G 154 5.87 -31.10 42.44
N GLN G 155 6.82 -30.99 43.37
CA GLN G 155 8.21 -31.24 43.04
C GLN G 155 8.55 -32.72 43.02
N SER G 156 7.59 -33.57 43.34
CA SER G 156 7.81 -35.02 43.41
C SER G 156 6.55 -35.70 42.87
N LEU G 157 6.62 -36.15 41.62
CA LEU G 157 5.52 -36.86 40.98
C LEU G 157 6.07 -37.53 39.73
N SER G 158 5.41 -38.61 39.32
CA SER G 158 5.93 -39.45 38.25
C SER G 158 6.09 -38.65 36.96
N GLN G 159 7.25 -38.81 36.32
CA GLN G 159 7.54 -38.08 35.10
C GLN G 159 6.54 -38.38 33.98
N LYS G 160 5.80 -39.50 34.08
CA LYS G 160 4.81 -39.80 33.07
C LYS G 160 3.66 -38.80 33.10
N GLU G 161 3.29 -38.34 34.29
CA GLU G 161 2.26 -37.30 34.37
C GLU G 161 2.80 -35.97 33.88
N LEU G 162 4.05 -35.66 34.22
CA LEU G 162 4.66 -34.44 33.71
C LEU G 162 4.77 -34.47 32.19
N LEU G 163 4.90 -35.65 31.61
CA LEU G 163 4.86 -35.76 30.16
C LEU G 163 3.57 -35.17 29.61
N LYS G 164 2.44 -35.68 30.08
CA LYS G 164 1.15 -35.17 29.64
C LYS G 164 1.02 -33.69 29.91
N ILE G 165 1.46 -33.25 31.09
CA ILE G 165 1.26 -31.85 31.46
C ILE G 165 2.09 -30.93 30.57
N GLN G 166 3.41 -31.08 30.60
CA GLN G 166 4.28 -30.26 29.78
C GLN G 166 3.95 -30.38 28.30
N ALA G 167 3.31 -31.48 27.90
CA ALA G 167 2.93 -31.62 26.50
C ALA G 167 2.00 -30.50 26.07
N LYS G 168 1.17 -30.01 26.98
CA LYS G 168 0.20 -28.98 26.66
C LYS G 168 0.77 -27.58 26.73
N ILE G 169 2.07 -27.43 27.00
CA ILE G 169 2.63 -26.11 27.23
C ILE G 169 2.47 -25.18 26.02
N PRO G 170 2.78 -25.58 24.79
CA PRO G 170 2.63 -24.65 23.67
C PRO G 170 1.18 -24.34 23.30
N CYS G 171 0.20 -24.93 23.99
CA CYS G 171 -1.22 -24.72 23.70
C CYS G 171 -1.80 -23.81 24.78
N LYS G 172 -1.96 -22.53 24.45
CA LYS G 172 -2.48 -21.56 25.42
C LYS G 172 -3.86 -21.98 25.91
N ASP G 173 -4.79 -22.19 25.00
CA ASP G 173 -6.18 -22.46 25.36
C ASP G 173 -6.35 -23.80 26.09
N ILE G 174 -5.35 -24.68 26.07
CA ILE G 174 -5.49 -25.99 26.64
C ILE G 174 -4.78 -26.14 27.98
N PHE G 175 -3.67 -25.44 28.19
CA PHE G 175 -2.89 -25.62 29.40
C PHE G 175 -3.67 -25.13 30.61
N GLU G 176 -4.12 -26.06 31.44
CA GLU G 176 -4.92 -25.70 32.62
C GLU G 176 -4.26 -26.15 33.91
N GLU G 177 -2.95 -25.91 34.05
CA GLU G 177 -2.23 -26.31 35.24
C GLU G 177 -1.34 -25.18 35.72
N HIS G 178 -1.89 -23.96 35.76
CA HIS G 178 -1.14 -22.83 36.29
C HIS G 178 -0.71 -23.06 37.74
N GLU G 179 -1.40 -23.93 38.45
CA GLU G 179 -1.01 -24.28 39.81
C GLU G 179 0.23 -25.15 39.86
N ILE G 180 0.76 -25.58 38.72
CA ILE G 180 1.87 -26.51 38.66
C ILE G 180 3.07 -25.91 37.95
N ILE G 181 2.86 -25.35 36.77
CA ILE G 181 3.94 -24.85 35.93
C ILE G 181 3.55 -23.49 35.37
N SER G 182 4.48 -22.55 35.40
CA SER G 182 4.28 -21.30 34.68
C SER G 182 4.51 -21.53 33.19
N ARG G 183 3.45 -21.37 32.40
CA ARG G 183 3.56 -21.60 30.97
C ARG G 183 4.48 -20.57 30.32
N GLU G 184 4.39 -19.31 30.77
CA GLU G 184 5.10 -18.24 30.11
C GLU G 184 6.60 -18.34 30.33
N ALA G 185 7.02 -18.66 31.55
CA ALA G 185 8.44 -18.77 31.83
C ALA G 185 9.09 -19.85 30.98
N ALA G 186 8.49 -21.04 30.97
CA ALA G 186 9.03 -22.13 30.17
C ALA G 186 9.00 -21.79 28.68
N THR G 187 7.94 -21.11 28.24
CA THR G 187 7.86 -20.71 26.85
C THR G 187 9.03 -19.81 26.48
N ARG G 188 9.27 -18.78 27.28
CA ARG G 188 10.39 -17.88 27.02
C ARG G 188 11.71 -18.64 27.05
N TYR G 189 11.87 -19.56 28.00
CA TYR G 189 13.10 -20.33 28.11
C TYR G 189 13.39 -21.08 26.81
N ILE G 190 12.45 -21.93 26.40
CA ILE G 190 12.69 -22.74 25.20
C ILE G 190 12.80 -21.87 23.97
N ARG G 191 12.11 -20.73 23.95
CA ARG G 191 12.21 -19.86 22.78
C ARG G 191 13.60 -19.23 22.70
N CYS G 192 14.16 -18.83 23.83
CA CYS G 192 15.53 -18.33 23.82
C CYS G 192 16.50 -19.40 23.35
N LEU G 193 16.31 -20.64 23.81
CA LEU G 193 17.14 -21.73 23.30
C LEU G 193 17.07 -21.82 21.79
N SER G 194 15.85 -21.77 21.25
CA SER G 194 15.68 -21.86 19.81
C SER G 194 16.37 -20.72 19.09
N GLN G 195 16.24 -19.50 19.62
CA GLN G 195 16.87 -18.36 18.97
C GLN G 195 18.39 -18.50 18.98
N ALA G 196 18.95 -18.99 20.07
CA ALA G 196 20.38 -19.23 20.13
C ALA G 196 20.81 -20.22 19.06
N CYS G 197 20.08 -21.33 18.95
CA CYS G 197 20.41 -22.33 17.93
C CYS G 197 20.31 -21.72 16.53
N GLY G 198 19.30 -20.90 16.30
CA GLY G 198 19.16 -20.27 14.99
C GLY G 198 20.32 -19.34 14.67
N TRP G 199 20.78 -18.59 15.66
CA TRP G 199 21.91 -17.69 15.43
C TRP G 199 23.18 -18.47 15.14
N THR G 200 23.42 -19.54 15.89
CA THR G 200 24.59 -20.37 15.58
C THR G 200 24.50 -20.95 14.19
N PHE G 201 23.32 -21.41 13.78
CA PHE G 201 23.14 -21.94 12.44
C PHE G 201 23.47 -20.89 11.39
N LEU G 202 22.94 -19.68 11.58
CA LEU G 202 23.23 -18.60 10.63
C LEU G 202 24.72 -18.33 10.55
N MET G 203 25.40 -18.29 11.70
CA MET G 203 26.83 -18.01 11.68
C MET G 203 27.59 -19.10 10.94
N VAL G 204 27.25 -20.37 11.18
CA VAL G 204 27.95 -21.46 10.50
C VAL G 204 27.74 -21.39 9.01
N ILE G 205 26.50 -21.15 8.58
CA ILE G 205 26.22 -21.05 7.14
C ILE G 205 27.00 -19.91 6.53
N THR G 206 27.03 -18.76 7.21
CA THR G 206 27.76 -17.62 6.65
C THR G 206 29.25 -17.91 6.54
N LEU G 207 29.83 -18.54 7.55
CA LEU G 207 31.25 -18.89 7.47
C LEU G 207 31.52 -19.84 6.32
N VAL G 208 30.66 -20.85 6.15
CA VAL G 208 30.85 -21.80 5.06
C VAL G 208 30.77 -21.09 3.72
N ALA G 209 29.80 -20.18 3.57
CA ALA G 209 29.68 -19.45 2.32
C ALA G 209 30.90 -18.59 2.07
N PHE G 210 31.42 -17.96 3.11
CA PHE G 210 32.61 -17.13 2.96
C PHE G 210 33.79 -17.96 2.48
N LEU G 211 33.99 -19.13 3.10
CA LEU G 211 35.10 -19.99 2.68
C LEU G 211 34.92 -20.46 1.25
N VAL G 212 33.70 -20.84 0.88
CA VAL G 212 33.44 -21.32 -0.47
C VAL G 212 33.79 -20.23 -1.49
N ARG G 213 33.28 -19.02 -1.26
CA ARG G 213 33.59 -17.93 -2.19
C ARG G 213 35.08 -17.59 -2.17
N ALA G 214 35.75 -17.82 -1.05
CA ALA G 214 37.17 -17.54 -0.97
C ALA G 214 38.04 -18.63 -1.59
N ILE G 215 37.46 -19.78 -1.93
CA ILE G 215 38.27 -20.84 -2.52
C ILE G 215 37.96 -20.99 -4.01
N ARG G 216 36.72 -21.36 -4.33
CA ARG G 216 36.35 -21.58 -5.72
C ARG G 216 36.00 -20.27 -6.41
N THR G 220 38.63 -24.30 -10.81
CA THR G 220 37.44 -24.35 -11.66
C THR G 220 37.20 -23.00 -12.34
N GLN G 221 37.87 -22.78 -13.47
CA GLN G 221 37.76 -21.52 -14.21
C GLN G 221 37.23 -21.72 -15.62
N ALA G 222 37.85 -22.60 -16.41
CA ALA G 222 37.48 -22.72 -17.82
C ALA G 222 36.07 -23.24 -18.00
N ALA G 223 35.60 -24.09 -17.08
CA ALA G 223 34.25 -24.61 -17.18
C ALA G 223 33.23 -23.48 -17.20
N PHE G 224 33.48 -22.42 -16.44
CA PHE G 224 32.56 -21.28 -16.43
C PHE G 224 32.46 -20.66 -17.82
N LEU G 225 33.61 -20.46 -18.48
CA LEU G 225 33.60 -19.90 -19.82
C LEU G 225 32.90 -20.82 -20.80
N LYS G 226 33.09 -22.14 -20.64
CA LYS G 226 32.45 -23.08 -21.55
C LYS G 226 30.93 -23.08 -21.39
N THR G 227 30.46 -23.01 -20.14
CA THR G 227 29.01 -22.91 -19.93
C THR G 227 28.46 -21.60 -20.45
N LYS G 228 29.28 -20.54 -20.51
CA LYS G 228 28.84 -19.24 -20.97
C LYS G 228 28.68 -19.36 -22.45
N TYR G 229 29.62 -20.08 -23.05
CA TYR G 229 29.56 -20.32 -24.48
C TYR G 229 28.32 -21.10 -24.86
N TRP G 230 28.05 -22.20 -24.14
CA TRP G 230 26.87 -23.01 -24.45
C TRP G 230 25.58 -22.24 -24.23
N SER G 231 25.54 -21.37 -23.22
CA SER G 231 24.36 -20.55 -22.99
C SER G 231 24.12 -19.60 -24.16
N HIS G 232 25.16 -18.87 -24.58
CA HIS G 232 25.03 -17.97 -25.72
C HIS G 232 24.62 -18.75 -26.96
N TYR G 233 25.13 -19.98 -27.11
CA TYR G 233 24.75 -20.83 -28.23
C TYR G 233 23.25 -21.12 -28.22
N ILE G 234 22.73 -21.53 -27.06
CA ILE G 234 21.30 -21.77 -26.93
C ILE G 234 20.51 -20.53 -27.30
N ASP G 235 20.93 -19.37 -26.79
CA ASP G 235 20.21 -18.13 -27.06
C ASP G 235 20.15 -17.83 -28.56
N THR G 236 21.31 -17.84 -29.21
CA THR G 236 21.33 -17.51 -30.63
C THR G 236 20.60 -18.55 -31.46
N GLU G 237 20.63 -19.81 -31.05
CA GLU G 237 19.88 -20.84 -31.76
C GLU G 237 18.38 -20.56 -31.68
N ARG G 238 17.88 -20.28 -30.48
CA ARG G 238 16.45 -19.99 -30.33
C ARG G 238 16.05 -18.76 -31.13
N LYS G 239 16.86 -17.70 -31.08
CA LYS G 239 16.48 -16.48 -31.79
C LYS G 239 16.52 -16.67 -33.29
N LEU G 240 17.54 -17.37 -33.81
CA LEU G 240 17.58 -17.64 -35.24
C LEU G 240 16.40 -18.50 -35.66
N PHE G 241 16.01 -19.47 -34.83
CA PHE G 241 14.89 -20.34 -35.18
C PHE G 241 13.59 -19.55 -35.24
N ASP G 242 13.34 -18.69 -34.25
CA ASP G 242 12.08 -17.94 -34.29
C ASP G 242 12.07 -16.97 -35.45
N GLU G 243 13.22 -16.39 -35.78
CA GLU G 243 13.27 -15.45 -36.91
C GLU G 243 13.03 -16.17 -38.24
N THR G 244 13.64 -17.35 -38.43
CA THR G 244 13.41 -18.06 -39.68
C THR G 244 11.99 -18.58 -39.77
N CYS G 245 11.38 -18.95 -38.64
CA CYS G 245 9.97 -19.30 -38.64
C CYS G 245 9.13 -18.12 -39.08
N LYS G 246 9.39 -16.94 -38.51
CA LYS G 246 8.70 -15.72 -38.93
C LYS G 246 8.79 -15.52 -40.43
N GLU G 247 10.01 -15.50 -40.97
CA GLU G 247 10.18 -15.15 -42.37
C GLU G 247 9.59 -16.21 -43.29
N HIS G 248 9.67 -17.49 -42.90
CA HIS G 248 9.14 -18.54 -43.76
C HIS G 248 7.62 -18.63 -43.68
N ALA G 249 7.01 -18.19 -42.57
CA ALA G 249 5.56 -18.14 -42.51
C ALA G 249 5.01 -16.89 -43.18
N LYS G 250 5.84 -15.85 -43.29
CA LYS G 250 5.39 -14.63 -43.96
C LYS G 250 4.98 -14.90 -45.40
N SER G 251 5.71 -15.77 -46.09
CA SER G 251 5.38 -16.08 -47.48
C SER G 251 3.98 -16.70 -47.59
N PHE G 252 3.71 -17.71 -46.77
CA PHE G 252 2.40 -18.35 -46.73
C PHE G 252 1.31 -17.34 -46.39
N ALA G 253 1.55 -16.54 -45.36
CA ALA G 253 0.61 -15.49 -44.96
C ALA G 253 0.25 -14.58 -46.13
N LYS G 254 1.27 -14.09 -46.83
CA LYS G 254 1.01 -13.18 -47.95
C LYS G 254 0.33 -13.89 -49.11
N VAL G 255 0.64 -15.17 -49.31
CA VAL G 255 -0.01 -15.92 -50.38
C VAL G 255 -1.49 -16.10 -50.09
N CYS G 256 -1.83 -16.42 -48.84
CA CYS G 256 -3.22 -16.68 -48.48
C CYS G 256 -4.04 -15.42 -48.23
N ILE G 257 -3.38 -14.30 -47.94
CA ILE G 257 -4.11 -13.05 -47.70
C ILE G 257 -4.62 -12.45 -49.00
N GLN G 258 -4.17 -12.94 -50.15
CA GLN G 258 -4.67 -12.43 -51.42
C GLN G 258 -6.16 -12.68 -51.58
N GLN G 259 -6.62 -13.89 -51.27
CA GLN G 259 -8.06 -14.16 -51.28
C GLN G 259 -8.76 -13.41 -50.15
N TYR G 260 -8.05 -13.12 -49.06
CA TYR G 260 -8.65 -12.40 -47.95
C TYR G 260 -9.16 -11.03 -48.38
N PHE G 261 -8.39 -10.35 -49.22
CA PHE G 261 -8.87 -9.10 -49.81
C PHE G 261 -10.00 -9.38 -50.80
N GLU G 262 -9.90 -10.47 -51.54
CA GLU G 262 -10.92 -10.84 -52.51
C GLU G 262 -12.21 -11.27 -51.81
C1 NAG H . -15.90 -34.42 33.23
C2 NAG H . -15.17 -33.09 33.42
C3 NAG H . -15.21 -32.66 34.90
C4 NAG H . -16.65 -32.61 35.37
C5 NAG H . -17.32 -33.96 35.14
C6 NAG H . -18.79 -33.97 35.50
C7 NAG H . -13.42 -32.80 31.74
C8 NAG H . -11.96 -32.95 31.42
N2 NAG H . -13.80 -33.18 32.96
O3 NAG H . -14.60 -31.39 35.03
O4 NAG H . -16.70 -32.30 36.76
O5 NAG H . -17.24 -34.31 33.75
O6 NAG H . -19.55 -34.72 34.56
O7 NAG H . -14.21 -32.35 30.92
C1 NAG I . -36.05 -24.77 25.24
C2 NAG I . -34.58 -24.50 25.59
C3 NAG I . -34.32 -24.80 27.05
C4 NAG I . -35.28 -24.00 27.93
C5 NAG I . -36.71 -24.32 27.52
C6 NAG I . -37.74 -23.49 28.27
C7 NAG I . -33.14 -24.80 23.62
C8 NAG I . -32.24 -25.73 22.86
N2 NAG I . -33.69 -25.28 24.74
O3 NAG I . -32.97 -24.44 27.37
O4 NAG I . -35.09 -24.33 29.30
O5 NAG I . -36.90 -24.04 26.13
O6 NAG I . -38.80 -23.10 27.42
O7 NAG I . -33.37 -23.66 23.23
C1 NAG J . -42.98 -2.09 26.45
C2 NAG J . -41.77 -3.03 26.42
C3 NAG J . -41.79 -3.97 27.62
C4 NAG J . -41.91 -3.18 28.91
C5 NAG J . -43.12 -2.27 28.86
C6 NAG J . -43.24 -1.38 30.07
C7 NAG J . -40.97 -3.37 24.13
C8 NAG J . -41.02 -4.26 22.91
N2 NAG J . -41.70 -3.77 25.17
O3 NAG J . -40.61 -4.76 27.62
O4 NAG J . -42.01 -4.06 30.02
O5 NAG J . -43.04 -1.41 27.71
O6 NAG J . -43.70 -0.08 29.70
O7 NAG J . -40.31 -2.34 24.16
C1 NAG K . -31.49 16.40 35.91
C2 NAG K . -31.32 15.02 35.28
C3 NAG K . -32.02 13.96 36.11
C4 NAG K . -31.54 14.01 37.55
C5 NAG K . -31.73 15.41 38.11
C6 NAG K . -31.17 15.58 39.51
C7 NAG K . -31.00 15.19 32.85
C8 NAG K . -31.66 15.15 31.51
N2 NAG K . -31.80 15.00 33.91
O3 NAG K . -31.76 12.67 35.56
O4 NAG K . -32.25 13.08 38.35
O5 NAG K . -31.05 16.37 37.28
O6 NAG K . -30.55 16.85 39.67
O7 NAG K . -29.80 15.41 32.98
C1 NAG L . -10.24 16.80 46.50
C2 NAG L . -11.11 16.06 45.49
C3 NAG L . -12.37 15.52 46.15
C4 NAG L . -12.00 14.66 47.35
C5 NAG L . -11.13 15.46 48.31
C6 NAG L . -10.62 14.62 49.48
C7 NAG L . -10.76 16.94 43.22
C8 NAG L . -11.25 17.88 42.16
N2 NAG L . -11.45 16.92 44.36
O3 NAG L . -13.12 14.76 45.21
O4 NAG L . -13.17 14.21 48.02
O5 NAG L . -9.96 15.94 47.62
O6 NAG L . -9.28 14.96 49.80
O7 NAG L . -9.78 16.23 43.06
C1 NAG M . 4.78 -1.19 50.25
C2 NAG M . 3.64 -0.69 49.36
C3 NAG M . 2.38 -0.46 50.18
C4 NAG M . 2.00 -1.73 50.92
C5 NAG M . 3.18 -2.19 51.78
C6 NAG M . 2.93 -3.51 52.47
C7 NAG M . 4.52 0.55 47.43
C8 NAG M . 4.87 1.89 46.87
N2 NAG M . 4.02 0.54 48.67
O3 NAG M . 1.31 -0.08 49.31
O4 NAG M . 0.87 -1.52 51.75
O5 NAG M . 4.34 -2.36 50.95
O6 NAG M . 4.11 -4.31 52.48
O7 NAG M . 4.70 -0.48 46.80
C1 NAG N . 2.18 -24.03 44.43
C2 NAG N . 1.76 -22.60 44.06
C3 NAG N . 1.02 -21.95 45.23
C4 NAG N . -0.14 -22.83 45.66
C5 NAG N . 0.34 -24.24 45.99
C6 NAG N . -0.77 -25.19 46.32
C7 NAG N . 3.27 -21.63 42.39
C8 NAG N . 4.47 -20.77 42.16
N2 NAG N . 2.90 -21.80 43.67
O3 NAG N . 0.56 -20.67 44.84
O4 NAG N . -0.79 -22.27 46.81
O5 NAG N . 1.04 -24.78 44.86
O6 NAG N . -0.53 -26.48 45.78
O7 NAG N . 2.66 -22.16 41.47
#